data_3IXR
# 
_entry.id   3IXR 
# 
_audit_conform.dict_name       mmcif_pdbx.dic 
_audit_conform.dict_version    5.378 
_audit_conform.dict_location   http://mmcif.pdb.org/dictionaries/ascii/mmcif_pdbx.dic 
# 
loop_
_database_2.database_id 
_database_2.database_code 
_database_2.pdbx_database_accession 
_database_2.pdbx_DOI 
PDB   3IXR         pdb_00003ixr 10.2210/pdb3ixr/pdb 
RCSB  RCSB054997   ?            ?                   
WWPDB D_1000054997 ?            ?                   
# 
_pdbx_database_status.status_code                     REL 
_pdbx_database_status.entry_id                        3IXR 
_pdbx_database_status.recvd_initial_deposition_date   2009-09-04 
_pdbx_database_status.deposit_site                    RCSB 
_pdbx_database_status.process_site                    RCSB 
_pdbx_database_status.status_code_sf                  REL 
_pdbx_database_status.status_code_mr                  ? 
_pdbx_database_status.SG_entry                        ? 
_pdbx_database_status.pdb_format_compatible           Y 
_pdbx_database_status.status_code_cs                  ? 
_pdbx_database_status.status_code_nmr_data            ? 
_pdbx_database_status.methods_development_category    ? 
# 
loop_
_audit_author.name 
_audit_author.pdbx_ordinal 
'Horta, B.B.'     1 
'Oliveira, M.A.'  2 
'Discola, K.F.'   3 
'Cussiol, J.R.R.' 4 
'Netto, L.E.S.'   5 
# 
_citation.id                        primary 
_citation.title                     
;Biochemical and Structural Analysis Indicates that PrxQ, a Cys Based Peroxidase from Xylella fastidiosa, possesses high reactivity towards hydroperoxides
;
_citation.journal_abbrev            'To be Published' 
_citation.journal_volume            ? 
_citation.page_first                ? 
_citation.page_last                 ? 
_citation.year                      ? 
_citation.journal_id_ASTM           ? 
_citation.country                   ? 
_citation.journal_id_ISSN           ? 
_citation.journal_id_CSD            0353 
_citation.book_publisher            ? 
_citation.pdbx_database_id_PubMed   ? 
_citation.pdbx_database_id_DOI      ? 
# 
loop_
_citation_author.citation_id 
_citation_author.name 
_citation_author.ordinal 
_citation_author.identifier_ORCID 
primary 'Horta, B.B.'     1 ? 
primary 'Oliveira, M.A.'  2 ? 
primary 'Discola, K.F.'   3 ? 
primary 'Cussiol, J.R.R.' 4 ? 
primary 'Netto, L.E.S.'   5 ? 
# 
_cell.entry_id           3IXR 
_cell.length_a           38.973 
_cell.length_b           39.743 
_cell.length_c           99.836 
_cell.angle_alpha        90.00 
_cell.angle_beta         90.00 
_cell.angle_gamma        90.00 
_cell.Z_PDB              4 
_cell.pdbx_unique_axis   ? 
_cell.length_a_esd       ? 
_cell.length_b_esd       ? 
_cell.length_c_esd       ? 
_cell.angle_alpha_esd    ? 
_cell.angle_beta_esd     ? 
_cell.angle_gamma_esd    ? 
# 
_symmetry.entry_id                         3IXR 
_symmetry.space_group_name_H-M             'P 21 21 21' 
_symmetry.pdbx_full_space_group_name_H-M   ? 
_symmetry.cell_setting                     ? 
_symmetry.Int_Tables_number                19 
_symmetry.space_group_name_Hall            ? 
# 
loop_
_entity.id 
_entity.type 
_entity.src_method 
_entity.pdbx_description 
_entity.formula_weight 
_entity.pdbx_number_of_molecules 
_entity.pdbx_ec 
_entity.pdbx_mutation 
_entity.pdbx_fragment 
_entity.details 
1 polymer man 'Bacterioferritin comigratory protein' 19989.652 1   1.11.1.15 C47S ? ? 
2 water   nat water                                  18.015    171 ?         ?    ? ? 
# 
_entity_name_com.entity_id   1 
_entity_name_com.name        'Peroxiredoxin PrxQ' 
# 
_entity_poly.entity_id                      1 
_entity_poly.type                           'polypeptide(L)' 
_entity_poly.nstd_linkage                   no 
_entity_poly.nstd_monomer                   no 
_entity_poly.pdbx_seq_one_letter_code       
;MGSSHHHHHHSSGLVPRGSHMNIGDTLNHSLLNHPLMLSGSTCKTLSDYTNQWLVLYFYPKDNTPGSSTEGLEFNLLLPQ
FEQINATVLGVSRDSVKSHDSFCAKQGFTFPLVSDSDAILCKAFDVIKEKTMYGRQVIGIERSTFLIGPTHRIVEAWRQV
KVPGHAEEVLNKLKAHAEQ
;
_entity_poly.pdbx_seq_one_letter_code_can   
;MGSSHHHHHHSSGLVPRGSHMNIGDTLNHSLLNHPLMLSGSTCKTLSDYTNQWLVLYFYPKDNTPGSSTEGLEFNLLLPQ
FEQINATVLGVSRDSVKSHDSFCAKQGFTFPLVSDSDAILCKAFDVIKEKTMYGRQVIGIERSTFLIGPTHRIVEAWRQV
KVPGHAEEVLNKLKAHAEQ
;
_entity_poly.pdbx_strand_id                 A 
_entity_poly.pdbx_target_identifier         ? 
# 
loop_
_entity_poly_seq.entity_id 
_entity_poly_seq.num 
_entity_poly_seq.mon_id 
_entity_poly_seq.hetero 
1 1   MET n 
1 2   GLY n 
1 3   SER n 
1 4   SER n 
1 5   HIS n 
1 6   HIS n 
1 7   HIS n 
1 8   HIS n 
1 9   HIS n 
1 10  HIS n 
1 11  SER n 
1 12  SER n 
1 13  GLY n 
1 14  LEU n 
1 15  VAL n 
1 16  PRO n 
1 17  ARG n 
1 18  GLY n 
1 19  SER n 
1 20  HIS n 
1 21  MET n 
1 22  ASN n 
1 23  ILE n 
1 24  GLY n 
1 25  ASP n 
1 26  THR n 
1 27  LEU n 
1 28  ASN n 
1 29  HIS n 
1 30  SER n 
1 31  LEU n 
1 32  LEU n 
1 33  ASN n 
1 34  HIS n 
1 35  PRO n 
1 36  LEU n 
1 37  MET n 
1 38  LEU n 
1 39  SER n 
1 40  GLY n 
1 41  SER n 
1 42  THR n 
1 43  CYS n 
1 44  LYS n 
1 45  THR n 
1 46  LEU n 
1 47  SER n 
1 48  ASP n 
1 49  TYR n 
1 50  THR n 
1 51  ASN n 
1 52  GLN n 
1 53  TRP n 
1 54  LEU n 
1 55  VAL n 
1 56  LEU n 
1 57  TYR n 
1 58  PHE n 
1 59  TYR n 
1 60  PRO n 
1 61  LYS n 
1 62  ASP n 
1 63  ASN n 
1 64  THR n 
1 65  PRO n 
1 66  GLY n 
1 67  SER n 
1 68  SER n 
1 69  THR n 
1 70  GLU n 
1 71  GLY n 
1 72  LEU n 
1 73  GLU n 
1 74  PHE n 
1 75  ASN n 
1 76  LEU n 
1 77  LEU n 
1 78  LEU n 
1 79  PRO n 
1 80  GLN n 
1 81  PHE n 
1 82  GLU n 
1 83  GLN n 
1 84  ILE n 
1 85  ASN n 
1 86  ALA n 
1 87  THR n 
1 88  VAL n 
1 89  LEU n 
1 90  GLY n 
1 91  VAL n 
1 92  SER n 
1 93  ARG n 
1 94  ASP n 
1 95  SER n 
1 96  VAL n 
1 97  LYS n 
1 98  SER n 
1 99  HIS n 
1 100 ASP n 
1 101 SER n 
1 102 PHE n 
1 103 CYS n 
1 104 ALA n 
1 105 LYS n 
1 106 GLN n 
1 107 GLY n 
1 108 PHE n 
1 109 THR n 
1 110 PHE n 
1 111 PRO n 
1 112 LEU n 
1 113 VAL n 
1 114 SER n 
1 115 ASP n 
1 116 SER n 
1 117 ASP n 
1 118 ALA n 
1 119 ILE n 
1 120 LEU n 
1 121 CYS n 
1 122 LYS n 
1 123 ALA n 
1 124 PHE n 
1 125 ASP n 
1 126 VAL n 
1 127 ILE n 
1 128 LYS n 
1 129 GLU n 
1 130 LYS n 
1 131 THR n 
1 132 MET n 
1 133 TYR n 
1 134 GLY n 
1 135 ARG n 
1 136 GLN n 
1 137 VAL n 
1 138 ILE n 
1 139 GLY n 
1 140 ILE n 
1 141 GLU n 
1 142 ARG n 
1 143 SER n 
1 144 THR n 
1 145 PHE n 
1 146 LEU n 
1 147 ILE n 
1 148 GLY n 
1 149 PRO n 
1 150 THR n 
1 151 HIS n 
1 152 ARG n 
1 153 ILE n 
1 154 VAL n 
1 155 GLU n 
1 156 ALA n 
1 157 TRP n 
1 158 ARG n 
1 159 GLN n 
1 160 VAL n 
1 161 LYS n 
1 162 VAL n 
1 163 PRO n 
1 164 GLY n 
1 165 HIS n 
1 166 ALA n 
1 167 GLU n 
1 168 GLU n 
1 169 VAL n 
1 170 LEU n 
1 171 ASN n 
1 172 LYS n 
1 173 LEU n 
1 174 LYS n 
1 175 ALA n 
1 176 HIS n 
1 177 ALA n 
1 178 GLU n 
1 179 GLN n 
# 
_entity_src_gen.entity_id                          1 
_entity_src_gen.pdbx_src_id                        1 
_entity_src_gen.pdbx_alt_source_flag               sample 
_entity_src_gen.pdbx_seq_type                      ? 
_entity_src_gen.pdbx_beg_seq_num                   ? 
_entity_src_gen.pdbx_end_seq_num                   ? 
_entity_src_gen.gene_src_common_name               ? 
_entity_src_gen.gene_src_genus                     ? 
_entity_src_gen.pdbx_gene_src_gene                 'Peroxiredoxin Q, XF_0961' 
_entity_src_gen.gene_src_species                   ? 
_entity_src_gen.gene_src_strain                    9A5C 
_entity_src_gen.gene_src_tissue                    ? 
_entity_src_gen.gene_src_tissue_fraction           ? 
_entity_src_gen.gene_src_details                   ? 
_entity_src_gen.pdbx_gene_src_fragment             ? 
_entity_src_gen.pdbx_gene_src_scientific_name      'Xylella fastidiosa' 
_entity_src_gen.pdbx_gene_src_ncbi_taxonomy_id     2371 
_entity_src_gen.pdbx_gene_src_variant              ? 
_entity_src_gen.pdbx_gene_src_cell_line            ? 
_entity_src_gen.pdbx_gene_src_atcc                 ? 
_entity_src_gen.pdbx_gene_src_organ                ? 
_entity_src_gen.pdbx_gene_src_organelle            ? 
_entity_src_gen.pdbx_gene_src_cell                 ? 
_entity_src_gen.pdbx_gene_src_cellular_location    ? 
_entity_src_gen.host_org_common_name               ? 
_entity_src_gen.pdbx_host_org_scientific_name      'Escherichia coli' 
_entity_src_gen.pdbx_host_org_ncbi_taxonomy_id     469008 
_entity_src_gen.host_org_genus                     ? 
_entity_src_gen.pdbx_host_org_gene                 ? 
_entity_src_gen.pdbx_host_org_organ                ? 
_entity_src_gen.host_org_species                   ? 
_entity_src_gen.pdbx_host_org_tissue               ? 
_entity_src_gen.pdbx_host_org_tissue_fraction      ? 
_entity_src_gen.pdbx_host_org_strain               'BL21 DE3' 
_entity_src_gen.pdbx_host_org_variant              ? 
_entity_src_gen.pdbx_host_org_cell_line            ? 
_entity_src_gen.pdbx_host_org_atcc                 ? 
_entity_src_gen.pdbx_host_org_culture_collection   ? 
_entity_src_gen.pdbx_host_org_cell                 ? 
_entity_src_gen.pdbx_host_org_organelle            ? 
_entity_src_gen.pdbx_host_org_cellular_location    ? 
_entity_src_gen.pdbx_host_org_vector_type          Plasmid 
_entity_src_gen.pdbx_host_org_vector               ? 
_entity_src_gen.host_org_details                   ? 
_entity_src_gen.expression_system_id               ? 
_entity_src_gen.plasmid_name                       pET15b 
_entity_src_gen.plasmid_details                    ? 
_entity_src_gen.pdbx_description                   ? 
# 
_struct_ref.id                         1 
_struct_ref.db_name                    UNP 
_struct_ref.db_code                    Q9PER7_XYLFA 
_struct_ref.pdbx_db_accession          Q9PER7 
_struct_ref.entity_id                  1 
_struct_ref.pdbx_seq_one_letter_code   
;MNIGDTLNHSLLNHPLMLSGSTCKTLSDYTNQWLVLYFYPKDNTPGCSTEGLEFNLLLPQFEQINATVLGVSRDSVKSHD
SFCAKQGFTFPLVSDSDAILCKAFDVIKEKTMYGRQVIGIERSTFLIGPTHRIVEAWRQVKVPGHAEEVLNKLKAHAEQ
;
_struct_ref.pdbx_align_begin           1 
_struct_ref.pdbx_db_isoform            ? 
# 
_struct_ref_seq.align_id                      1 
_struct_ref_seq.ref_id                        1 
_struct_ref_seq.pdbx_PDB_id_code              3IXR 
_struct_ref_seq.pdbx_strand_id                A 
_struct_ref_seq.seq_align_beg                 21 
_struct_ref_seq.pdbx_seq_align_beg_ins_code   ? 
_struct_ref_seq.seq_align_end                 179 
_struct_ref_seq.pdbx_seq_align_end_ins_code   ? 
_struct_ref_seq.pdbx_db_accession             Q9PER7 
_struct_ref_seq.db_align_beg                  1 
_struct_ref_seq.pdbx_db_align_beg_ins_code    ? 
_struct_ref_seq.db_align_end                  159 
_struct_ref_seq.pdbx_db_align_end_ins_code    ? 
_struct_ref_seq.pdbx_auth_seq_align_beg       1 
_struct_ref_seq.pdbx_auth_seq_align_end       159 
# 
loop_
_struct_ref_seq_dif.align_id 
_struct_ref_seq_dif.pdbx_pdb_id_code 
_struct_ref_seq_dif.mon_id 
_struct_ref_seq_dif.pdbx_pdb_strand_id 
_struct_ref_seq_dif.seq_num 
_struct_ref_seq_dif.pdbx_pdb_ins_code 
_struct_ref_seq_dif.pdbx_seq_db_name 
_struct_ref_seq_dif.pdbx_seq_db_accession_code 
_struct_ref_seq_dif.db_mon_id 
_struct_ref_seq_dif.pdbx_seq_db_seq_num 
_struct_ref_seq_dif.details 
_struct_ref_seq_dif.pdbx_auth_seq_num 
_struct_ref_seq_dif.pdbx_ordinal 
1 3IXR MET A 1  ? UNP Q9PER7 ?   ?  'expression tag'      -19 1  
1 3IXR GLY A 2  ? UNP Q9PER7 ?   ?  'expression tag'      -18 2  
1 3IXR SER A 3  ? UNP Q9PER7 ?   ?  'expression tag'      -17 3  
1 3IXR SER A 4  ? UNP Q9PER7 ?   ?  'expression tag'      -16 4  
1 3IXR HIS A 5  ? UNP Q9PER7 ?   ?  'expression tag'      -15 5  
1 3IXR HIS A 6  ? UNP Q9PER7 ?   ?  'expression tag'      -14 6  
1 3IXR HIS A 7  ? UNP Q9PER7 ?   ?  'expression tag'      -13 7  
1 3IXR HIS A 8  ? UNP Q9PER7 ?   ?  'expression tag'      -12 8  
1 3IXR HIS A 9  ? UNP Q9PER7 ?   ?  'expression tag'      -11 9  
1 3IXR HIS A 10 ? UNP Q9PER7 ?   ?  'expression tag'      -10 10 
1 3IXR SER A 11 ? UNP Q9PER7 ?   ?  'expression tag'      -9  11 
1 3IXR SER A 12 ? UNP Q9PER7 ?   ?  'expression tag'      -8  12 
1 3IXR GLY A 13 ? UNP Q9PER7 ?   ?  'expression tag'      -7  13 
1 3IXR LEU A 14 ? UNP Q9PER7 ?   ?  'expression tag'      -6  14 
1 3IXR VAL A 15 ? UNP Q9PER7 ?   ?  'expression tag'      -5  15 
1 3IXR PRO A 16 ? UNP Q9PER7 ?   ?  'expression tag'      -4  16 
1 3IXR ARG A 17 ? UNP Q9PER7 ?   ?  'expression tag'      -3  17 
1 3IXR GLY A 18 ? UNP Q9PER7 ?   ?  'expression tag'      -2  18 
1 3IXR SER A 19 ? UNP Q9PER7 ?   ?  'expression tag'      -1  19 
1 3IXR HIS A 20 ? UNP Q9PER7 ?   ?  'expression tag'      0   20 
1 3IXR SER A 67 ? UNP Q9PER7 CYS 47 'engineered mutation' 47  21 
# 
loop_
_chem_comp.id 
_chem_comp.type 
_chem_comp.mon_nstd_flag 
_chem_comp.name 
_chem_comp.pdbx_synonyms 
_chem_comp.formula 
_chem_comp.formula_weight 
ALA 'L-peptide linking' y ALANINE         ? 'C3 H7 N O2'     89.093  
ARG 'L-peptide linking' y ARGININE        ? 'C6 H15 N4 O2 1' 175.209 
ASN 'L-peptide linking' y ASPARAGINE      ? 'C4 H8 N2 O3'    132.118 
ASP 'L-peptide linking' y 'ASPARTIC ACID' ? 'C4 H7 N O4'     133.103 
CYS 'L-peptide linking' y CYSTEINE        ? 'C3 H7 N O2 S'   121.158 
GLN 'L-peptide linking' y GLUTAMINE       ? 'C5 H10 N2 O3'   146.144 
GLU 'L-peptide linking' y 'GLUTAMIC ACID' ? 'C5 H9 N O4'     147.129 
GLY 'peptide linking'   y GLYCINE         ? 'C2 H5 N O2'     75.067  
HIS 'L-peptide linking' y HISTIDINE       ? 'C6 H10 N3 O2 1' 156.162 
HOH non-polymer         . WATER           ? 'H2 O'           18.015  
ILE 'L-peptide linking' y ISOLEUCINE      ? 'C6 H13 N O2'    131.173 
LEU 'L-peptide linking' y LEUCINE         ? 'C6 H13 N O2'    131.173 
LYS 'L-peptide linking' y LYSINE          ? 'C6 H15 N2 O2 1' 147.195 
MET 'L-peptide linking' y METHIONINE      ? 'C5 H11 N O2 S'  149.211 
PHE 'L-peptide linking' y PHENYLALANINE   ? 'C9 H11 N O2'    165.189 
PRO 'L-peptide linking' y PROLINE         ? 'C5 H9 N O2'     115.130 
SER 'L-peptide linking' y SERINE          ? 'C3 H7 N O3'     105.093 
THR 'L-peptide linking' y THREONINE       ? 'C4 H9 N O3'     119.119 
TRP 'L-peptide linking' y TRYPTOPHAN      ? 'C11 H12 N2 O2'  204.225 
TYR 'L-peptide linking' y TYROSINE        ? 'C9 H11 N O3'    181.189 
VAL 'L-peptide linking' y VALINE          ? 'C5 H11 N O2'    117.146 
# 
_exptl.entry_id          3IXR 
_exptl.method            'X-RAY DIFFRACTION' 
_exptl.crystals_number   1 
# 
_exptl_crystal.id                    1 
_exptl_crystal.density_meas          ? 
_exptl_crystal.density_Matthews      1.93 
_exptl_crystal.density_percent_sol   36.40 
_exptl_crystal.description           ? 
_exptl_crystal.F_000                 ? 
_exptl_crystal.preparation           ? 
# 
_exptl_crystal_grow.crystal_id      1 
_exptl_crystal_grow.method          'VAPOR DIFFUSION, SITTING DROP' 
_exptl_crystal_grow.temp            293 
_exptl_crystal_grow.temp_details    ? 
_exptl_crystal_grow.pH              7.5 
_exptl_crystal_grow.pdbx_pH_range   ? 
_exptl_crystal_grow.pdbx_details    
;Crystallized in presence of 10 mM DTT. The optimal condition was obtained with the reservoir solution comprising 0.1 M Hepes-NaOH (pH 7.5) and 20% PEG 8000, VAPOR DIFFUSION, SITTING DROP, temperature 293K
;
# 
_diffrn.id                     1 
_diffrn.ambient_temp           110 
_diffrn.ambient_temp_details   ? 
_diffrn.crystal_id             1 
# 
_diffrn_detector.diffrn_id              1 
_diffrn_detector.detector               CCD 
_diffrn_detector.type                   'MARMOSAIC 225 mm CCD' 
_diffrn_detector.pdbx_collection_date   2008-03-07 
_diffrn_detector.details                mirrors 
# 
_diffrn_radiation.diffrn_id                        1 
_diffrn_radiation.wavelength_id                    1 
_diffrn_radiation.pdbx_monochromatic_or_laue_m_l   M 
_diffrn_radiation.monochromator                    Graphite 
_diffrn_radiation.pdbx_diffrn_protocol             'SINGLE WAVELENGTH' 
_diffrn_radiation.pdbx_scattering_type             x-ray 
# 
_diffrn_radiation_wavelength.id           1 
_diffrn_radiation_wavelength.wavelength   1.549 
_diffrn_radiation_wavelength.wt           1.0 
# 
_diffrn_source.diffrn_id                   1 
_diffrn_source.source                      SYNCHROTRON 
_diffrn_source.type                        'LNLS BEAMLINE W01B-MX2' 
_diffrn_source.pdbx_synchrotron_site       LNLS 
_diffrn_source.pdbx_synchrotron_beamline   W01B-MX2 
_diffrn_source.pdbx_wavelength             ? 
_diffrn_source.pdbx_wavelength_list        1.549 
# 
_reflns.entry_id                     3IXR 
_reflns.observed_criterion_sigma_I   6.1 
_reflns.observed_criterion_sigma_F   2.0 
_reflns.d_resolution_low             30.7 
_reflns.d_resolution_high            1.6 
_reflns.number_obs                   19697 
_reflns.number_all                   20832 
_reflns.percent_possible_obs         98.01 
_reflns.pdbx_Rmerge_I_obs            ? 
_reflns.pdbx_Rsym_value              0.063 
_reflns.pdbx_netI_over_sigmaI        6.3 
_reflns.B_iso_Wilson_estimate        ? 
_reflns.pdbx_redundancy              13.3 
_reflns.R_free_details               ? 
_reflns.limit_h_max                  ? 
_reflns.limit_h_min                  ? 
_reflns.limit_k_max                  ? 
_reflns.limit_k_min                  ? 
_reflns.limit_l_max                  ? 
_reflns.limit_l_min                  ? 
_reflns.observed_criterion_F_max     ? 
_reflns.observed_criterion_F_min     ? 
_reflns.pdbx_chi_squared             ? 
_reflns.pdbx_scaling_rejects         ? 
_reflns.pdbx_diffrn_id               1 
_reflns.pdbx_ordinal                 1 
# 
_reflns_shell.d_res_high             1.60 
_reflns_shell.d_res_low              1.64 
_reflns_shell.percent_possible_all   95.46 
_reflns_shell.Rmerge_I_obs           ? 
_reflns_shell.pdbx_Rsym_value        0.36 
_reflns_shell.meanI_over_sigI_obs    6.1 
_reflns_shell.pdbx_redundancy        13.4 
_reflns_shell.percent_possible_obs   ? 
_reflns_shell.number_unique_all      ? 
_reflns_shell.number_measured_all    ? 
_reflns_shell.number_measured_obs    ? 
_reflns_shell.number_unique_obs      ? 
_reflns_shell.pdbx_chi_squared       ? 
_reflns_shell.pdbx_diffrn_id         ? 
_reflns_shell.pdbx_ordinal           1 
# 
_refine.pdbx_refine_id                           'X-RAY DIFFRACTION' 
_refine.entry_id                                 3IXR 
_refine.ls_number_reflns_obs                     19695 
_refine.ls_number_reflns_all                     ? 
_refine.pdbx_ls_sigma_I                          ? 
_refine.pdbx_ls_sigma_F                          . 
_refine.pdbx_data_cutoff_high_absF               ? 
_refine.pdbx_data_cutoff_low_absF                ? 
_refine.pdbx_data_cutoff_high_rms_absF           ? 
_refine.ls_d_res_low                             27.83 
_refine.ls_d_res_high                            1.60 
_refine.ls_percent_reflns_obs                    98.02 
_refine.ls_R_factor_obs                          0.19836 
_refine.ls_R_factor_all                          ? 
_refine.ls_R_factor_R_work                       0.19579 
_refine.ls_R_factor_R_free                       0.24669 
_refine.ls_R_factor_R_free_error                 ? 
_refine.ls_R_factor_R_free_error_details         ? 
_refine.ls_percent_reflns_R_free                 5.1 
_refine.ls_number_reflns_R_free                  1065 
_refine.ls_number_parameters                     ? 
_refine.ls_number_restraints                     ? 
_refine.occupancy_min                            ? 
_refine.occupancy_max                            ? 
_refine.correlation_coeff_Fo_to_Fc               0.951 
_refine.correlation_coeff_Fo_to_Fc_free          0.922 
_refine.B_iso_mean                               20.433 
_refine.aniso_B[1][1]                            -0.19 
_refine.aniso_B[2][2]                            0.38 
_refine.aniso_B[3][3]                            -0.19 
_refine.aniso_B[1][2]                            0.00 
_refine.aniso_B[1][3]                            0.00 
_refine.aniso_B[2][3]                            0.00 
_refine.solvent_model_details                    MASK 
_refine.solvent_model_param_ksol                 ? 
_refine.solvent_model_param_bsol                 ? 
_refine.pdbx_solvent_vdw_probe_radii             1.40 
_refine.pdbx_solvent_ion_probe_radii             0.80 
_refine.pdbx_solvent_shrinkage_radii             0.80 
_refine.pdbx_ls_cross_valid_method               THROUGHOUT 
_refine.details                                  'HYDROGENS HAVE BEEN ADDED IN THE RIDING POSITIONS' 
_refine.pdbx_starting_model                      'PDB entry 1E2Y' 
_refine.pdbx_method_to_determine_struct          'MOLECULAR REPLACEMENT' 
_refine.pdbx_isotropic_thermal_model             Isotropic 
_refine.pdbx_stereochemistry_target_values       'MAXIMUM LIKELIHOOD' 
_refine.pdbx_stereochem_target_val_spec_case     ? 
_refine.pdbx_R_Free_selection_details            RANDOM 
_refine.pdbx_overall_ESU_R                       0.102 
_refine.pdbx_overall_ESU_R_Free                  0.108 
_refine.overall_SU_ML                            0.063 
_refine.pdbx_overall_phase_error                 ? 
_refine.overall_SU_B                             1.777 
_refine.ls_redundancy_reflns_obs                 ? 
_refine.B_iso_min                                ? 
_refine.B_iso_max                                ? 
_refine.overall_SU_R_Cruickshank_DPI             ? 
_refine.overall_SU_R_free                        ? 
_refine.ls_wR_factor_R_free                      ? 
_refine.ls_wR_factor_R_work                      ? 
_refine.overall_FOM_free_R_set                   ? 
_refine.overall_FOM_work_R_set                   ? 
_refine.pdbx_diffrn_id                           1 
_refine.pdbx_TLS_residual_ADP_flag               ? 
_refine.pdbx_overall_SU_R_free_Cruickshank_DPI   ? 
_refine.pdbx_overall_SU_R_Blow_DPI               ? 
_refine.pdbx_overall_SU_R_free_Blow_DPI          ? 
# 
_refine_hist.pdbx_refine_id                   'X-RAY DIFFRACTION' 
_refine_hist.cycle_id                         LAST 
_refine_hist.pdbx_number_atoms_protein        1244 
_refine_hist.pdbx_number_atoms_nucleic_acid   0 
_refine_hist.pdbx_number_atoms_ligand         0 
_refine_hist.number_atoms_solvent             171 
_refine_hist.number_atoms_total               1415 
_refine_hist.d_res_high                       1.60 
_refine_hist.d_res_low                        27.83 
# 
loop_
_refine_ls_restr.type 
_refine_ls_restr.dev_ideal 
_refine_ls_restr.dev_ideal_target 
_refine_ls_restr.weight 
_refine_ls_restr.number 
_refine_ls_restr.pdbx_refine_id 
_refine_ls_restr.pdbx_restraint_function 
r_bond_refined_d             0.028  0.022  ? 1270 'X-RAY DIFFRACTION' ? 
r_bond_other_d               ?      ?      ? ?    'X-RAY DIFFRACTION' ? 
r_angle_refined_deg          2.354  1.945  ? 1735 'X-RAY DIFFRACTION' ? 
r_angle_other_deg            ?      ?      ? ?    'X-RAY DIFFRACTION' ? 
r_dihedral_angle_1_deg       7.065  5.000  ? 167  'X-RAY DIFFRACTION' ? 
r_dihedral_angle_2_deg       39.548 24.717 ? 53   'X-RAY DIFFRACTION' ? 
r_dihedral_angle_3_deg       13.787 15.000 ? 204  'X-RAY DIFFRACTION' ? 
r_dihedral_angle_4_deg       11.404 15.000 ? 4    'X-RAY DIFFRACTION' ? 
r_chiral_restr               0.182  0.200  ? 202  'X-RAY DIFFRACTION' ? 
r_gen_planes_refined         0.013  0.021  ? 958  'X-RAY DIFFRACTION' ? 
r_gen_planes_other           ?      ?      ? ?    'X-RAY DIFFRACTION' ? 
r_nbd_refined                ?      ?      ? ?    'X-RAY DIFFRACTION' ? 
r_nbd_other                  ?      ?      ? ?    'X-RAY DIFFRACTION' ? 
r_nbtor_refined              ?      ?      ? ?    'X-RAY DIFFRACTION' ? 
r_nbtor_other                ?      ?      ? ?    'X-RAY DIFFRACTION' ? 
r_xyhbond_nbd_refined        ?      ?      ? ?    'X-RAY DIFFRACTION' ? 
r_xyhbond_nbd_other          ?      ?      ? ?    'X-RAY DIFFRACTION' ? 
r_metal_ion_refined          ?      ?      ? ?    'X-RAY DIFFRACTION' ? 
r_metal_ion_other            ?      ?      ? ?    'X-RAY DIFFRACTION' ? 
r_symmetry_vdw_refined       ?      ?      ? ?    'X-RAY DIFFRACTION' ? 
r_symmetry_vdw_other         ?      ?      ? ?    'X-RAY DIFFRACTION' ? 
r_symmetry_hbond_refined     ?      ?      ? ?    'X-RAY DIFFRACTION' ? 
r_symmetry_hbond_other       ?      ?      ? ?    'X-RAY DIFFRACTION' ? 
r_symmetry_metal_ion_refined ?      ?      ? ?    'X-RAY DIFFRACTION' ? 
r_symmetry_metal_ion_other   ?      ?      ? ?    'X-RAY DIFFRACTION' ? 
r_mcbond_it                  1.512  1.500  ? 811  'X-RAY DIFFRACTION' ? 
r_mcbond_other               ?      ?      ? ?    'X-RAY DIFFRACTION' ? 
r_mcangle_it                 2.445  2.000  ? 1309 'X-RAY DIFFRACTION' ? 
r_scbond_it                  3.616  3.000  ? 459  'X-RAY DIFFRACTION' ? 
r_scangle_it                 5.313  4.500  ? 421  'X-RAY DIFFRACTION' ? 
r_rigid_bond_restr           ?      ?      ? ?    'X-RAY DIFFRACTION' ? 
r_sphericity_free            ?      ?      ? ?    'X-RAY DIFFRACTION' ? 
r_sphericity_bonded          ?      ?      ? ?    'X-RAY DIFFRACTION' ? 
# 
_refine_ls_shell.pdbx_refine_id                   'X-RAY DIFFRACTION' 
_refine_ls_shell.pdbx_total_number_of_bins_used   20 
_refine_ls_shell.d_res_high                       1.600 
_refine_ls_shell.d_res_low                        1.641 
_refine_ls_shell.number_reflns_R_work             1382 
_refine_ls_shell.R_factor_R_work                  0.447 
_refine_ls_shell.percent_reflns_obs               95.45 
_refine_ls_shell.R_factor_R_free                  0.463 
_refine_ls_shell.R_factor_R_free_error            ? 
_refine_ls_shell.percent_reflns_R_free            ? 
_refine_ls_shell.number_reflns_R_free             86 
_refine_ls_shell.number_reflns_all                ? 
_refine_ls_shell.R_factor_all                     ? 
_refine_ls_shell.redundancy_reflns_obs            ? 
_refine_ls_shell.number_reflns_obs                ? 
# 
_struct.entry_id                  3IXR 
_struct.title                     'Crystal Structure of Xylella fastidiosa PrxQ C47S Mutant' 
_struct.pdbx_model_details        ? 
_struct.pdbx_CASP_flag            ? 
_struct.pdbx_model_type_details   ? 
# 
_struct_keywords.entry_id        3IXR 
_struct_keywords.pdbx_keywords   OXIDOREDUCTASE 
_struct_keywords.text            'Alpha Beta Protein, OXIDOREDUCTASE' 
# 
loop_
_struct_asym.id 
_struct_asym.pdbx_blank_PDB_chainid_flag 
_struct_asym.pdbx_modified 
_struct_asym.entity_id 
_struct_asym.details 
A N N 1 ? 
B N N 2 ? 
# 
_struct_biol.id        1 
_struct_biol.details   ? 
# 
loop_
_struct_conf.conf_type_id 
_struct_conf.id 
_struct_conf.pdbx_PDB_helix_id 
_struct_conf.beg_label_comp_id 
_struct_conf.beg_label_asym_id 
_struct_conf.beg_label_seq_id 
_struct_conf.pdbx_beg_PDB_ins_code 
_struct_conf.end_label_comp_id 
_struct_conf.end_label_asym_id 
_struct_conf.end_label_seq_id 
_struct_conf.pdbx_end_PDB_ins_code 
_struct_conf.beg_auth_comp_id 
_struct_conf.beg_auth_asym_id 
_struct_conf.beg_auth_seq_id 
_struct_conf.end_auth_comp_id 
_struct_conf.end_auth_asym_id 
_struct_conf.end_auth_seq_id 
_struct_conf.pdbx_PDB_helix_class 
_struct_conf.details 
_struct_conf.pdbx_PDB_helix_length 
HELX_P HELX_P1 1 ASN A 28  ? HIS A 34  ? ASN A 8   HIS A 14  1 ? 7  
HELX_P HELX_P2 2 THR A 45  ? THR A 50  ? THR A 25  THR A 30  5 ? 6  
HELX_P HELX_P3 3 THR A 64  ? GLN A 83  ? THR A 44  GLN A 63  1 ? 20 
HELX_P HELX_P4 4 SER A 95  ? GLY A 107 ? SER A 75  GLY A 87  1 ? 13 
HELX_P HELX_P5 5 ALA A 118 ? PHE A 124 ? ALA A 98  PHE A 104 1 ? 7  
HELX_P HELX_P6 6 GLY A 164 ? GLU A 178 ? GLY A 144 GLU A 158 1 ? 15 
# 
_struct_conf_type.id          HELX_P 
_struct_conf_type.criteria    ? 
_struct_conf_type.reference   ? 
# 
_struct_mon_prot_cis.pdbx_id                1 
_struct_mon_prot_cis.label_comp_id          MET 
_struct_mon_prot_cis.label_seq_id           132 
_struct_mon_prot_cis.label_asym_id          A 
_struct_mon_prot_cis.label_alt_id           . 
_struct_mon_prot_cis.pdbx_PDB_ins_code      ? 
_struct_mon_prot_cis.auth_comp_id           MET 
_struct_mon_prot_cis.auth_seq_id            112 
_struct_mon_prot_cis.auth_asym_id           A 
_struct_mon_prot_cis.pdbx_label_comp_id_2   TYR 
_struct_mon_prot_cis.pdbx_label_seq_id_2    133 
_struct_mon_prot_cis.pdbx_label_asym_id_2   A 
_struct_mon_prot_cis.pdbx_PDB_ins_code_2    ? 
_struct_mon_prot_cis.pdbx_auth_comp_id_2    TYR 
_struct_mon_prot_cis.pdbx_auth_seq_id_2     113 
_struct_mon_prot_cis.pdbx_auth_asym_id_2    A 
_struct_mon_prot_cis.pdbx_PDB_model_num     1 
_struct_mon_prot_cis.pdbx_omega_angle       -14.38 
# 
loop_
_struct_sheet.id 
_struct_sheet.type 
_struct_sheet.number_strands 
_struct_sheet.details 
A ? 7 ? 
B ? 2 ? 
# 
loop_
_struct_sheet_order.sheet_id 
_struct_sheet_order.range_id_1 
_struct_sheet_order.range_id_2 
_struct_sheet_order.offset 
_struct_sheet_order.sense 
A 1 2 ? anti-parallel 
A 2 3 ? anti-parallel 
A 3 4 ? parallel      
A 4 5 ? parallel      
A 5 6 ? anti-parallel 
A 6 7 ? anti-parallel 
B 1 2 ? anti-parallel 
# 
loop_
_struct_sheet_range.sheet_id 
_struct_sheet_range.id 
_struct_sheet_range.beg_label_comp_id 
_struct_sheet_range.beg_label_asym_id 
_struct_sheet_range.beg_label_seq_id 
_struct_sheet_range.pdbx_beg_PDB_ins_code 
_struct_sheet_range.end_label_comp_id 
_struct_sheet_range.end_label_asym_id 
_struct_sheet_range.end_label_seq_id 
_struct_sheet_range.pdbx_end_PDB_ins_code 
_struct_sheet_range.beg_auth_comp_id 
_struct_sheet_range.beg_auth_asym_id 
_struct_sheet_range.beg_auth_seq_id 
_struct_sheet_range.end_auth_comp_id 
_struct_sheet_range.end_auth_asym_id 
_struct_sheet_range.end_auth_seq_id 
A 1 THR A 42  ? LYS A 44  ? THR A 22  LYS A 24  
A 2 LEU A 36  ? LEU A 38  ? LEU A 16  LEU A 18  
A 3 LEU A 112 ? SER A 114 ? LEU A 92  SER A 94  
A 4 ALA A 86  ? SER A 92  ? ALA A 66  SER A 72  
A 5 TRP A 53  ? PHE A 58  ? TRP A 33  PHE A 38  
A 6 SER A 143 ? ILE A 147 ? SER A 123 ILE A 127 
A 7 ILE A 153 ? TRP A 157 ? ILE A 133 TRP A 137 
B 1 ILE A 127 ? LYS A 130 ? ILE A 107 LYS A 110 
B 2 VAL A 137 ? ILE A 140 ? VAL A 117 ILE A 120 
# 
loop_
_pdbx_struct_sheet_hbond.sheet_id 
_pdbx_struct_sheet_hbond.range_id_1 
_pdbx_struct_sheet_hbond.range_id_2 
_pdbx_struct_sheet_hbond.range_1_label_atom_id 
_pdbx_struct_sheet_hbond.range_1_label_comp_id 
_pdbx_struct_sheet_hbond.range_1_label_asym_id 
_pdbx_struct_sheet_hbond.range_1_label_seq_id 
_pdbx_struct_sheet_hbond.range_1_PDB_ins_code 
_pdbx_struct_sheet_hbond.range_1_auth_atom_id 
_pdbx_struct_sheet_hbond.range_1_auth_comp_id 
_pdbx_struct_sheet_hbond.range_1_auth_asym_id 
_pdbx_struct_sheet_hbond.range_1_auth_seq_id 
_pdbx_struct_sheet_hbond.range_2_label_atom_id 
_pdbx_struct_sheet_hbond.range_2_label_comp_id 
_pdbx_struct_sheet_hbond.range_2_label_asym_id 
_pdbx_struct_sheet_hbond.range_2_label_seq_id 
_pdbx_struct_sheet_hbond.range_2_PDB_ins_code 
_pdbx_struct_sheet_hbond.range_2_auth_atom_id 
_pdbx_struct_sheet_hbond.range_2_auth_comp_id 
_pdbx_struct_sheet_hbond.range_2_auth_asym_id 
_pdbx_struct_sheet_hbond.range_2_auth_seq_id 
A 1 2 O LYS A 44  ? O LYS A 24  N LEU A 36  ? N LEU A 16  
A 2 3 N MET A 37  ? N MET A 17  O SER A 114 ? O SER A 94  
A 3 4 O VAL A 113 ? O VAL A 93  N GLY A 90  ? N GLY A 70  
A 4 5 O THR A 87  ? O THR A 67  N VAL A 55  ? N VAL A 35  
A 5 6 N PHE A 58  ? N PHE A 38  O SER A 143 ? O SER A 123 
A 6 7 N THR A 144 ? N THR A 124 O TRP A 157 ? O TRP A 137 
B 1 2 N LYS A 128 ? N LYS A 108 O GLY A 139 ? O GLY A 119 
# 
_atom_sites.entry_id                    3IXR 
_atom_sites.fract_transf_matrix[1][1]   -0.00642846 
_atom_sites.fract_transf_matrix[1][2]   -0.02406947 
_atom_sites.fract_transf_matrix[1][3]   -0.00614163 
_atom_sites.fract_transf_matrix[2][1]   0.01852024 
_atom_sites.fract_transf_matrix[2][2]   -0.00060289 
_atom_sites.fract_transf_matrix[2][3]   -0.01702244 
_atom_sites.fract_transf_matrix[3][1]   0.00629876 
_atom_sites.fract_transf_matrix[3][2]   -0.00346218 
_atom_sites.fract_transf_matrix[3][3]   0.00697561 
_atom_sites.fract_transf_vector[1]      0.162712 
_atom_sites.fract_transf_vector[2]      -0.218214 
_atom_sites.fract_transf_vector[3]      -0.136275 
# 
loop_
_atom_type.symbol 
C 
N 
O 
S 
# 
loop_
_atom_site.group_PDB 
_atom_site.id 
_atom_site.type_symbol 
_atom_site.label_atom_id 
_atom_site.label_alt_id 
_atom_site.label_comp_id 
_atom_site.label_asym_id 
_atom_site.label_entity_id 
_atom_site.label_seq_id 
_atom_site.pdbx_PDB_ins_code 
_atom_site.Cartn_x 
_atom_site.Cartn_y 
_atom_site.Cartn_z 
_atom_site.occupancy 
_atom_site.B_iso_or_equiv 
_atom_site.pdbx_formal_charge 
_atom_site.auth_seq_id 
_atom_site.auth_comp_id 
_atom_site.auth_asym_id 
_atom_site.auth_atom_id 
_atom_site.pdbx_PDB_model_num 
ATOM   1    N N   . GLY A 1 18  ? -14.093 -14.071 5.037   1.00 38.45 ? -2  GLY A N   1 
ATOM   2    C CA  . GLY A 1 18  ? -13.989 -12.765 5.704   1.00 36.06 ? -2  GLY A CA  1 
ATOM   3    C C   . GLY A 1 18  ? -13.945 -11.744 4.576   1.00 35.35 ? -2  GLY A C   1 
ATOM   4    O O   . GLY A 1 18  ? -14.768 -10.857 4.556   1.00 35.69 ? -2  GLY A O   1 
ATOM   5    N N   . SER A 1 19  ? -13.012 -11.883 3.622   1.00 33.93 ? -1  SER A N   1 
ATOM   6    C CA  . SER A 1 19  ? -12.750 -10.795 2.648   1.00 32.21 ? -1  SER A CA  1 
ATOM   7    C C   . SER A 1 19  ? -12.715 -11.255 1.207   1.00 30.48 ? -1  SER A C   1 
ATOM   8    O O   . SER A 1 19  ? -12.526 -12.415 0.935   1.00 33.39 ? -1  SER A O   1 
ATOM   9    C CB  . SER A 1 19  ? -11.425 -10.099 2.953   1.00 32.17 ? -1  SER A CB  1 
ATOM   10   O OG  . SER A 1 19  ? -11.522 -9.187  4.046   1.00 33.38 ? -1  SER A OG  1 
ATOM   11   N N   . HIS A 1 20  ? -12.926 -10.354 0.254   1.00 29.22 ? 0   HIS A N   1 
ATOM   12   C CA  . HIS A 1 20  ? -12.966 -10.801 -1.138  1.00 27.36 ? 0   HIS A CA  1 
ATOM   13   C C   . HIS A 1 20  ? -11.693 -10.597 -1.982  1.00 24.89 ? 0   HIS A C   1 
ATOM   14   O O   . HIS A 1 20  ? -11.702 -10.710 -3.211  1.00 24.58 ? 0   HIS A O   1 
ATOM   15   C CB  . HIS A 1 20  ? -14.135 -10.170 -1.879  1.00 28.40 ? 0   HIS A CB  1 
ATOM   16   C CG  . HIS A 1 20  ? -13.974 -8.693  -2.111  1.00 28.24 ? 0   HIS A CG  1 
ATOM   17   N ND1 . HIS A 1 20  ? -14.837 -7.763  -1.570  1.00 30.92 ? 0   HIS A ND1 1 
ATOM   18   C CD2 . HIS A 1 20  ? -13.071 -7.994  -2.836  1.00 31.18 ? 0   HIS A CD2 1 
ATOM   19   C CE1 . HIS A 1 20  ? -14.465 -6.553  -1.950  1.00 30.44 ? 0   HIS A CE1 1 
ATOM   20   N NE2 . HIS A 1 20  ? -13.414 -6.669  -2.736  1.00 30.06 ? 0   HIS A NE2 1 
ATOM   21   N N   . MET A 1 21  ? -10.595 -10.249 -1.348  1.00 21.43 ? 1   MET A N   1 
ATOM   22   C CA  . MET A 1 21  ? -9.319  -10.276 -2.074  1.00 19.92 ? 1   MET A CA  1 
ATOM   23   C C   . MET A 1 21  ? -8.384  -11.111 -1.193  1.00 21.44 ? 1   MET A C   1 
ATOM   24   O O   . MET A 1 21  ? -8.053  -10.734 -0.020  1.00 22.91 ? 1   MET A O   1 
ATOM   25   C CB  . MET A 1 21  ? -8.750  -8.832  -2.205  1.00 18.90 ? 1   MET A CB  1 
ATOM   26   C CG  . MET A 1 21  ? -7.385  -8.758  -2.874  1.00 18.91 ? 1   MET A CG  1 
ATOM   27   S SD  . MET A 1 21  ? -7.495  -9.235  -4.639  1.00 19.15 ? 1   MET A SD  1 
ATOM   28   C CE  . MET A 1 21  ? -8.221  -7.688  -5.242  1.00 19.72 ? 1   MET A CE  1 
ATOM   29   N N   . ASN A 1 22  ? -7.991  -12.249 -1.729  1.00 19.25 ? 2   ASN A N   1 
ATOM   30   C CA  . ASN A 1 22  ? -7.340  -13.313 -0.957  1.00 17.97 ? 2   ASN A CA  1 
ATOM   31   C C   . ASN A 1 22  ? -6.099  -13.820 -1.664  1.00 16.97 ? 2   ASN A C   1 
ATOM   32   O O   . ASN A 1 22  ? -5.918  -13.673 -2.891  1.00 15.81 ? 2   ASN A O   1 
ATOM   33   C CB  . ASN A 1 22  ? -8.333  -14.449 -0.711  1.00 19.79 ? 2   ASN A CB  1 
ATOM   34   C CG  . ASN A 1 22  ? -9.433  -14.003 0.210   1.00 22.66 ? 2   ASN A CG  1 
ATOM   35   O OD1 . ASN A 1 22  ? -9.188  -13.746 1.384   1.00 28.94 ? 2   ASN A OD1 1 
ATOM   36   N ND2 . ASN A 1 22  ? -10.613 -13.864 -0.315  1.00 25.09 ? 2   ASN A ND2 1 
ATOM   37   N N   . ILE A 1 23  ? -5.242  -14.492 -0.918  1.00 16.14 ? 3   ILE A N   1 
ATOM   38   C CA  . ILE A 1 23  ? -4.008  -15.040 -1.497  1.00 15.27 ? 3   ILE A CA  1 
ATOM   39   C C   . ILE A 1 23  ? -4.426  -16.006 -2.634  1.00 16.68 ? 3   ILE A C   1 
ATOM   40   O O   . ILE A 1 23  ? -5.314  -16.875 -2.444  1.00 19.09 ? 3   ILE A O   1 
ATOM   41   C CB  . ILE A 1 23  ? -3.241  -15.838 -0.437  1.00 15.64 ? 3   ILE A CB  1 
ATOM   42   C CG1 . ILE A 1 23  ? -2.608  -14.839 0.564   1.00 16.02 ? 3   ILE A CG1 1 
ATOM   43   C CG2 . ILE A 1 23  ? -2.109  -16.609 -1.050  1.00 14.90 ? 3   ILE A CG2 1 
ATOM   44   C CD1 . ILE A 1 23  ? -1.753  -15.653 1.622   1.00 19.00 ? 3   ILE A CD1 1 
ATOM   45   N N   . GLY A 1 24  ? -3.754  -15.893 -3.768  1.00 14.10 ? 4   GLY A N   1 
ATOM   46   C CA  . GLY A 1 24  ? -4.052  -16.733 -4.924  1.00 14.71 ? 4   GLY A CA  1 
ATOM   47   C C   . GLY A 1 24  ? -4.928  -16.055 -5.948  1.00 13.88 ? 4   GLY A C   1 
ATOM   48   O O   . GLY A 1 24  ? -4.874  -16.472 -7.172  1.00 16.39 ? 4   GLY A O   1 
ATOM   49   N N   . ASP A 1 25  ? -5.621  -14.963 -5.521  1.00 12.93 ? 5   ASP A N   1 
ATOM   50   C CA  . ASP A 1 25  ? -6.488  -14.253 -6.496  1.00 15.40 ? 5   ASP A CA  1 
ATOM   51   C C   . ASP A 1 25  ? -5.625  -13.455 -7.499  1.00 15.58 ? 5   ASP A C   1 
ATOM   52   O O   . ASP A 1 25  ? -4.519  -13.068 -7.208  1.00 14.49 ? 5   ASP A O   1 
ATOM   53   C CB  . ASP A 1 25  ? -7.401  -13.260 -5.846  1.00 14.35 ? 5   ASP A CB  1 
ATOM   54   C CG  . ASP A 1 25  ? -8.401  -13.882 -4.962  1.00 15.55 ? 5   ASP A CG  1 
ATOM   55   O OD1 . ASP A 1 25  ? -8.665  -15.145 -5.034  1.00 17.43 ? 5   ASP A OD1 1 
ATOM   56   O OD2 . ASP A 1 25  ? -9.084  -13.176 -4.192  1.00 16.98 ? 5   ASP A OD2 1 
ATOM   57   N N   . THR A 1 26  ? -6.151  -13.239 -8.697  1.00 14.63 ? 6   THR A N   1 
ATOM   58   C CA  . THR A 1 26  ? -5.482  -12.449 -9.762  1.00 15.71 ? 6   THR A CA  1 
ATOM   59   C C   . THR A 1 26  ? -6.230  -11.140 -9.903  1.00 15.44 ? 6   THR A C   1 
ATOM   60   O O   . THR A 1 26  ? -7.483  -11.125 -9.978  1.00 17.89 ? 6   THR A O   1 
ATOM   61   C CB  . THR A 1 26  ? -5.566  -13.188 -11.104 1.00 16.88 ? 6   THR A CB  1 
ATOM   62   O OG1 . THR A 1 26  ? -4.890  -14.460 -10.918 1.00 19.04 ? 6   THR A OG1 1 
ATOM   63   C CG2 . THR A 1 26  ? -4.790  -12.451 -12.173 1.00 17.61 ? 6   THR A CG2 1 
ATOM   64   N N   . LEU A 1 27  ? -5.492  -10.032 -9.919  1.00 17.20 ? 7   LEU A N   1 
ATOM   65   C CA  . LEU A 1 27  ? -6.153  -8.692  -10.174 1.00 17.50 ? 7   LEU A CA  1 
ATOM   66   C C   . LEU A 1 27  ? -6.725  -8.679  -11.609 1.00 18.68 ? 7   LEU A C   1 
ATOM   67   O O   . LEU A 1 27  ? -5.994  -9.049  -12.571 1.00 20.53 ? 7   LEU A O   1 
ATOM   68   C CB  . LEU A 1 27  ? -5.105  -7.592  -10.069 1.00 17.18 ? 7   LEU A CB  1 
ATOM   69   C CG  . LEU A 1 27  ? -4.242  -7.587  -8.766  1.00 18.57 ? 7   LEU A CG  1 
ATOM   70   C CD1 . LEU A 1 27  ? -3.352  -6.311  -8.689  1.00 17.60 ? 7   LEU A CD1 1 
ATOM   71   C CD2 . LEU A 1 27  ? -5.143  -7.714  -7.529  1.00 17.05 ? 7   LEU A CD2 1 
ATOM   72   N N   . ASN A 1 28  ? -7.968  -8.227  -11.717 1.00 21.02 ? 8   ASN A N   1 
ATOM   73   C CA  . ASN A 1 28  ? -8.618  -8.257  -13.047 1.00 21.96 ? 8   ASN A CA  1 
ATOM   74   C C   . ASN A 1 28  ? -8.247  -7.080  -13.891 1.00 23.27 ? 8   ASN A C   1 
ATOM   75   O O   . ASN A 1 28  ? -7.568  -6.149  -13.468 1.00 20.63 ? 8   ASN A O   1 
ATOM   76   C CB  . ASN A 1 28  ? -10.144 -8.454  -12.919 1.00 21.69 ? 8   ASN A CB  1 
ATOM   77   C CG  . ASN A 1 28  ? -10.862 -7.324  -12.215 1.00 25.94 ? 8   ASN A CG  1 
ATOM   78   O OD1 . ASN A 1 28  ? -11.773 -7.588  -11.481 1.00 34.35 ? 8   ASN A OD1 1 
ATOM   79   N ND2 . ASN A 1 28  ? -10.478 -6.087  -12.444 1.00 23.18 ? 8   ASN A ND2 1 
ATOM   80   N N   . HIS A 1 29  ? -8.654  -7.144  -15.163 1.00 23.10 ? 9   HIS A N   1 
ATOM   81   C CA  . HIS A 1 29  ? -8.220  -6.160  -16.127 1.00 22.66 ? 9   HIS A CA  1 
ATOM   82   C C   . HIS A 1 29  ? -8.723  -4.776  -15.695 1.00 21.42 ? 9   HIS A C   1 
ATOM   83   O O   . HIS A 1 29  ? -7.962  -3.832  -15.811 1.00 20.59 ? 9   HIS A O   1 
ATOM   84   C CB  . HIS A 1 29  ? -8.790  -6.512  -17.538 1.00 22.97 ? 9   HIS A CB  1 
ATOM   85   C CG  . HIS A 1 29  ? -8.524  -5.456  -18.583 1.00 26.14 ? 9   HIS A CG  1 
ATOM   86   N ND1 . HIS A 1 29  ? -9.475  -4.531  -19.005 1.00 31.06 ? 9   HIS A ND1 1 
ATOM   87   C CD2 . HIS A 1 29  ? -7.397  -5.152  -19.264 1.00 30.71 ? 9   HIS A CD2 1 
ATOM   88   C CE1 . HIS A 1 29  ? -8.947  -3.732  -19.908 1.00 29.75 ? 9   HIS A CE1 1 
ATOM   89   N NE2 . HIS A 1 29  ? -7.691  -4.090  -20.088 1.00 34.64 ? 9   HIS A NE2 1 
ATOM   90   N N   . SER A 1 30  ? -9.964  -4.655  -15.194 1.00 22.14 ? 10  SER A N   1 
ATOM   91   C CA  . SER A 1 30  ? -10.503 -3.344  -14.810 1.00 23.30 ? 10  SER A CA  1 
ATOM   92   C C   . SER A 1 30  ? -9.641  -2.694  -13.664 1.00 22.78 ? 10  SER A C   1 
ATOM   93   O O   . SER A 1 30  ? -9.152  -1.506  -13.754 1.00 20.58 ? 10  SER A O   1 
ATOM   94   C CB  . SER A 1 30  ? -11.950 -3.546  -14.365 1.00 24.58 ? 10  SER A CB  1 
ATOM   95   O OG  . SER A 1 30  ? -12.424 -2.489  -13.551 1.00 34.98 ? 10  SER A OG  1 
ATOM   96   N N   . LEU A 1 31  ? -9.378  -3.497  -12.642 1.00 20.53 ? 11  LEU A N   1 
ATOM   97   C CA  . LEU A 1 31  ? -8.490  -3.023  -11.575 1.00 19.13 ? 11  LEU A CA  1 
ATOM   98   C C   . LEU A 1 31  ? -7.070  -2.744  -12.071 1.00 17.36 ? 11  LEU A C   1 
ATOM   99   O O   . LEU A 1 31  ? -6.451  -1.744  -11.664 1.00 17.26 ? 11  LEU A O   1 
ATOM   100  C CB  . LEU A 1 31  ? -8.432  -4.084  -10.468 1.00 18.99 ? 11  LEU A CB  1 
ATOM   101  C CG  . LEU A 1 31  ? -7.498  -3.725  -9.281  1.00 17.13 ? 11  LEU A CG  1 
ATOM   102  C CD1 . LEU A 1 31  ? -7.987  -2.527  -8.738  1.00 19.21 ? 11  LEU A CD1 1 
ATOM   103  C CD2 . LEU A 1 31  ? -7.699  -4.844  -8.271  1.00 15.89 ? 11  LEU A CD2 1 
ATOM   104  N N   . LEU A 1 32  ? -6.463  -3.618  -12.885 1.00 17.58 ? 12  LEU A N   1 
ATOM   105  C CA  . LEU A 1 32  ? -5.102  -3.393  -13.389 1.00 17.64 ? 12  LEU A CA  1 
ATOM   106  C C   . LEU A 1 32  ? -4.929  -2.089  -14.206 1.00 18.37 ? 12  LEU A C   1 
ATOM   107  O O   . LEU A 1 32  ? -3.860  -1.548  -14.277 1.00 16.25 ? 12  LEU A O   1 
ATOM   108  C CB  . LEU A 1 32  ? -4.642  -4.598  -14.217 1.00 17.46 ? 12  LEU A CB  1 
ATOM   109  C CG  . LEU A 1 32  ? -4.193  -5.861  -13.446 1.00 17.31 ? 12  LEU A CG  1 
ATOM   110  C CD1 . LEU A 1 32  ? -3.978  -6.955  -14.473 1.00 21.87 ? 12  LEU A CD1 1 
ATOM   111  C CD2 . LEU A 1 32  ? -2.924  -5.555  -12.710 1.00 19.82 ? 12  LEU A CD2 1 
ATOM   112  N N   . ASN A 1 33  ? -6.051  -1.663  -14.813 1.00 20.24 ? 13  ASN A N   1 
ATOM   113  C CA  . ASN A 1 33  ? -5.984  -0.449  -15.683 1.00 20.53 ? 13  ASN A CA  1 
ATOM   114  C C   . ASN A 1 33  ? -6.625  0.764   -15.069 1.00 21.86 ? 13  ASN A C   1 
ATOM   115  O O   . ASN A 1 33  ? -6.726  1.843   -15.693 1.00 19.39 ? 13  ASN A O   1 
ATOM   116  C CB  . ASN A 1 33  ? -6.554  -0.782  -17.058 1.00 21.64 ? 13  ASN A CB  1 
ATOM   117  C CG  . ASN A 1 33  ? -5.600  -1.677  -17.782 1.00 23.38 ? 13  ASN A CG  1 
ATOM   118  O OD1 . ASN A 1 33  ? -4.597  -1.220  -18.323 1.00 31.20 ? 13  ASN A OD1 1 
ATOM   119  N ND2 . ASN A 1 33  ? -5.826  -2.977  -17.688 1.00 26.15 ? 13  ASN A ND2 1 
ATOM   120  N N   . HIS A 1 34  ? -7.120  0.633   -13.856 1.00 20.68 ? 14  HIS A N   1 
ATOM   121  C CA  . HIS A 1 34  ? -7.592  1.769   -13.123 1.00 21.30 ? 14  HIS A CA  1 
ATOM   122  C C   . HIS A 1 34  ? -6.514  2.859   -12.874 1.00 21.65 ? 14  HIS A C   1 
ATOM   123  O O   . HIS A 1 34  ? -5.473  2.599   -12.297 1.00 19.15 ? 14  HIS A O   1 
ATOM   124  C CB  . HIS A 1 34  ? -8.084  1.208   -11.784 1.00 21.68 ? 14  HIS A CB  1 
ATOM   125  C CG  . HIS A 1 34  ? -8.422  2.258   -10.764 1.00 24.54 ? 14  HIS A CG  1 
ATOM   126  N ND1 . HIS A 1 34  ? -9.437  3.166   -10.948 1.00 23.29 ? 14  HIS A ND1 1 
ATOM   127  C CD2 . HIS A 1 34  ? -7.778  2.636   -9.628  1.00 26.19 ? 14  HIS A CD2 1 
ATOM   128  C CE1 . HIS A 1 34  ? -9.479  3.998   -9.912  1.00 26.68 ? 14  HIS A CE1 1 
ATOM   129  N NE2 . HIS A 1 34  ? -8.474  3.703   -9.105  1.00 25.26 ? 14  HIS A NE2 1 
ATOM   130  N N   . PRO A 1 35  ? -6.785  4.114   -13.251 1.00 20.65 ? 15  PRO A N   1 
ATOM   131  C CA  . PRO A 1 35  ? -5.799  5.151   -13.068 1.00 21.21 ? 15  PRO A CA  1 
ATOM   132  C C   . PRO A 1 35  ? -5.607  5.538   -11.610 1.00 19.44 ? 15  PRO A C   1 
ATOM   133  O O   . PRO A 1 35  ? -6.595  5.801   -10.920 1.00 23.70 ? 15  PRO A O   1 
ATOM   134  C CB  . PRO A 1 35  ? -6.384  6.322   -13.894 1.00 19.91 ? 15  PRO A CB  1 
ATOM   135  C CG  . PRO A 1 35  ? -7.386  5.698   -14.804 1.00 26.08 ? 15  PRO A CG  1 
ATOM   136  C CD  . PRO A 1 35  ? -7.971  4.564   -13.977 1.00 22.89 ? 15  PRO A CD  1 
ATOM   137  N N   . LEU A 1 36  ? -4.373  5.521   -11.164 1.00 19.02 ? 16  LEU A N   1 
ATOM   138  C CA  . LEU A 1 36  ? -4.003  5.813   -9.741  1.00 20.62 ? 16  LEU A CA  1 
ATOM   139  C C   . LEU A 1 36  ? -3.489  7.254   -9.720  1.00 19.66 ? 16  LEU A C   1 
ATOM   140  O O   . LEU A 1 36  ? -2.574  7.552   -10.466 1.00 22.64 ? 16  LEU A O   1 
ATOM   141  C CB  . LEU A 1 36  ? -2.853  4.913   -9.303  1.00 20.79 ? 16  LEU A CB  1 
ATOM   142  C CG  . LEU A 1 36  ? -3.088  3.369   -9.426  1.00 23.58 ? 16  LEU A CG  1 
ATOM   143  C CD1 . LEU A 1 36  ? -1.840  2.554   -9.046  1.00 20.21 ? 16  LEU A CD1 1 
ATOM   144  C CD2 . LEU A 1 36  ? -4.274  2.978   -8.631  1.00 22.14 ? 16  LEU A CD2 1 
ATOM   145  N N   . MET A 1 37  ? -4.059  8.108   -8.862  1.00 19.82 ? 17  MET A N   1 
ATOM   146  C CA  A MET A 1 37  ? -3.494  9.449   -8.642  0.50 18.44 ? 17  MET A CA  1 
ATOM   147  C CA  B MET A 1 37  ? -3.493  9.439   -8.649  0.50 18.63 ? 17  MET A CA  1 
ATOM   148  C C   . MET A 1 37  ? -2.488  9.323   -7.518  1.00 17.68 ? 17  MET A C   1 
ATOM   149  O O   . MET A 1 37  ? -2.896  8.884   -6.431  1.00 19.53 ? 17  MET A O   1 
ATOM   150  C CB  A MET A 1 37  ? -4.584  10.408  -8.181  0.50 20.17 ? 17  MET A CB  1 
ATOM   151  C CB  B MET A 1 37  ? -4.609  10.382  -8.237  0.50 20.68 ? 17  MET A CB  1 
ATOM   152  C CG  A MET A 1 37  ? -5.585  10.734  -9.265  0.50 21.96 ? 17  MET A CG  1 
ATOM   153  C CG  B MET A 1 37  ? -5.670  10.469  -9.314  0.50 22.65 ? 17  MET A CG  1 
ATOM   154  S SD  A MET A 1 37  ? -6.849  11.850  -8.646  0.50 26.04 ? 17  MET A SD  1 
ATOM   155  S SD  B MET A 1 37  ? -4.894  11.012  -10.848 0.50 32.14 ? 17  MET A SD  1 
ATOM   156  C CE  A MET A 1 37  ? -5.891  13.270  -8.066  0.50 24.72 ? 17  MET A CE  1 
ATOM   157  C CE  B MET A 1 37  ? -4.958  9.553   -11.912 0.50 23.27 ? 17  MET A CE  1 
ATOM   158  N N   . LEU A 1 38  ? -1.233  9.700   -7.775  1.00 17.18 ? 18  LEU A N   1 
ATOM   159  C CA  . LEU A 1 38  ? -0.149  9.550   -6.798  1.00 17.15 ? 18  LEU A CA  1 
ATOM   160  C C   . LEU A 1 38  ? 0.355   10.856  -6.278  1.00 17.63 ? 18  LEU A C   1 
ATOM   161  O O   . LEU A 1 38  ? 0.220   11.932  -6.915  1.00 17.31 ? 18  LEU A O   1 
ATOM   162  C CB  . LEU A 1 38  ? 1.024   8.758   -7.383  1.00 18.48 ? 18  LEU A CB  1 
ATOM   163  C CG  . LEU A 1 38  ? 0.987   7.204   -7.472  1.00 22.58 ? 18  LEU A CG  1 
ATOM   164  C CD1 . LEU A 1 38  ? -0.304  6.632   -7.861  1.00 27.84 ? 18  LEU A CD1 1 
ATOM   165  C CD2 . LEU A 1 38  ? 2.167   6.763   -8.396  1.00 27.83 ? 18  LEU A CD2 1 
ATOM   166  N N   . SER A 1 39  ? 1.060   10.791  -5.142  1.00 15.41 ? 19  SER A N   1 
ATOM   167  C CA  . SER A 1 39  ? 1.795   11.959  -4.707  1.00 16.45 ? 19  SER A CA  1 
ATOM   168  C C   . SER A 1 39  ? 2.710   12.506  -5.806  1.00 16.89 ? 19  SER A C   1 
ATOM   169  O O   . SER A 1 39  ? 3.123   11.814  -6.751  1.00 17.35 ? 19  SER A O   1 
ATOM   170  C CB  . SER A 1 39  ? 2.579   11.625  -3.432  1.00 14.87 ? 19  SER A CB  1 
ATOM   171  O OG  . SER A 1 39  ? 3.366   10.481  -3.691  1.00 16.63 ? 19  SER A OG  1 
ATOM   172  N N   . GLY A 1 40  ? 2.926   13.821  -5.786  1.00 17.29 ? 20  GLY A N   1 
ATOM   173  C CA  . GLY A 1 40  ? 3.695   14.384  -6.913  1.00 16.73 ? 20  GLY A CA  1 
ATOM   174  C C   . GLY A 1 40  ? 2.874   14.750  -8.157  1.00 18.44 ? 20  GLY A C   1 
ATOM   175  O O   . GLY A 1 40  ? 3.483   15.180  -9.184  1.00 21.14 ? 20  GLY A O   1 
ATOM   176  N N   . SER A 1 41  ? 1.568   14.530  -8.071  1.00 18.61 ? 21  SER A N   1 
ATOM   177  C CA  . SER A 1 41  ? 0.629   14.770  -9.190  1.00 21.40 ? 21  SER A CA  1 
ATOM   178  C C   . SER A 1 41  ? 0.980   13.835  -10.330 1.00 22.66 ? 21  SER A C   1 
ATOM   179  O O   . SER A 1 41  ? 0.737   14.206  -11.503 1.00 22.23 ? 21  SER A O   1 
ATOM   180  C CB  . SER A 1 41  ? 0.814   16.218  -9.676  1.00 21.49 ? 21  SER A CB  1 
ATOM   181  O OG  . SER A 1 41  ? 0.429   17.100  -8.621  1.00 24.86 ? 21  SER A OG  1 
ATOM   182  N N   . THR A 1 42  ? 1.505   12.654  -10.019 1.00 22.32 ? 22  THR A N   1 
ATOM   183  C CA  . THR A 1 42  ? 1.804   11.628  -11.030 1.00 23.50 ? 22  THR A CA  1 
ATOM   184  C C   . THR A 1 42  ? 0.663   10.589  -11.112 1.00 21.28 ? 22  THR A C   1 
ATOM   185  O O   . THR A 1 42  ? -0.327  10.632  -10.385 1.00 19.94 ? 22  THR A O   1 
ATOM   186  C CB  . THR A 1 42  ? 3.092   10.864  -10.745 1.00 25.21 ? 22  THR A CB  1 
ATOM   187  O OG1 . THR A 1 42  ? 2.928   10.146  -9.500  1.00 27.95 ? 22  THR A OG1 1 
ATOM   188  C CG2 . THR A 1 42  ? 4.282   11.797  -10.606 1.00 27.60 ? 22  THR A CG2 1 
ATOM   189  N N   . CYS A 1 43  ? 0.763   9.730   -12.101 1.00 21.22 ? 23  CYS A N   1 
ATOM   190  C CA  A CYS A 1 43  ? -0.234  8.674   -12.185 0.50 22.99 ? 23  CYS A CA  1 
ATOM   191  C CA  B CYS A 1 43  ? -0.294  8.732   -12.405 0.50 24.42 ? 23  CYS A CA  1 
ATOM   192  C C   . CYS A 1 43  ? 0.395   7.439   -12.741 1.00 24.24 ? 23  CYS A C   1 
ATOM   193  O O   . CYS A 1 43  ? 1.437   7.474   -13.368 1.00 24.13 ? 23  CYS A O   1 
ATOM   194  C CB  A CYS A 1 43  ? -1.528  9.083   -12.911 0.50 22.50 ? 23  CYS A CB  1 
ATOM   195  C CB  B CYS A 1 43  ? -1.158  9.142   -13.619 0.50 25.11 ? 23  CYS A CB  1 
ATOM   196  S SG  A CYS A 1 43  ? -1.319  10.273  -14.284 0.50 24.47 ? 23  CYS A SG  1 
ATOM   197  S SG  B CYS A 1 43  ? -2.961  8.689   -13.509 0.50 33.06 ? 23  CYS A SG  1 
ATOM   198  N N   . LYS A 1 44  ? -0.216  6.322   -12.359 1.00 22.15 ? 24  LYS A N   1 
ATOM   199  C CA  . LYS A 1 44  ? 0.252   5.013   -12.664 1.00 23.44 ? 24  LYS A CA  1 
ATOM   200  C C   . LYS A 1 44  ? -0.986  4.142   -12.778 1.00 19.31 ? 24  LYS A C   1 
ATOM   201  O O   . LYS A 1 44  ? -2.096  4.544   -12.400 1.00 18.87 ? 24  LYS A O   1 
ATOM   202  C CB  . LYS A 1 44  ? 0.987   4.543   -11.411 1.00 25.38 ? 24  LYS A CB  1 
ATOM   203  C CG  . LYS A 1 44  ? 2.168   3.785   -11.631 1.00 32.14 ? 24  LYS A CG  1 
ATOM   204  C CD  . LYS A 1 44  ? 3.371   4.623   -11.830 1.00 34.89 ? 24  LYS A CD  1 
ATOM   205  C CE  . LYS A 1 44  ? 4.582   3.658   -11.706 1.00 38.62 ? 24  LYS A CE  1 
ATOM   206  N NZ  . LYS A 1 44  ? 5.540   3.915   -12.822 1.00 37.89 ? 24  LYS A NZ  1 
ATOM   207  N N   . THR A 1 45  ? -0.799  2.881   -13.226 1.00 18.96 ? 25  THR A N   1 
ATOM   208  C CA  . THR A 1 45  ? -1.853  1.859   -13.041 1.00 19.72 ? 25  THR A CA  1 
ATOM   209  C C   . THR A 1 45  ? -1.094  0.668   -12.439 1.00 16.96 ? 25  THR A C   1 
ATOM   210  O O   . THR A 1 45  ? 0.138   0.577   -12.531 1.00 18.42 ? 25  THR A O   1 
ATOM   211  C CB  . THR A 1 45  ? -2.505  1.401   -14.354 1.00 17.80 ? 25  THR A CB  1 
ATOM   212  O OG1 . THR A 1 45  ? -1.460  0.888   -15.217 1.00 20.99 ? 25  THR A OG1 1 
ATOM   213  C CG2 . THR A 1 45  ? -3.250  2.608   -14.989 1.00 19.96 ? 25  THR A CG2 1 
ATOM   214  N N   . LEU A 1 46  ? -1.812  -0.212  -11.760 1.00 17.83 ? 26  LEU A N   1 
ATOM   215  C CA  . LEU A 1 46  ? -1.184  -1.433  -11.200 1.00 18.80 ? 26  LEU A CA  1 
ATOM   216  C C   . LEU A 1 46  ? -0.527  -2.283  -12.281 1.00 19.11 ? 26  LEU A C   1 
ATOM   217  O O   . LEU A 1 46  ? 0.489   -2.938  -12.062 1.00 19.18 ? 26  LEU A O   1 
ATOM   218  C CB  . LEU A 1 46  ? -2.198  -2.230  -10.381 1.00 16.96 ? 26  LEU A CB  1 
ATOM   219  C CG  . LEU A 1 46  ? -2.779  -1.579  -9.076  1.00 13.77 ? 26  LEU A CG  1 
ATOM   220  C CD1 . LEU A 1 46  ? -3.924  -2.331  -8.330  1.00 14.16 ? 26  LEU A CD1 1 
ATOM   221  C CD2 . LEU A 1 46  ? -1.578  -1.315  -8.069  1.00 16.32 ? 26  LEU A CD2 1 
ATOM   222  N N   . SER A 1 47  ? -1.083  -2.259  -13.502 1.00 18.89 ? 27  SER A N   1 
ATOM   223  C CA  . SER A 1 47  ? -0.391  -2.925  -14.618 1.00 20.91 ? 27  SER A CA  1 
ATOM   224  C C   . SER A 1 47  ? 1.019   -2.411  -14.871 1.00 19.89 ? 27  SER A C   1 
ATOM   225  O O   . SER A 1 47  ? 1.807   -3.146  -15.402 1.00 21.13 ? 27  SER A O   1 
ATOM   226  C CB  . SER A 1 47  ? -1.238  -2.868  -15.896 1.00 22.07 ? 27  SER A CB  1 
ATOM   227  O OG  . SER A 1 47  ? -1.141  -1.546  -16.392 1.00 24.10 ? 27  SER A OG  1 
ATOM   228  N N   . ASP A 1 48  ? 1.389   -1.181  -14.463 1.00 22.41 ? 28  ASP A N   1 
ATOM   229  C CA  . ASP A 1 48  ? 2.779   -0.712  -14.597 1.00 24.49 ? 28  ASP A CA  1 
ATOM   230  C C   . ASP A 1 48  ? 3.731   -1.560  -13.813 1.00 25.56 ? 28  ASP A C   1 
ATOM   231  O O   . ASP A 1 48  ? 4.924   -1.507  -14.005 1.00 28.35 ? 28  ASP A O   1 
ATOM   232  C CB  . ASP A 1 48  ? 2.916   0.744   -14.142 1.00 25.54 ? 28  ASP A CB  1 
ATOM   233  C CG  . ASP A 1 48  ? 2.223   1.670   -15.088 1.00 27.28 ? 28  ASP A CG  1 
ATOM   234  O OD1 . ASP A 1 48  ? 2.180   1.300   -16.284 1.00 32.32 ? 28  ASP A OD1 1 
ATOM   235  O OD2 . ASP A 1 48  ? 1.664   2.693   -14.646 1.00 35.25 ? 28  ASP A OD2 1 
ATOM   236  N N   . TYR A 1 49  ? 3.220   -2.392  -12.920 1.00 24.92 ? 29  TYR A N   1 
ATOM   237  C CA  . TYR A 1 49  ? 4.138   -3.176  -12.117 1.00 23.65 ? 29  TYR A CA  1 
ATOM   238  C C   . TYR A 1 49  ? 4.280   -4.607  -12.576 1.00 24.28 ? 29  TYR A C   1 
ATOM   239  O O   . TYR A 1 49  ? 4.830   -5.495  -11.835 1.00 23.13 ? 29  TYR A O   1 
ATOM   240  C CB  . TYR A 1 49  ? 3.754   -3.077  -10.617 1.00 24.07 ? 29  TYR A CB  1 
ATOM   241  C CG  . TYR A 1 49  ? 3.778   -1.654  -10.100 1.00 19.57 ? 29  TYR A CG  1 
ATOM   242  C CD1 . TYR A 1 49  ? 2.630   -0.877  -10.128 1.00 18.19 ? 29  TYR A CD1 1 
ATOM   243  C CD2 . TYR A 1 49  ? 4.939   -1.113  -9.585  1.00 21.30 ? 29  TYR A CD2 1 
ATOM   244  C CE1 . TYR A 1 49  ? 2.650   0.412   -9.696  1.00 20.20 ? 29  TYR A CE1 1 
ATOM   245  C CE2 . TYR A 1 49  ? 4.971   0.201   -9.138  1.00 21.54 ? 29  TYR A CE2 1 
ATOM   246  C CZ  . TYR A 1 49  ? 3.817   0.936   -9.191  1.00 24.40 ? 29  TYR A CZ  1 
ATOM   247  O OH  . TYR A 1 49  ? 3.818   2.228   -8.725  1.00 27.87 ? 29  TYR A OH  1 
ATOM   248  N N   A THR A 1 50  ? 3.832   -4.875  -13.806 0.50 24.54 ? 30  THR A N   1 
ATOM   249  N N   B THR A 1 50  ? 3.780   -4.906  -13.783 0.50 24.45 ? 30  THR A N   1 
ATOM   250  C CA  A THR A 1 50  ? 4.060   -6.179  -14.385 0.50 23.98 ? 30  THR A CA  1 
ATOM   251  C CA  B THR A 1 50  ? 3.953   -6.240  -14.339 0.50 23.80 ? 30  THR A CA  1 
ATOM   252  C C   A THR A 1 50  ? 5.535   -6.587  -14.277 0.50 24.28 ? 30  THR A C   1 
ATOM   253  C C   B THR A 1 50  ? 5.461   -6.600  -14.305 0.50 24.24 ? 30  THR A C   1 
ATOM   254  O O   A THR A 1 50  ? 6.452   -5.768  -14.414 0.50 23.83 ? 30  THR A O   1 
ATOM   255  O O   B THR A 1 50  ? 6.329   -5.735  -14.486 0.50 23.90 ? 30  THR A O   1 
ATOM   256  C CB  A THR A 1 50  ? 3.696   -6.227  -15.879 0.50 24.59 ? 30  THR A CB  1 
ATOM   257  C CB  B THR A 1 50  ? 3.399   -6.338  -15.803 0.50 24.43 ? 30  THR A CB  1 
ATOM   258  O OG1 A THR A 1 50  ? 4.120   -7.494  -16.389 0.50 20.95 ? 30  THR A OG1 1 
ATOM   259  O OG1 B THR A 1 50  ? 2.152   -5.661  -15.907 0.50 22.63 ? 30  THR A OG1 1 
ATOM   260  C CG2 A THR A 1 50  ? 4.407   -5.135  -16.634 0.50 23.01 ? 30  THR A CG2 1 
ATOM   261  C CG2 B THR A 1 50  ? 3.130   -7.742  -16.156 0.50 20.92 ? 30  THR A CG2 1 
ATOM   262  N N   . ASN A 1 51  ? 5.756   -7.866  -14.041 1.00 23.82 ? 31  ASN A N   1 
ATOM   263  C CA  . ASN A 1 51  ? 7.150   -8.410  -13.997 1.00 24.93 ? 31  ASN A CA  1 
ATOM   264  C C   . ASN A 1 51  ? 7.983   -7.907  -12.825 1.00 24.32 ? 31  ASN A C   1 
ATOM   265  O O   . ASN A 1 51  ? 9.195   -8.154  -12.770 1.00 25.94 ? 31  ASN A O   1 
ATOM   266  C CB  . ASN A 1 51  ? 7.984   -8.187  -15.298 1.00 27.64 ? 31  ASN A CB  1 
ATOM   267  C CG  . ASN A 1 51  ? 7.278   -8.701  -16.512 1.00 31.46 ? 31  ASN A CG  1 
ATOM   268  O OD1 . ASN A 1 51  ? 6.807   -9.840  -16.513 1.00 38.14 ? 31  ASN A OD1 1 
ATOM   269  N ND2 . ASN A 1 51  ? 7.131   -7.848  -17.538 1.00 37.37 ? 31  ASN A ND2 1 
ATOM   270  N N   . GLN A 1 52  ? 7.330   -7.249  -11.866 1.00 22.83 ? 32  GLN A N   1 
ATOM   271  C CA  . GLN A 1 52  ? 8.033   -6.868  -10.645 1.00 20.65 ? 32  GLN A CA  1 
ATOM   272  C C   . GLN A 1 52  ? 7.091   -7.265  -9.457  1.00 19.95 ? 32  GLN A C   1 
ATOM   273  O O   . GLN A 1 52  ? 5.907   -7.516  -9.674  1.00 18.77 ? 32  GLN A O   1 
ATOM   274  C CB  . GLN A 1 52  ? 8.284   -5.355  -10.642 1.00 23.30 ? 32  GLN A CB  1 
ATOM   275  C CG  . GLN A 1 52  ? 8.942   -4.813  -11.867 1.00 27.10 ? 32  GLN A CG  1 
ATOM   276  C CD  . GLN A 1 52  ? 8.734   -3.303  -11.967 1.00 35.81 ? 32  GLN A CD  1 
ATOM   277  O OE1 . GLN A 1 52  ? 8.646   -2.631  -10.942 1.00 37.41 ? 32  GLN A OE1 1 
ATOM   278  N NE2 . GLN A 1 52  ? 8.672   -2.762  -13.203 1.00 39.45 ? 32  GLN A NE2 1 
ATOM   279  N N   . TRP A 1 53  ? 7.631   -7.323  -8.219  1.00 17.27 ? 33  TRP A N   1 
ATOM   280  C CA  . TRP A 1 53  ? 6.799   -7.489  -7.006  1.00 15.55 ? 33  TRP A CA  1 
ATOM   281  C C   . TRP A 1 53  ? 6.363   -6.110  -6.554  1.00 14.74 ? 33  TRP A C   1 
ATOM   282  O O   . TRP A 1 53  ? 7.164   -5.134  -6.582  1.00 16.76 ? 33  TRP A O   1 
ATOM   283  C CB  . TRP A 1 53  ? 7.665   -8.038  -5.903  1.00 16.19 ? 33  TRP A CB  1 
ATOM   284  C CG  . TRP A 1 53  ? 8.047   -9.481  -6.182  1.00 17.80 ? 33  TRP A CG  1 
ATOM   285  C CD1 . TRP A 1 53  ? 9.145   -9.892  -6.908  1.00 24.95 ? 33  TRP A CD1 1 
ATOM   286  C CD2 . TRP A 1 53  ? 7.354   -10.686 -5.779  1.00 18.85 ? 33  TRP A CD2 1 
ATOM   287  N NE1 . TRP A 1 53  ? 9.164   -11.304 -6.999  1.00 27.56 ? 33  TRP A NE1 1 
ATOM   288  C CE2 . TRP A 1 53  ? 8.117   -11.798 -6.266  1.00 25.25 ? 33  TRP A CE2 1 
ATOM   289  C CE3 . TRP A 1 53  ? 6.191   -10.943 -5.032  1.00 20.07 ? 33  TRP A CE3 1 
ATOM   290  C CZ2 . TRP A 1 53  ? 7.718   -13.125 -6.072  1.00 27.67 ? 33  TRP A CZ2 1 
ATOM   291  C CZ3 . TRP A 1 53  ? 5.818   -12.260 -4.810  1.00 24.37 ? 33  TRP A CZ3 1 
ATOM   292  C CH2 . TRP A 1 53  ? 6.605   -13.344 -5.322  1.00 21.37 ? 33  TRP A CH2 1 
ATOM   293  N N   . LEU A 1 54  ? 5.128   -6.056  -6.105  1.00 12.37 ? 34  LEU A N   1 
ATOM   294  C CA  . LEU A 1 54  ? 4.618   -4.812  -5.522  1.00 14.52 ? 34  LEU A CA  1 
ATOM   295  C C   . LEU A 1 54  ? 4.080   -5.038  -4.077  1.00 13.99 ? 34  LEU A C   1 
ATOM   296  O O   . LEU A 1 54  ? 3.309   -5.963  -3.820  1.00 13.15 ? 34  LEU A O   1 
ATOM   297  C CB  . LEU A 1 54  ? 3.439   -4.318  -6.400  1.00 15.21 ? 34  LEU A CB  1 
ATOM   298  C CG  . LEU A 1 54  ? 2.802   -2.999  -5.919  1.00 15.84 ? 34  LEU A CG  1 
ATOM   299  C CD1 . LEU A 1 54  ? 3.869   -1.845  -5.837  1.00 16.51 ? 34  LEU A CD1 1 
ATOM   300  C CD2 . LEU A 1 54  ? 1.551   -2.686  -6.722  1.00 15.23 ? 34  LEU A CD2 1 
ATOM   301  N N   . VAL A 1 55  ? 4.563   -4.200  -3.166  1.00 11.96 ? 35  VAL A N   1 
ATOM   302  C CA  . VAL A 1 55  ? 3.975   -4.138  -1.821  1.00 10.79 ? 35  VAL A CA  1 
ATOM   303  C C   . VAL A 1 55  ? 3.008   -3.001  -1.818  1.00 10.54 ? 35  VAL A C   1 
ATOM   304  O O   . VAL A 1 55  ? 3.426   -1.846  -1.937  1.00 11.32 ? 35  VAL A O   1 
ATOM   305  C CB  . VAL A 1 55  ? 5.008   -3.871  -0.709  1.00 11.86 ? 35  VAL A CB  1 
ATOM   306  C CG1 . VAL A 1 55  ? 4.283   -3.831  0.682   1.00 12.14 ? 35  VAL A CG1 1 
ATOM   307  C CG2 . VAL A 1 55  ? 6.099   -5.117  -0.690  1.00 15.24 ? 35  VAL A CG2 1 
ATOM   308  N N   . LEU A 1 56  ? 1.734   -3.338  -1.698  1.00 10.35 ? 36  LEU A N   1 
ATOM   309  C CA  . LEU A 1 56  ? 0.687   -2.311  -1.700  1.00 11.05 ? 36  LEU A CA  1 
ATOM   310  C C   . LEU A 1 56  ? 0.130   -2.256  -0.246  1.00 10.82 ? 36  LEU A C   1 
ATOM   311  O O   . LEU A 1 56  ? -0.506  -3.183  0.255   1.00 11.61 ? 36  LEU A O   1 
ATOM   312  C CB  . LEU A 1 56  ? -0.395  -2.738  -2.679  1.00 13.88 ? 36  LEU A CB  1 
ATOM   313  C CG  . LEU A 1 56  ? -1.479  -1.695  -2.921  1.00 12.33 ? 36  LEU A CG  1 
ATOM   314  C CD1 . LEU A 1 56  ? -0.849  -0.547  -3.786  1.00 12.37 ? 36  LEU A CD1 1 
ATOM   315  C CD2 . LEU A 1 56  ? -2.570  -2.415  -3.736  1.00 12.70 ? 36  LEU A CD2 1 
ATOM   316  N N   . TYR A 1 57  ? 0.519   -1.180  0.446   1.00 10.12 ? 37  TYR A N   1 
ATOM   317  C CA  . TYR A 1 57  ? 0.153   -1.092  1.891   1.00 9.53  ? 37  TYR A CA  1 
ATOM   318  C C   . TYR A 1 57  ? -0.904  0.008   2.120   1.00 11.10 ? 37  TYR A C   1 
ATOM   319  O O   . TYR A 1 57  ? -0.683  1.178   1.669   1.00 11.17 ? 37  TYR A O   1 
ATOM   320  C CB  . TYR A 1 57  ? 1.406   -0.989  2.791   1.00 9.96  ? 37  TYR A CB  1 
ATOM   321  C CG  . TYR A 1 57  ? 1.941   0.433   3.036   1.00 9.45  ? 37  TYR A CG  1 
ATOM   322  C CD1 . TYR A 1 57  ? 3.040   0.894   2.290   1.00 10.35 ? 37  TYR A CD1 1 
ATOM   323  C CD2 . TYR A 1 57  ? 1.417   1.223   4.114   1.00 11.84 ? 37  TYR A CD2 1 
ATOM   324  C CE1 . TYR A 1 57  ? 3.568   2.191   2.537   1.00 11.19 ? 37  TYR A CE1 1 
ATOM   325  C CE2 . TYR A 1 57  ? 1.902   2.494   4.349   1.00 13.80 ? 37  TYR A CE2 1 
ATOM   326  C CZ  . TYR A 1 57  ? 3.036   2.934   3.595   1.00 10.54 ? 37  TYR A CZ  1 
ATOM   327  O OH  . TYR A 1 57  ? 3.639   4.221   3.719   1.00 10.53 ? 37  TYR A OH  1 
ATOM   328  N N   . PHE A 1 58  ? -2.000  -0.406  2.729   1.00 9.35  ? 38  PHE A N   1 
ATOM   329  C CA  . PHE A 1 58  ? -3.087  0.561   3.061   1.00 9.77  ? 38  PHE A CA  1 
ATOM   330  C C   . PHE A 1 58  ? -2.987  1.025   4.492   1.00 10.49 ? 38  PHE A C   1 
ATOM   331  O O   . PHE A 1 58  ? -2.792  0.186   5.409   1.00 10.04 ? 38  PHE A O   1 
ATOM   332  C CB  . PHE A 1 58  ? -4.458  -0.124  2.900   1.00 10.02 ? 38  PHE A CB  1 
ATOM   333  C CG  . PHE A 1 58  ? -4.771  -0.562  1.456   1.00 10.63 ? 38  PHE A CG  1 
ATOM   334  C CD1 . PHE A 1 58  ? -4.219  -1.706  0.839   1.00 9.58  ? 38  PHE A CD1 1 
ATOM   335  C CD2 . PHE A 1 58  ? -5.655  0.237   0.712   1.00 12.69 ? 38  PHE A CD2 1 
ATOM   336  C CE1 . PHE A 1 58  ? -4.524  -2.072  -0.513  1.00 9.09  ? 38  PHE A CE1 1 
ATOM   337  C CE2 . PHE A 1 58  ? -5.994  -0.157  -0.656  1.00 15.42 ? 38  PHE A CE2 1 
ATOM   338  C CZ  . PHE A 1 58  ? -5.384  -1.272  -1.275  1.00 11.45 ? 38  PHE A CZ  1 
ATOM   339  N N   . TYR A 1 59  ? -3.156  2.333   4.736   1.00 11.11 ? 39  TYR A N   1 
ATOM   340  C CA  . TYR A 1 59  ? -3.119  2.846   6.087   1.00 10.79 ? 39  TYR A CA  1 
ATOM   341  C C   . TYR A 1 59  ? -4.273  3.812   6.238   1.00 12.09 ? 39  TYR A C   1 
ATOM   342  O O   . TYR A 1 59  ? -4.771  4.355   5.241   1.00 12.26 ? 39  TYR A O   1 
ATOM   343  C CB  . TYR A 1 59  ? -1.770  3.559   6.334   1.00 10.12 ? 39  TYR A CB  1 
ATOM   344  C CG  . TYR A 1 59  ? -1.488  4.670   5.442   1.00 10.22 ? 39  TYR A CG  1 
ATOM   345  C CD1 . TYR A 1 59  ? -1.808  5.962   5.851   1.00 13.28 ? 39  TYR A CD1 1 
ATOM   346  C CD2 . TYR A 1 59  ? -0.902  4.471   4.179   1.00 9.25  ? 39  TYR A CD2 1 
ATOM   347  C CE1 . TYR A 1 59  ? -1.558  7.042   4.966   1.00 11.67 ? 39  TYR A CE1 1 
ATOM   348  C CE2 . TYR A 1 59  ? -0.604  5.538   3.260   1.00 10.46 ? 39  TYR A CE2 1 
ATOM   349  C CZ  . TYR A 1 59  ? -0.979  6.797   3.680   1.00 12.02 ? 39  TYR A CZ  1 
ATOM   350  O OH  . TYR A 1 59  ? -0.698  7.799   2.806   1.00 14.20 ? 39  TYR A OH  1 
ATOM   351  N N   . PRO A 1 60  ? -4.779  3.985   7.459   1.00 13.09 ? 40  PRO A N   1 
ATOM   352  C CA  . PRO A 1 60  ? -6.033  4.779   7.684   1.00 12.21 ? 40  PRO A CA  1 
ATOM   353  C C   . PRO A 1 60  ? -5.991  6.229   7.234   1.00 14.18 ? 40  PRO A C   1 
ATOM   354  O O   . PRO A 1 60  ? -6.912  6.685   6.542   1.00 14.95 ? 40  PRO A O   1 
ATOM   355  C CB  . PRO A 1 60  ? -6.358  4.583   9.141   1.00 13.81 ? 40  PRO A CB  1 
ATOM   356  C CG  . PRO A 1 60  ? -5.558  3.273   9.490   1.00 14.76 ? 40  PRO A CG  1 
ATOM   357  C CD  . PRO A 1 60  ? -4.370  3.146   8.617   1.00 14.30 ? 40  PRO A CD  1 
ATOM   358  N N   . LYS A 1 61  ? -4.960  6.972   7.583   1.00 14.86 ? 41  LYS A N   1 
ATOM   359  C CA  . LYS A 1 61  ? -5.003  8.438   7.422   1.00 14.69 ? 41  LYS A CA  1 
ATOM   360  C C   . LYS A 1 61  ? -3.577  8.959   7.434   1.00 14.95 ? 41  LYS A C   1 
ATOM   361  O O   . LYS A 1 61  ? -2.733  8.427   8.200   1.00 13.34 ? 41  LYS A O   1 
ATOM   362  C CB  . LYS A 1 61  ? -5.736  9.046   8.661   1.00 15.83 ? 41  LYS A CB  1 
ATOM   363  N N   . ASP A 1 62  ? -3.269  9.918   6.561   1.00 11.84 ? 42  ASP A N   1 
ATOM   364  C CA  . ASP A 1 62  ? -2.005  10.653  6.609   1.00 11.92 ? 42  ASP A CA  1 
ATOM   365  C C   . ASP A 1 62  ? -1.710  11.276  7.979   1.00 14.66 ? 42  ASP A C   1 
ATOM   366  O O   . ASP A 1 62  ? -2.640  11.663  8.679   1.00 15.91 ? 42  ASP A O   1 
ATOM   367  C CB  . ASP A 1 62  ? -2.090  11.790  5.567   1.00 12.46 ? 42  ASP A CB  1 
ATOM   368  C CG  . ASP A 1 62  ? -1.890  11.283  4.156   1.00 14.18 ? 42  ASP A CG  1 
ATOM   369  O OD1 . ASP A 1 62  ? -1.727  10.089  3.992   1.00 12.76 ? 42  ASP A OD1 1 
ATOM   370  O OD2 . ASP A 1 62  ? -1.820  12.108  3.220   1.00 14.87 ? 42  ASP A OD2 1 
ATOM   371  N N   . ASN A 1 63  ? -0.420  11.367  8.301   1.00 15.57 ? 43  ASN A N   1 
ATOM   372  C CA  . ASN A 1 63  ? 0.009   12.165  9.469   1.00 19.80 ? 43  ASN A CA  1 
ATOM   373  C C   . ASN A 1 63  ? -0.491  11.740  10.777  1.00 20.13 ? 43  ASN A C   1 
ATOM   374  O O   . ASN A 1 63  ? -0.901  12.632  11.553  1.00 25.77 ? 43  ASN A O   1 
ATOM   375  C CB  . ASN A 1 63  ? -0.611  13.542  9.362   1.00 20.94 ? 43  ASN A CB  1 
ATOM   376  C CG  . ASN A 1 63  ? -0.042  14.280  8.283   1.00 23.96 ? 43  ASN A CG  1 
ATOM   377  O OD1 . ASN A 1 63  ? -0.788  14.740  7.398   1.00 33.03 ? 43  ASN A OD1 1 
ATOM   378  N ND2 . ASN A 1 63  ? 1.246   14.492  8.317   1.00 33.56 ? 43  ASN A ND2 1 
ATOM   379  N N   . THR A 1 64  ? -0.580  10.426  11.032  1.00 16.63 ? 44  THR A N   1 
ATOM   380  C CA  . THR A 1 64  ? -0.832  9.893   12.345  1.00 16.47 ? 44  THR A CA  1 
ATOM   381  C C   . THR A 1 64  ? 0.437   9.203   12.847  1.00 16.90 ? 44  THR A C   1 
ATOM   382  O O   . THR A 1 64  ? 1.312   8.838   12.068  1.00 13.38 ? 44  THR A O   1 
ATOM   383  C CB  . THR A 1 64  ? -1.950  8.861   12.357  1.00 16.70 ? 44  THR A CB  1 
ATOM   384  O OG1 . THR A 1 64  ? -1.549  7.739   11.573  1.00 17.29 ? 44  THR A OG1 1 
ATOM   385  C CG2 . THR A 1 64  ? -3.228  9.470   11.733  1.00 18.10 ? 44  THR A CG2 1 
ATOM   386  N N   . PRO A 1 65  ? 0.519   9.011   14.159  1.00 16.52 ? 45  PRO A N   1 
ATOM   387  C CA  . PRO A 1 65  ? 1.741   8.321   14.632  1.00 16.75 ? 45  PRO A CA  1 
ATOM   388  C C   . PRO A 1 65  ? 1.934   6.926   13.975  1.00 15.85 ? 45  PRO A C   1 
ATOM   389  O O   . PRO A 1 65  ? 3.077   6.525   13.645  1.00 14.63 ? 45  PRO A O   1 
ATOM   390  C CB  . PRO A 1 65  ? 1.464   8.146   16.140  1.00 16.64 ? 45  PRO A CB  1 
ATOM   391  C CG  . PRO A 1 65  ? 0.566   9.422   16.497  1.00 16.86 ? 45  PRO A CG  1 
ATOM   392  C CD  . PRO A 1 65  ? -0.353  9.485   15.238  1.00 18.03 ? 45  PRO A CD  1 
ATOM   393  N N   . GLY A 1 66  ? 0.845   6.152   13.827  1.00 15.10 ? 46  GLY A N   1 
ATOM   394  C CA  . GLY A 1 66  ? 0.913   4.828   13.197  1.00 14.77 ? 46  GLY A CA  1 
ATOM   395  C C   . GLY A 1 66  ? 1.290   4.859   11.711  1.00 14.84 ? 46  GLY A C   1 
ATOM   396  O O   . GLY A 1 66  ? 2.095   4.070   11.203  1.00 14.01 ? 46  GLY A O   1 
ATOM   397  N N   . SER A 1 67  ? 0.688   5.783   10.960  1.00 13.23 ? 47  SER A N   1 
ATOM   398  C CA  A SER A 1 67  ? 0.976   5.807   9.533   0.50 13.67 ? 47  SER A CA  1 
ATOM   399  C CA  B SER A 1 67  ? 0.944   5.856   9.517   0.50 13.82 ? 47  SER A CA  1 
ATOM   400  C C   . SER A 1 67  ? 2.294   6.478   9.193   1.00 12.42 ? 47  SER A C   1 
ATOM   401  O O   . SER A 1 67  ? 2.931   6.111   8.243   1.00 12.65 ? 47  SER A O   1 
ATOM   402  C CB  A SER A 1 67  ? -0.237  6.358   8.750   0.50 13.85 ? 47  SER A CB  1 
ATOM   403  C CB  B SER A 1 67  ? -0.205  6.601   8.783   0.50 13.79 ? 47  SER A CB  1 
ATOM   404  O OG  A SER A 1 67  ? -1.346  5.591   9.154   0.50 14.26 ? 47  SER A OG  1 
ATOM   405  O OG  B SER A 1 67  ? -0.074  7.996   8.957   0.50 14.51 ? 47  SER A OG  1 
ATOM   406  N N   . SER A 1 68  ? 2.755   7.445   10.025  1.00 12.15 ? 48  SER A N   1 
ATOM   407  C CA  A SER A 1 68  ? 4.092   7.929   9.764   0.50 10.44 ? 48  SER A CA  1 
ATOM   408  C CA  B SER A 1 68  ? 4.092   7.975   9.892   0.50 10.42 ? 48  SER A CA  1 
ATOM   409  C C   . SER A 1 68  ? 5.171   6.921   10.184  1.00 8.72  ? 48  SER A C   1 
ATOM   410  O O   . SER A 1 68  ? 6.098   6.716   9.390   1.00 10.62 ? 48  SER A O   1 
ATOM   411  C CB  A SER A 1 68  ? 4.405   9.294   10.405  0.50 11.16 ? 48  SER A CB  1 
ATOM   412  C CB  B SER A 1 68  ? 4.288   9.180   10.826  0.50 11.31 ? 48  SER A CB  1 
ATOM   413  O OG  A SER A 1 68  ? 4.367   9.145   11.805  0.50 12.08 ? 48  SER A OG  1 
ATOM   414  O OG  B SER A 1 68  ? 3.331   10.196  10.556  0.50 11.34 ? 48  SER A OG  1 
ATOM   415  N N   A THR A 1 69  ? 4.985   6.201   11.273  0.00 4.97  ? 49  THR A N   1 
ATOM   416  N N   B THR A 1 69  ? 4.946   6.191   11.298  1.00 9.22  ? 49  THR A N   1 
ATOM   417  C CA  A THR A 1 69  ? 5.880   5.097   11.633  0.00 5.26  ? 49  THR A CA  1 
ATOM   418  C CA  B THR A 1 69  ? 5.866   5.077   11.620  1.00 11.28 ? 49  THR A CA  1 
ATOM   419  C C   A THR A 1 69  ? 5.892   4.040   10.531  0.00 5.17  ? 49  THR A C   1 
ATOM   420  C C   B THR A 1 69  ? 5.879   4.023   10.549  1.00 11.72 ? 49  THR A C   1 
ATOM   421  O O   A THR A 1 69  ? 6.959   3.642   10.059  0.00 3.96  ? 49  THR A O   1 
ATOM   422  O O   B THR A 1 69  ? 6.955   3.616   10.090  1.00 11.30 ? 49  THR A O   1 
ATOM   423  C CB  A THR A 1 69  ? 5.459   4.463   12.960  0.00 2.89  ? 49  THR A CB  1 
ATOM   424  C CB  B THR A 1 69  ? 5.437   4.465   12.957  1.00 10.13 ? 49  THR A CB  1 
ATOM   425  O OG1 A THR A 1 69  ? 5.475   5.445   14.015  0.00 4.90  ? 49  THR A OG1 1 
ATOM   426  O OG1 B THR A 1 69  ? 5.536   5.484   13.989  1.00 13.84 ? 49  THR A OG1 1 
ATOM   427  C CG2 A THR A 1 69  ? 6.402   3.344   13.312  0.00 3.98  ? 49  THR A CG2 1 
ATOM   428  C CG2 B THR A 1 69  ? 6.380   3.316   13.284  1.00 13.26 ? 49  THR A CG2 1 
ATOM   429  N N   . GLU A 1 70  ? 4.681   3.600   10.089  1.00 11.21 ? 50  GLU A N   1 
ATOM   430  C CA  . GLU A 1 70  ? 4.697   2.614   9.015   1.00 10.81 ? 50  GLU A CA  1 
ATOM   431  C C   . GLU A 1 70  ? 5.472   3.056   7.740   1.00 10.91 ? 50  GLU A C   1 
ATOM   432  O O   . GLU A 1 70  ? 6.247   2.316   7.181   1.00 13.17 ? 50  GLU A O   1 
ATOM   433  C CB  . GLU A 1 70  ? 3.254   2.165   8.629   1.00 10.70 ? 50  GLU A CB  1 
ATOM   434  C CG  . GLU A 1 70  ? 3.243   1.006   7.634   1.00 9.18  ? 50  GLU A CG  1 
ATOM   435  C CD  . GLU A 1 70  ? 1.855   0.489   7.390   1.00 10.46 ? 50  GLU A CD  1 
ATOM   436  O OE1 . GLU A 1 70  ? 0.843   1.172   7.734   1.00 11.30 ? 50  GLU A OE1 1 
ATOM   437  O OE2 . GLU A 1 70  ? 1.761   -0.626  6.824   1.00 11.43 ? 50  GLU A OE2 1 
ATOM   438  N N   . GLY A 1 71  ? 5.196   4.315   7.318   1.00 9.50  ? 51  GLY A N   1 
ATOM   439  C CA  . GLY A 1 71  ? 5.903   4.881   6.172   1.00 9.42  ? 51  GLY A CA  1 
ATOM   440  C C   . GLY A 1 71  ? 7.412   4.907   6.324   1.00 10.55 ? 51  GLY A C   1 
ATOM   441  O O   . GLY A 1 71  ? 8.149   4.668   5.440   1.00 11.33 ? 51  GLY A O   1 
ATOM   442  N N   . LEU A 1 72  ? 7.804   5.371   7.490   1.00 11.60 ? 52  LEU A N   1 
ATOM   443  C CA  . LEU A 1 72  ? 9.223   5.413   7.773   1.00 11.82 ? 52  LEU A CA  1 
ATOM   444  C C   . LEU A 1 72  ? 9.905   4.060   7.813   1.00 12.14 ? 52  LEU A C   1 
ATOM   445  O O   . LEU A 1 72  ? 11.082  3.946   7.279   1.00 12.88 ? 52  LEU A O   1 
ATOM   446  C CB  . LEU A 1 72  ? 9.513   6.157   9.090   1.00 11.42 ? 52  LEU A CB  1 
ATOM   447  C CG  . LEU A 1 72  ? 9.155   7.701   9.050   1.00 9.66  ? 52  LEU A CG  1 
ATOM   448  C CD1 . LEU A 1 72  ? 9.195   8.201   10.493  1.00 13.00 ? 52  LEU A CD1 1 
ATOM   449  C CD2 . LEU A 1 72  ? 10.183  8.466   8.122   1.00 11.53 ? 52  LEU A CD2 1 
ATOM   450  N N   . GLU A 1 73  ? 9.216   3.051   8.294   1.00 12.87 ? 53  GLU A N   1 
ATOM   451  C CA  . GLU A 1 73  ? 9.787   1.724   8.297   1.00 10.85 ? 53  GLU A CA  1 
ATOM   452  C C   . GLU A 1 73  ? 9.926   1.161   6.916   1.00 12.48 ? 53  GLU A C   1 
ATOM   453  O O   . GLU A 1 73  ? 10.936  0.536   6.586   1.00 13.97 ? 53  GLU A O   1 
ATOM   454  C CB  . GLU A 1 73  ? 9.033   0.789   9.242   1.00 11.49 ? 53  GLU A CB  1 
ATOM   455  C CG  . GLU A 1 73  ? 9.152   1.282   10.709  1.00 14.38 ? 53  GLU A CG  1 
ATOM   456  C CD  . GLU A 1 73  ? 8.763   0.248   11.726  1.00 15.93 ? 53  GLU A CD  1 
ATOM   457  O OE1 . GLU A 1 73  ? 8.241   -0.815  11.393  1.00 15.33 ? 53  GLU A OE1 1 
ATOM   458  O OE2 . GLU A 1 73  ? 8.959   0.536   12.952  1.00 17.82 ? 53  GLU A OE2 1 
ATOM   459  N N   . PHE A 1 74  ? 8.919   1.380   6.060   1.00 12.12 ? 54  PHE A N   1 
ATOM   460  C CA  . PHE A 1 74  ? 9.112   1.027   4.677   1.00 12.82 ? 54  PHE A CA  1 
ATOM   461  C C   . PHE A 1 74  ? 10.213  1.863   3.990   1.00 13.15 ? 54  PHE A C   1 
ATOM   462  O O   . PHE A 1 74  ? 10.957  1.347   3.198   1.00 15.45 ? 54  PHE A O   1 
ATOM   463  C CB  . PHE A 1 74  ? 7.786   1.167   3.909   1.00 11.28 ? 54  PHE A CB  1 
ATOM   464  C CG  . PHE A 1 74  ? 6.922   -0.028  3.988   1.00 10.88 ? 54  PHE A CG  1 
ATOM   465  C CD1 . PHE A 1 74  ? 7.312   -1.279  3.495   1.00 12.97 ? 54  PHE A CD1 1 
ATOM   466  C CD2 . PHE A 1 74  ? 5.698   0.116   4.676   1.00 9.53  ? 54  PHE A CD2 1 
ATOM   467  C CE1 . PHE A 1 74  ? 6.451   -2.439  3.667   1.00 10.52 ? 54  PHE A CE1 1 
ATOM   468  C CE2 . PHE A 1 74  ? 4.799   -0.916  4.865   1.00 9.18  ? 54  PHE A CE2 1 
ATOM   469  C CZ  . PHE A 1 74  ? 5.143   -2.257  4.321   1.00 9.66  ? 54  PHE A CZ  1 
ATOM   470  N N   . ASN A 1 75  ? 10.329  3.163   4.324   1.00 12.13 ? 55  ASN A N   1 
ATOM   471  C CA  . ASN A 1 75  ? 11.213  4.021   3.619   1.00 13.91 ? 55  ASN A CA  1 
ATOM   472  C C   . ASN A 1 75  ? 12.693  3.541   3.881   1.00 12.96 ? 55  ASN A C   1 
ATOM   473  O O   . ASN A 1 75  ? 13.522  3.514   2.932   1.00 15.83 ? 55  ASN A O   1 
ATOM   474  C CB  . ASN A 1 75  ? 10.995  5.436   4.157   1.00 13.98 ? 55  ASN A CB  1 
ATOM   475  C CG  . ASN A 1 75  ? 11.460  6.479   3.144   1.00 17.64 ? 55  ASN A CG  1 
ATOM   476  O OD1 . ASN A 1 75  ? 11.194  6.400   1.927   1.00 15.74 ? 55  ASN A OD1 1 
ATOM   477  N ND2 . ASN A 1 75  ? 12.231  7.414   3.650   1.00 22.47 ? 55  ASN A ND2 1 
ATOM   478  N N   . LEU A 1 76  ? 12.942  3.248   5.144   1.00 15.03 ? 56  LEU A N   1 
ATOM   479  C CA  . LEU A 1 76  ? 14.280  2.729   5.552   1.00 16.29 ? 56  LEU A CA  1 
ATOM   480  C C   . LEU A 1 76  ? 14.670  1.495   4.740   1.00 16.76 ? 56  LEU A C   1 
ATOM   481  O O   . LEU A 1 76  ? 15.876  1.335   4.433   1.00 17.36 ? 56  LEU A O   1 
ATOM   482  C CB  . LEU A 1 76  ? 14.245  2.380   7.039   1.00 16.20 ? 56  LEU A CB  1 
ATOM   483  C CG  . LEU A 1 76  ? 15.451  1.657   7.617   1.00 23.98 ? 56  LEU A CG  1 
ATOM   484  C CD1 . LEU A 1 76  ? 16.606  2.637   7.393   1.00 25.77 ? 56  LEU A CD1 1 
ATOM   485  C CD2 . LEU A 1 76  ? 15.111  1.483   9.152   1.00 23.74 ? 56  LEU A CD2 1 
ATOM   486  N N   . LEU A 1 77  ? 13.697  0.601   4.416   1.00 14.98 ? 57  LEU A N   1 
ATOM   487  C CA  . LEU A 1 77  ? 13.959  -0.702  3.819   1.00 14.20 ? 57  LEU A CA  1 
ATOM   488  C C   . LEU A 1 77  ? 13.906  -0.625  2.288   1.00 13.78 ? 57  LEU A C   1 
ATOM   489  O O   . LEU A 1 77  ? 14.118  -1.601  1.562   1.00 14.05 ? 57  LEU A O   1 
ATOM   490  C CB  . LEU A 1 77  ? 12.937  -1.749  4.324   1.00 14.66 ? 57  LEU A CB  1 
ATOM   491  C CG  . LEU A 1 77  ? 13.122  -2.029  5.832   1.00 16.28 ? 57  LEU A CG  1 
ATOM   492  C CD1 . LEU A 1 77  ? 12.089  -3.133  6.128   1.00 16.97 ? 57  LEU A CD1 1 
ATOM   493  C CD2 . LEU A 1 77  ? 14.579  -2.556  6.022   1.00 17.39 ? 57  LEU A CD2 1 
ATOM   494  N N   . LEU A 1 78  ? 13.435  0.544   1.802   1.00 15.87 ? 58  LEU A N   1 
ATOM   495  C CA  . LEU A 1 78  ? 13.143  0.645   0.387   1.00 16.78 ? 58  LEU A CA  1 
ATOM   496  C C   . LEU A 1 78  ? 14.326  0.098   -0.542  1.00 17.66 ? 58  LEU A C   1 
ATOM   497  O O   . LEU A 1 78  ? 14.097  -0.677  -1.523  1.00 17.29 ? 58  LEU A O   1 
ATOM   498  C CB  . LEU A 1 78  ? 12.543  2.035   -0.028  1.00 16.01 ? 58  LEU A CB  1 
ATOM   499  C CG  . LEU A 1 78  ? 12.078  2.055   -1.518  1.00 20.06 ? 58  LEU A CG  1 
ATOM   500  C CD1 . LEU A 1 78  ? 10.835  1.302   -1.829  1.00 26.10 ? 58  LEU A CD1 1 
ATOM   501  C CD2 . LEU A 1 78  ? 11.827  3.505   -1.930  1.00 18.87 ? 58  LEU A CD2 1 
ATOM   502  N N   . PRO A 1 79  ? 15.611  0.428   -0.218  1.00 18.58 ? 59  PRO A N   1 
ATOM   503  C CA  . PRO A 1 79  ? 16.703  -0.138  -1.057  1.00 20.48 ? 59  PRO A CA  1 
ATOM   504  C C   . PRO A 1 79  ? 16.790  -1.669  -1.026  1.00 19.69 ? 59  PRO A C   1 
ATOM   505  O O   . PRO A 1 79  ? 17.138  -2.323  -2.056  1.00 21.34 ? 59  PRO A O   1 
ATOM   506  C CB  . PRO A 1 79  ? 17.999  0.485   -0.457  1.00 23.21 ? 59  PRO A CB  1 
ATOM   507  C CG  . PRO A 1 79  ? 17.498  1.719   0.215   1.00 20.37 ? 59  PRO A CG  1 
ATOM   508  C CD  . PRO A 1 79  ? 16.131  1.313   0.833   1.00 20.31 ? 59  PRO A CD  1 
ATOM   509  N N   . GLN A 1 80  ? 16.455  -2.257  0.110   1.00 17.85 ? 60  GLN A N   1 
ATOM   510  C CA  . GLN A 1 80  ? 16.455  -3.689  0.172   1.00 16.37 ? 60  GLN A CA  1 
ATOM   511  C C   . GLN A 1 80  ? 15.340  -4.303  -0.666  1.00 16.94 ? 60  GLN A C   1 
ATOM   512  O O   . GLN A 1 80  ? 15.502  -5.332  -1.274  1.00 17.42 ? 60  GLN A O   1 
ATOM   513  C CB  . GLN A 1 80  ? 16.393  -4.171  1.615   1.00 17.55 ? 60  GLN A CB  1 
ATOM   514  C CG  . GLN A 1 80  ? 17.713  -3.744  2.447   1.00 21.54 ? 60  GLN A CG  1 
ATOM   515  C CD  . GLN A 1 80  ? 17.623  -4.279  3.823   1.00 17.91 ? 60  GLN A CD  1 
ATOM   516  O OE1 . GLN A 1 80  ? 17.596  -3.522  4.812   1.00 27.20 ? 60  GLN A OE1 1 
ATOM   517  N NE2 . GLN A 1 80  ? 17.628  -5.592  3.927   1.00 20.89 ? 60  GLN A NE2 1 
ATOM   518  N N   . PHE A 1 81  ? 14.161  -3.701  -0.654  1.00 15.82 ? 61  PHE A N   1 
ATOM   519  C CA  . PHE A 1 81  ? 13.114  -4.167  -1.561  1.00 15.48 ? 61  PHE A CA  1 
ATOM   520  C C   . PHE A 1 81  ? 13.546  -4.036  -3.041  1.00 17.10 ? 61  PHE A C   1 
ATOM   521  O O   . PHE A 1 81  ? 13.297  -4.922  -3.873  1.00 18.01 ? 61  PHE A O   1 
ATOM   522  C CB  . PHE A 1 81  ? 11.803  -3.365  -1.397  1.00 14.91 ? 61  PHE A CB  1 
ATOM   523  C CG  . PHE A 1 81  ? 11.031  -3.702  -0.141  1.00 13.65 ? 61  PHE A CG  1 
ATOM   524  C CD1 . PHE A 1 81  ? 10.203  -4.849  -0.163  1.00 14.07 ? 61  PHE A CD1 1 
ATOM   525  C CD2 . PHE A 1 81  ? 11.085  -2.956  1.005   1.00 12.11 ? 61  PHE A CD2 1 
ATOM   526  C CE1 . PHE A 1 81  ? 9.478   -5.231  0.934   1.00 12.87 ? 61  PHE A CE1 1 
ATOM   527  C CE2 . PHE A 1 81  ? 10.285  -3.337  2.203   1.00 12.44 ? 61  PHE A CE2 1 
ATOM   528  C CZ  . PHE A 1 81  ? 9.523   -4.488  2.117   1.00 11.99 ? 61  PHE A CZ  1 
ATOM   529  N N   . GLU A 1 82  ? 14.058  -2.865  -3.384  1.00 20.06 ? 62  GLU A N   1 
ATOM   530  C CA  . GLU A 1 82  ? 14.411  -2.607  -4.815  1.00 22.77 ? 62  GLU A CA  1 
ATOM   531  C C   . GLU A 1 82  ? 15.508  -3.561  -5.301  1.00 24.27 ? 62  GLU A C   1 
ATOM   532  O O   . GLU A 1 82  ? 15.549  -3.923  -6.482  1.00 25.94 ? 62  GLU A O   1 
ATOM   533  C CB  . GLU A 1 82  ? 14.721  -1.127  -5.016  1.00 24.30 ? 62  GLU A CB  1 
ATOM   534  C CG  . GLU A 1 82  ? 13.520  -0.227  -4.795  1.00 27.94 ? 62  GLU A CG  1 
ATOM   535  C CD  . GLU A 1 82  ? 13.939  1.214   -4.794  1.00 34.48 ? 62  GLU A CD  1 
ATOM   536  O OE1 . GLU A 1 82  ? 13.171  2.047   -5.245  1.00 35.12 ? 62  GLU A OE1 1 
ATOM   537  O OE2 . GLU A 1 82  ? 15.065  1.491   -4.354  1.00 39.20 ? 62  GLU A OE2 1 
ATOM   538  N N   . GLN A 1 83  ? 16.343  -4.018  -4.390  1.00 24.31 ? 63  GLN A N   1 
ATOM   539  C CA  . GLN A 1 83  ? 17.382  -4.909  -4.723  1.00 26.92 ? 63  GLN A CA  1 
ATOM   540  C C   . GLN A 1 83  ? 16.879  -6.294  -5.148  1.00 26.03 ? 63  GLN A C   1 
ATOM   541  O O   . GLN A 1 83  ? 17.639  -7.065  -5.732  1.00 27.40 ? 63  GLN A O   1 
ATOM   542  C CB  . GLN A 1 83  ? 18.364  -4.955  -3.561  1.00 26.78 ? 63  GLN A CB  1 
ATOM   543  C CG  . GLN A 1 83  ? 19.095  -6.208  -3.356  1.00 34.08 ? 63  GLN A CG  1 
ATOM   544  C CD  . GLN A 1 83  ? 20.154  -6.058  -2.238  1.00 37.62 ? 63  GLN A CD  1 
ATOM   545  O OE1 . GLN A 1 83  ? 19.905  -5.482  -1.164  1.00 38.33 ? 63  GLN A OE1 1 
ATOM   546  N NE2 . GLN A 1 83  ? 21.358  -6.553  -2.515  1.00 43.21 ? 63  GLN A NE2 1 
ATOM   547  N N   . ILE A 1 84  ? 15.644  -6.660  -4.788  1.00 23.18 ? 64  ILE A N   1 
ATOM   548  C CA  . ILE A 1 84  ? 15.068  -7.933  -5.217  1.00 22.47 ? 64  ILE A CA  1 
ATOM   549  C C   . ILE A 1 84  ? 13.784  -7.694  -6.021  1.00 20.96 ? 64  ILE A C   1 
ATOM   550  O O   . ILE A 1 84  ? 12.813  -8.509  -6.015  1.00 20.98 ? 64  ILE A O   1 
ATOM   551  C CB  . ILE A 1 84  ? 14.872  -8.882  -4.024  1.00 23.83 ? 64  ILE A CB  1 
ATOM   552  C CG1 . ILE A 1 84  ? 14.082  -8.198  -2.926  1.00 23.38 ? 64  ILE A CG1 1 
ATOM   553  C CG2 . ILE A 1 84  ? 16.257  -9.244  -3.351  1.00 23.11 ? 64  ILE A CG2 1 
ATOM   554  C CD1 . ILE A 1 84  ? 13.870  -9.073  -1.601  1.00 29.66 ? 64  ILE A CD1 1 
ATOM   555  N N   . ASN A 1 85  ? 13.807  -6.578  -6.745  1.00 19.76 ? 65  ASN A N   1 
ATOM   556  C CA  . ASN A 1 85  ? 12.867  -6.350  -7.820  1.00 21.76 ? 65  ASN A CA  1 
ATOM   557  C C   . ASN A 1 85  ? 11.455  -6.111  -7.240  1.00 20.47 ? 65  ASN A C   1 
ATOM   558  O O   . ASN A 1 85  ? 10.422  -6.562  -7.781  1.00 21.39 ? 65  ASN A O   1 
ATOM   559  C CB  . ASN A 1 85  ? 12.890  -7.503  -8.876  1.00 23.10 ? 65  ASN A CB  1 
ATOM   560  C CG  . ASN A 1 85  ? 12.070  -7.185  -10.089 1.00 27.14 ? 65  ASN A CG  1 
ATOM   561  O OD1 . ASN A 1 85  ? 12.011  -6.041  -10.543 1.00 35.05 ? 65  ASN A OD1 1 
ATOM   562  N ND2 . ASN A 1 85  ? 11.397  -8.190  -10.614 1.00 31.78 ? 65  ASN A ND2 1 
ATOM   563  N N   . ALA A 1 86  ? 11.421  -5.394  -6.098  1.00 18.92 ? 66  ALA A N   1 
ATOM   564  C CA  . ALA A 1 86  ? 10.138  -5.084  -5.448  1.00 17.06 ? 66  ALA A CA  1 
ATOM   565  C C   . ALA A 1 86  ? 10.080  -3.589  -5.192  1.00 18.35 ? 66  ALA A C   1 
ATOM   566  O O   . ALA A 1 86  ? 11.097  -2.915  -5.009  1.00 18.93 ? 66  ALA A O   1 
ATOM   567  C CB  . ALA A 1 86  ? 9.974   -5.810  -4.058  1.00 17.38 ? 66  ALA A CB  1 
ATOM   568  N N   . THR A 1 87  ? 8.870   -3.075  -5.151  1.00 18.47 ? 67  THR A N   1 
ATOM   569  C CA  . THR A 1 87  ? 8.815   -1.711  -4.737  1.00 18.12 ? 67  THR A CA  1 
ATOM   570  C C   . THR A 1 87  ? 7.552   -1.563  -3.864  1.00 17.65 ? 67  THR A C   1 
ATOM   571  O O   . THR A 1 87  ? 6.739   -2.482  -3.733  1.00 17.80 ? 67  THR A O   1 
ATOM   572  C CB  . THR A 1 87  ? 8.747   -0.816  -5.933  1.00 19.36 ? 67  THR A CB  1 
ATOM   573  O OG1 . THR A 1 87  ? 8.846   0.546   -5.471  1.00 20.79 ? 67  THR A OG1 1 
ATOM   574  C CG2 . THR A 1 87  ? 7.489   -1.052  -6.781  1.00 23.57 ? 67  THR A CG2 1 
ATOM   575  N N   . VAL A 1 88  ? 7.398   -0.373  -3.309  1.00 15.02 ? 68  VAL A N   1 
ATOM   576  C CA  . VAL A 1 88  ? 6.357   -0.149  -2.322  1.00 13.31 ? 68  VAL A CA  1 
ATOM   577  C C   . VAL A 1 88  ? 5.468   0.980   -2.729  1.00 12.92 ? 68  VAL A C   1 
ATOM   578  O O   . VAL A 1 88  ? 5.992   1.983   -3.232  1.00 15.47 ? 68  VAL A O   1 
ATOM   579  C CB  . VAL A 1 88  ? 6.992   0.260   -0.967  1.00 13.42 ? 68  VAL A CB  1 
ATOM   580  C CG1 . VAL A 1 88  ? 5.932   0.620   0.118   1.00 14.41 ? 68  VAL A CG1 1 
ATOM   581  C CG2 . VAL A 1 88  ? 7.963   -0.956  -0.456  1.00 13.28 ? 68  VAL A CG2 1 
ATOM   582  N N   . LEU A 1 89  ? 4.158   0.833   -2.519  1.00 10.76 ? 69  LEU A N   1 
ATOM   583  C CA  . LEU A 1 89  ? 3.221   1.950   -2.704  1.00 11.47 ? 69  LEU A CA  1 
ATOM   584  C C   . LEU A 1 89  ? 2.334   1.972   -1.484  1.00 12.17 ? 69  LEU A C   1 
ATOM   585  O O   . LEU A 1 89  ? 1.699   0.945   -1.131  1.00 13.20 ? 69  LEU A O   1 
ATOM   586  C CB  . LEU A 1 89  ? 2.295   1.619   -3.895  1.00 14.61 ? 69  LEU A CB  1 
ATOM   587  C CG  . LEU A 1 89  ? 2.629   2.005   -5.305  1.00 20.40 ? 69  LEU A CG  1 
ATOM   588  C CD1 . LEU A 1 89  ? 1.281   1.701   -6.062  1.00 17.01 ? 69  LEU A CD1 1 
ATOM   589  C CD2 . LEU A 1 89  ? 2.946   3.521   -5.408  1.00 21.78 ? 69  LEU A CD2 1 
ATOM   590  N N   . GLY A 1 90  ? 2.211   3.146   -0.824  1.00 12.55 ? 70  GLY A N   1 
ATOM   591  C CA  . GLY A 1 90  ? 1.254   3.258   0.261   1.00 11.73 ? 70  GLY A CA  1 
ATOM   592  C C   . GLY A 1 90  ? -0.078  3.828   -0.314  1.00 12.50 ? 70  GLY A C   1 
ATOM   593  O O   . GLY A 1 90  ? -0.065  4.505   -1.377  1.00 14.15 ? 70  GLY A O   1 
ATOM   594  N N   . VAL A 1 91  ? -1.134  3.582   0.382   1.00 10.62 ? 71  VAL A N   1 
ATOM   595  C CA  . VAL A 1 91  ? -2.527  3.998   -0.004  1.00 9.76  ? 71  VAL A CA  1 
ATOM   596  C C   . VAL A 1 91  ? -3.384  4.476   1.138   1.00 11.44 ? 71  VAL A C   1 
ATOM   597  O O   . VAL A 1 91  ? -3.516  3.793   2.192   1.00 10.76 ? 71  VAL A O   1 
ATOM   598  C CB  . VAL A 1 91  ? -3.265  2.796   -0.644  1.00 11.12 ? 71  VAL A CB  1 
ATOM   599  C CG1 . VAL A 1 91  ? -4.603  3.309   -1.303  1.00 14.67 ? 71  VAL A CG1 1 
ATOM   600  C CG2 . VAL A 1 91  ? -2.416  2.066   -1.701  1.00 9.65  ? 71  VAL A CG2 1 
ATOM   601  N N   . SER A 1 92  ? -4.021  5.669   0.989   1.00 9.59  ? 72  SER A N   1 
ATOM   602  C CA  . SER A 1 92  ? -5.179  6.051   1.860   1.00 10.55 ? 72  SER A CA  1 
ATOM   603  C C   . SER A 1 92  ? -6.081  6.880   0.983   1.00 12.88 ? 72  SER A C   1 
ATOM   604  O O   . SER A 1 92  ? -5.737  7.053   -0.146  1.00 12.40 ? 72  SER A O   1 
ATOM   605  C CB  . SER A 1 92  ? -4.692  6.895   3.041   1.00 12.25 ? 72  SER A CB  1 
ATOM   606  O OG  . SER A 1 92  ? -4.382  8.223   2.649   1.00 12.80 ? 72  SER A OG  1 
ATOM   607  N N   . ARG A 1 93  ? -7.207  7.301   1.527   1.00 13.96 ? 73  ARG A N   1 
ATOM   608  C CA  . ARG A 1 93  ? -8.147  8.065   0.679   1.00 13.75 ? 73  ARG A CA  1 
ATOM   609  C C   . ARG A 1 93  ? -7.821  9.578   0.796   1.00 15.42 ? 73  ARG A C   1 
ATOM   610  O O   . ARG A 1 93  ? -8.569  10.426  0.251   1.00 18.83 ? 73  ARG A O   1 
ATOM   611  C CB  . ARG A 1 93  ? -9.524  7.814   1.166   1.00 12.97 ? 73  ARG A CB  1 
ATOM   612  C CG  . ARG A 1 93  ? -9.971  6.394   1.017   1.00 14.72 ? 73  ARG A CG  1 
ATOM   613  C CD  . ARG A 1 93  ? -9.905  6.117   2.620   1.00 32.45 ? 73  ARG A CD  1 
ATOM   614  N NE  . ARG A 1 93  ? -11.296 6.072   2.953   1.00 23.24 ? 73  ARG A NE  1 
ATOM   615  C CZ  . ARG A 1 93  ? -12.065 6.221   4.027   1.00 26.36 ? 73  ARG A CZ  1 
ATOM   616  N NH1 . ARG A 1 93  ? -11.727 6.360   5.315   1.00 26.41 ? 73  ARG A NH1 1 
ATOM   617  N NH2 . ARG A 1 93  ? -13.364 6.107   3.709   1.00 21.79 ? 73  ARG A NH2 1 
ATOM   618  N N   . ASP A 1 94  ? -6.738  9.969   1.421   1.00 14.01 ? 74  ASP A N   1 
ATOM   619  C CA  . ASP A 1 94  ? -6.421  11.422  1.532   1.00 12.95 ? 74  ASP A CA  1 
ATOM   620  C C   . ASP A 1 94  ? -6.027  11.971  0.185   1.00 12.82 ? 74  ASP A C   1 
ATOM   621  O O   . ASP A 1 94  ? -5.697  11.286  -0.753  1.00 13.64 ? 74  ASP A O   1 
ATOM   622  C CB  . ASP A 1 94  ? -5.200  11.611  2.492   1.00 13.95 ? 74  ASP A CB  1 
ATOM   623  C CG  . ASP A 1 94  ? -5.560  11.223  3.894   1.00 19.90 ? 74  ASP A CG  1 
ATOM   624  O OD1 . ASP A 1 94  ? -6.408  11.906  4.508   1.00 21.51 ? 74  ASP A OD1 1 
ATOM   625  O OD2 . ASP A 1 94  ? -5.031  10.151  4.383   1.00 15.64 ? 74  ASP A OD2 1 
ATOM   626  N N   . SER A 1 95  ? -6.157  13.300  0.089   1.00 15.60 ? 75  SER A N   1 
ATOM   627  C CA  . SER A 1 95  ? -5.854  13.947  -1.142  1.00 14.36 ? 75  SER A CA  1 
ATOM   628  C C   . SER A 1 95  ? -4.434  13.915  -1.576  1.00 15.60 ? 75  SER A C   1 
ATOM   629  O O   . SER A 1 95  ? -3.491  13.623  -0.775  1.00 13.66 ? 75  SER A O   1 
ATOM   630  C CB  . SER A 1 95  ? -6.246  15.419  -1.043  1.00 16.90 ? 75  SER A CB  1 
ATOM   631  O OG  . SER A 1 95  ? -5.448  16.088  -0.027  1.00 17.76 ? 75  SER A OG  1 
ATOM   632  N N   . VAL A 1 96  ? -4.156  14.181  -2.862  1.00 15.87 ? 76  VAL A N   1 
ATOM   633  C CA  . VAL A 1 96  ? -2.801  14.398  -3.302  1.00 16.08 ? 76  VAL A CA  1 
ATOM   634  C C   . VAL A 1 96  ? -2.081  15.517  -2.486  1.00 15.73 ? 76  VAL A C   1 
ATOM   635  O O   . VAL A 1 96  ? -0.882  15.387  -2.168  1.00 14.77 ? 76  VAL A O   1 
ATOM   636  C CB  . VAL A 1 96  ? -2.717  14.713  -4.827  1.00 16.99 ? 76  VAL A CB  1 
ATOM   637  C CG1 . VAL A 1 96  ? -1.262  15.012  -5.243  1.00 19.60 ? 76  VAL A CG1 1 
ATOM   638  C CG2 . VAL A 1 96  ? -3.232  13.452  -5.574  1.00 18.22 ? 76  VAL A CG2 1 
ATOM   639  N N   . LYS A 1 97  ? -2.794  16.605  -2.227  1.00 16.57 ? 77  LYS A N   1 
ATOM   640  C CA  . LYS A 1 97  ? -2.162  17.699  -1.436  1.00 16.41 ? 77  LYS A CA  1 
ATOM   641  C C   . LYS A 1 97  ? -1.730  17.228  -0.097  1.00 16.28 ? 77  LYS A C   1 
ATOM   642  O O   . LYS A 1 97  ? -0.547  17.477  0.318   1.00 17.14 ? 77  LYS A O   1 
ATOM   643  C CB  . LYS A 1 97  ? -3.179  18.837  -1.287  1.00 18.12 ? 77  LYS A CB  1 
ATOM   644  C CG  . LYS A 1 97  ? -2.627  19.957  -0.499  1.00 23.40 ? 77  LYS A CG  1 
ATOM   645  C CD  . LYS A 1 97  ? -3.655  21.104  -0.432  1.00 32.96 ? 77  LYS A CD  1 
ATOM   646  C CE  . LYS A 1 97  ? -3.209  22.173  -1.342  1.00 38.77 ? 77  LYS A CE  1 
ATOM   647  N NZ  . LYS A 1 97  ? -3.336  21.661  -2.700  1.00 42.45 ? 77  LYS A NZ  1 
ATOM   648  N N   . SER A 1 98  ? -2.619  16.480  0.539   1.00 14.25 ? 78  SER A N   1 
ATOM   649  C CA  . SER A 1 98  ? -2.289  15.915  1.882   1.00 15.17 ? 78  SER A CA  1 
ATOM   650  C C   . SER A 1 98  ? -1.062  14.998  1.759   1.00 14.22 ? 78  SER A C   1 
ATOM   651  O O   . SER A 1 98  ? -0.114  14.985  2.625   1.00 14.63 ? 78  SER A O   1 
ATOM   652  C CB  . SER A 1 98  ? -3.468  15.098  2.383   1.00 16.31 ? 78  SER A CB  1 
ATOM   653  O OG  . SER A 1 98  ? -3.161  14.499  3.681   1.00 15.37 ? 78  SER A OG  1 
ATOM   654  N N   . HIS A 1 99  ? -1.108  14.080  0.783   1.00 13.12 ? 79  HIS A N   1 
ATOM   655  C CA  . HIS A 1 99  ? 0.057   13.164  0.550   1.00 12.57 ? 79  HIS A CA  1 
ATOM   656  C C   . HIS A 1 99  ? 1.376   13.886  0.310   1.00 12.28 ? 79  HIS A C   1 
ATOM   657  O O   . HIS A 1 99  ? 2.424   13.456  0.769   1.00 14.95 ? 79  HIS A O   1 
ATOM   658  C CB  . HIS A 1 99  ? -0.203  12.257  -0.665  1.00 12.13 ? 79  HIS A CB  1 
ATOM   659  C CG  . HIS A 1 99  ? -1.159  11.131  -0.392  1.00 13.09 ? 79  HIS A CG  1 
ATOM   660  N ND1 . HIS A 1 99  ? -1.686  10.872  0.857   1.00 11.40 ? 79  HIS A ND1 1 
ATOM   661  C CD2 . HIS A 1 99  ? -1.613  10.139  -1.208  1.00 15.59 ? 79  HIS A CD2 1 
ATOM   662  C CE1 . HIS A 1 99  ? -2.427  9.771   0.800   1.00 12.19 ? 79  HIS A CE1 1 
ATOM   663  N NE2 . HIS A 1 99  ? -2.418  9.338   -0.448  1.00 14.76 ? 79  HIS A NE2 1 
ATOM   664  N N   . ASP A 1 100 ? 1.337   14.990  -0.487  1.00 12.90 ? 80  ASP A N   1 
ATOM   665  C CA  . ASP A 1 100 ? 2.570   15.677  -0.735  1.00 13.16 ? 80  ASP A CA  1 
ATOM   666  C C   . ASP A 1 100 ? 3.106   16.287  0.539   1.00 11.94 ? 80  ASP A C   1 
ATOM   667  O O   . ASP A 1 100 ? 4.332   16.235  0.713   1.00 13.80 ? 80  ASP A O   1 
ATOM   668  C CB  . ASP A 1 100 ? 2.340   16.788  -1.758  1.00 13.56 ? 80  ASP A CB  1 
ATOM   669  C CG  . ASP A 1 100 ? 2.048   16.223  -3.127  1.00 16.65 ? 80  ASP A CG  1 
ATOM   670  O OD1 . ASP A 1 100 ? 2.405   15.079  -3.435  1.00 18.20 ? 80  ASP A OD1 1 
ATOM   671  O OD2 . ASP A 1 100 ? 1.516   16.995  -3.983  1.00 19.87 ? 80  ASP A OD2 1 
ATOM   672  N N   . SER A 1 101 ? 2.223   16.831  1.379   1.00 10.72 ? 81  SER A N   1 
ATOM   673  C CA  . SER A 1 101 ? 2.728   17.436  2.686   1.00 12.40 ? 81  SER A CA  1 
ATOM   674  C C   . SER A 1 101 ? 3.307   16.359  3.578   1.00 12.80 ? 81  SER A C   1 
ATOM   675  O O   . SER A 1 101 ? 4.380   16.558  4.186   1.00 12.99 ? 81  SER A O   1 
ATOM   676  C CB  . SER A 1 101 ? 1.668   18.168  3.391   1.00 13.87 ? 81  SER A CB  1 
ATOM   677  O OG  . SER A 1 101 ? 1.329   19.271  2.541   1.00 16.26 ? 81  SER A OG  1 
ATOM   678  N N   . PHE A 1 102 ? 2.697   15.193  3.525   1.00 12.63 ? 82  PHE A N   1 
ATOM   679  C CA  . PHE A 1 102 ? 3.114   14.049  4.421   1.00 12.74 ? 82  PHE A CA  1 
ATOM   680  C C   . PHE A 1 102 ? 4.411   13.490  3.904   1.00 16.17 ? 82  PHE A C   1 
ATOM   681  O O   . PHE A 1 102 ? 5.371   13.275  4.708   1.00 14.34 ? 82  PHE A O   1 
ATOM   682  C CB  . PHE A 1 102 ? 1.972   12.991  4.358   1.00 12.60 ? 82  PHE A CB  1 
ATOM   683  C CG  . PHE A 1 102 ? 2.157   11.801  5.251   1.00 13.26 ? 82  PHE A CG  1 
ATOM   684  C CD1 . PHE A 1 102 ? 1.543   10.616  4.850   1.00 14.78 ? 82  PHE A CD1 1 
ATOM   685  C CD2 . PHE A 1 102 ? 2.650   11.958  6.548   1.00 15.08 ? 82  PHE A CD2 1 
ATOM   686  C CE1 . PHE A 1 102 ? 1.549   9.445   5.699   1.00 14.67 ? 82  PHE A CE1 1 
ATOM   687  C CE2 . PHE A 1 102 ? 2.675   10.810  7.422   1.00 13.44 ? 82  PHE A CE2 1 
ATOM   688  C CZ  . PHE A 1 102 ? 2.131   9.631   7.002   1.00 13.46 ? 82  PHE A CZ  1 
ATOM   689  N N   . CYS A 1 103 ? 4.545   13.217  2.574   1.00 12.58 ? 83  CYS A N   1 
ATOM   690  C CA  A CYS A 1 103 ? 5.820   12.807  1.967   0.50 13.46 ? 83  CYS A CA  1 
ATOM   691  C CA  B CYS A 1 103 ? 5.837   12.726  2.087   0.50 16.59 ? 83  CYS A CA  1 
ATOM   692  C C   . CYS A 1 103 ? 6.952   13.742  2.280   1.00 16.04 ? 83  CYS A C   1 
ATOM   693  O O   . CYS A 1 103 ? 8.061   13.353  2.598   1.00 15.78 ? 83  CYS A O   1 
ATOM   694  C CB  A CYS A 1 103 ? 5.704   12.683  0.425   0.50 14.55 ? 83  CYS A CB  1 
ATOM   695  C CB  B CYS A 1 103 ? 5.825   12.197  0.631   0.50 19.45 ? 83  CYS A CB  1 
ATOM   696  S SG  A CYS A 1 103 ? 4.772   11.200  -0.015  0.50 13.43 ? 83  CYS A SG  1 
ATOM   697  S SG  B CYS A 1 103 ? 5.347   13.403  -0.464  0.50 30.68 ? 83  CYS A SG  1 
ATOM   698  N N   . ALA A 1 104 ? 6.684   15.043  2.136   1.00 13.73 ? 84  ALA A N   1 
ATOM   699  C CA  . ALA A 1 104 ? 7.753   15.996  2.369   1.00 14.78 ? 84  ALA A CA  1 
ATOM   700  C C   . ALA A 1 104 ? 8.170   16.014  3.798   1.00 14.05 ? 84  ALA A C   1 
ATOM   701  O O   . ALA A 1 104 ? 9.382   16.045  4.088   1.00 15.97 ? 84  ALA A O   1 
ATOM   702  C CB  . ALA A 1 104 ? 7.286   17.385  1.962   1.00 14.36 ? 84  ALA A CB  1 
ATOM   703  N N   . LYS A 1 105 ? 7.194   16.089  4.680   1.00 13.97 ? 85  LYS A N   1 
ATOM   704  C CA  . LYS A 1 105 ? 7.514   16.179  6.144   1.00 14.62 ? 85  LYS A CA  1 
ATOM   705  C C   . LYS A 1 105 ? 8.324   14.983  6.551   1.00 15.74 ? 85  LYS A C   1 
ATOM   706  O O   . LYS A 1 105 ? 9.287   15.083  7.369   1.00 14.75 ? 85  LYS A O   1 
ATOM   707  C CB  . LYS A 1 105 ? 6.249   16.183  6.914   1.00 15.03 ? 85  LYS A CB  1 
ATOM   708  C CG  . LYS A 1 105 ? 6.434   16.323  8.542   1.00 14.87 ? 85  LYS A CG  1 
ATOM   709  C CD  . LYS A 1 105 ? 5.115   16.471  9.228   1.00 18.13 ? 85  LYS A CD  1 
ATOM   710  C CE  . LYS A 1 105 ? 5.147   16.195  10.757  1.00 28.08 ? 85  LYS A CE  1 
ATOM   711  N NZ  . LYS A 1 105 ? 6.421   16.642  11.388  1.00 32.86 ? 85  LYS A NZ  1 
ATOM   712  N N   . GLN A 1 106 ? 7.900   13.805  6.095   1.00 14.06 ? 86  GLN A N   1 
ATOM   713  C CA  . GLN A 1 106 ? 8.612   12.550  6.571   1.00 13.07 ? 86  GLN A CA  1 
ATOM   714  C C   . GLN A 1 106 ? 9.816   12.173  5.762   1.00 14.17 ? 86  GLN A C   1 
ATOM   715  O O   . GLN A 1 106 ? 10.521  11.210  6.161   1.00 18.33 ? 86  GLN A O   1 
ATOM   716  C CB  . GLN A 1 106 ? 7.593   11.390  6.624   1.00 13.89 ? 86  GLN A CB  1 
ATOM   717  C CG  . GLN A 1 106 ? 6.339   11.627  7.432   1.00 15.15 ? 86  GLN A CG  1 
ATOM   718  C CD  . GLN A 1 106 ? 6.571   11.799  8.966   1.00 20.24 ? 86  GLN A CD  1 
ATOM   719  O OE1 . GLN A 1 106 ? 7.520   11.252  9.469   1.00 23.40 ? 86  GLN A OE1 1 
ATOM   720  N NE2 . GLN A 1 106 ? 5.675   12.481  9.676   1.00 23.55 ? 86  GLN A NE2 1 
ATOM   721  N N   . GLY A 1 107 ? 9.978   12.724  4.554   1.00 15.77 ? 87  GLY A N   1 
ATOM   722  C CA  . GLY A 1 107 ? 10.983  12.361  3.627   1.00 16.60 ? 87  GLY A CA  1 
ATOM   723  C C   . GLY A 1 107 ? 10.813  11.030  2.950   1.00 17.15 ? 87  GLY A C   1 
ATOM   724  O O   . GLY A 1 107 ? 11.812  10.322  2.598   1.00 18.51 ? 87  GLY A O   1 
ATOM   725  N N   . PHE A 1 108 ? 9.552   10.663  2.700   1.00 15.85 ? 88  PHE A N   1 
ATOM   726  C CA  . PHE A 1 108 ? 9.332   9.407   1.976   1.00 15.54 ? 88  PHE A CA  1 
ATOM   727  C C   . PHE A 1 108 ? 9.873   9.457   0.534   1.00 18.57 ? 88  PHE A C   1 
ATOM   728  O O   . PHE A 1 108 ? 9.695   10.485  -0.217  1.00 18.11 ? 88  PHE A O   1 
ATOM   729  C CB  . PHE A 1 108 ? 7.823   9.074   1.872   1.00 16.07 ? 88  PHE A CB  1 
ATOM   730  C CG  . PHE A 1 108 ? 7.144   8.835   3.172   1.00 14.63 ? 88  PHE A CG  1 
ATOM   731  C CD1 . PHE A 1 108 ? 7.852   8.435   4.349   1.00 12.50 ? 88  PHE A CD1 1 
ATOM   732  C CD2 . PHE A 1 108 ? 5.753   9.035   3.263   1.00 15.16 ? 88  PHE A CD2 1 
ATOM   733  C CE1 . PHE A 1 108 ? 7.179   8.190   5.527   1.00 10.92 ? 88  PHE A CE1 1 
ATOM   734  C CE2 . PHE A 1 108 ? 5.022   8.783   4.469   1.00 14.08 ? 88  PHE A CE2 1 
ATOM   735  C CZ  . PHE A 1 108 ? 5.759   8.383   5.655   1.00 11.14 ? 88  PHE A CZ  1 
ATOM   736  N N   . THR A 1 109 ? 10.488  8.359   0.132   1.00 17.71 ? 89  THR A N   1 
ATOM   737  C CA  . THR A 1 109 ? 11.065  8.265   -1.243  1.00 19.29 ? 89  THR A CA  1 
ATOM   738  C C   . THR A 1 109 ? 10.205  7.447   -2.214  1.00 20.06 ? 89  THR A C   1 
ATOM   739  O O   . THR A 1 109 ? 10.481  7.437   -3.416  1.00 23.84 ? 89  THR A O   1 
ATOM   740  C CB  . THR A 1 109 ? 12.556  7.793   -1.273  1.00 22.57 ? 89  THR A CB  1 
ATOM   741  O OG1 . THR A 1 109 ? 12.677  6.563   -0.615  1.00 27.14 ? 89  THR A OG1 1 
ATOM   742  C CG2 . THR A 1 109 ? 13.413  8.734   -0.575  1.00 25.03 ? 89  THR A CG2 1 
ATOM   743  N N   . PHE A 1 110 ? 9.189   6.762   -1.698  1.00 16.64 ? 90  PHE A N   1 
ATOM   744  C CA  . PHE A 1 110 ? 8.244   5.989   -2.532  1.00 15.27 ? 90  PHE A CA  1 
ATOM   745  C C   . PHE A 1 110 ? 6.894   6.764   -2.574  1.00 15.49 ? 90  PHE A C   1 
ATOM   746  O O   . PHE A 1 110 ? 6.619   7.659   -1.744  1.00 16.77 ? 90  PHE A O   1 
ATOM   747  C CB  . PHE A 1 110 ? 8.067   4.562   -1.879  1.00 15.85 ? 90  PHE A CB  1 
ATOM   748  C CG  . PHE A 1 110 ? 7.549   4.650   -0.468  1.00 14.29 ? 90  PHE A CG  1 
ATOM   749  C CD1 . PHE A 1 110 ? 6.159   4.708   -0.189  1.00 11.72 ? 90  PHE A CD1 1 
ATOM   750  C CD2 . PHE A 1 110 ? 8.400   4.732   0.589   1.00 14.45 ? 90  PHE A CD2 1 
ATOM   751  C CE1 . PHE A 1 110 ? 5.593   4.826   1.059   1.00 13.01 ? 90  PHE A CE1 1 
ATOM   752  C CE2 . PHE A 1 110 ? 7.830   4.857   1.927   1.00 16.16 ? 90  PHE A CE2 1 
ATOM   753  C CZ  . PHE A 1 110 ? 6.418   4.933   2.184   1.00 15.37 ? 90  PHE A CZ  1 
ATOM   754  N N   . PRO A 1 111 ? 6.068   6.427   -3.523  1.00 15.70 ? 91  PRO A N   1 
ATOM   755  C CA  . PRO A 1 111 ? 4.850   7.187   -3.690  1.00 14.90 ? 91  PRO A CA  1 
ATOM   756  C C   . PRO A 1 111 ? 3.692   6.778   -2.822  1.00 13.45 ? 91  PRO A C   1 
ATOM   757  O O   . PRO A 1 111 ? 3.660   5.614   -2.408  1.00 13.00 ? 91  PRO A O   1 
ATOM   758  C CB  . PRO A 1 111 ? 4.445   6.839   -5.173  1.00 15.39 ? 91  PRO A CB  1 
ATOM   759  C CG  . PRO A 1 111 ? 5.625   6.243   -5.795  1.00 18.21 ? 91  PRO A CG  1 
ATOM   760  C CD  . PRO A 1 111 ? 6.280   5.495   -4.657  1.00 16.34 ? 91  PRO A CD  1 
ATOM   761  N N   . LEU A 1 112 ? 2.701   7.642   -2.633  1.00 13.60 ? 92  LEU A N   1 
ATOM   762  C CA  . LEU A 1 112 ? 1.450   7.358   -1.931  1.00 14.30 ? 92  LEU A CA  1 
ATOM   763  C C   . LEU A 1 112 ? 0.301   7.515   -2.936  1.00 14.47 ? 92  LEU A C   1 
ATOM   764  O O   . LEU A 1 112 ? 0.222   8.603   -3.581  1.00 16.05 ? 92  LEU A O   1 
ATOM   765  C CB  . LEU A 1 112 ? 1.151   8.324   -0.735  1.00 14.01 ? 92  LEU A CB  1 
ATOM   766  C CG  . LEU A 1 112 ? 2.300   8.325   0.312   1.00 14.09 ? 92  LEU A CG  1 
ATOM   767  C CD1 . LEU A 1 112 ? 2.077   9.431   1.411   1.00 13.44 ? 92  LEU A CD1 1 
ATOM   768  C CD2 . LEU A 1 112 ? 2.505   6.873   0.934   1.00 13.85 ? 92  LEU A CD2 1 
ATOM   769  N N   . VAL A 1 113 ? -0.570  6.492   -3.041  1.00 11.70 ? 93  VAL A N   1 
ATOM   770  C CA  . VAL A 1 113 ? -1.782  6.670   -3.840  1.00 13.49 ? 93  VAL A CA  1 
ATOM   771  C C   . VAL A 1 113 ? -2.830  7.453   -3.128  1.00 12.33 ? 93  VAL A C   1 
ATOM   772  O O   . VAL A 1 113 ? -3.199  7.139   -1.954  1.00 11.67 ? 93  VAL A O   1 
ATOM   773  C CB  . VAL A 1 113 ? -2.400  5.291   -4.072  1.00 12.03 ? 93  VAL A CB  1 
ATOM   774  C CG1 . VAL A 1 113 ? -3.680  5.376   -5.000  1.00 14.61 ? 93  VAL A CG1 1 
ATOM   775  C CG2 . VAL A 1 113 ? -1.380  4.521   -4.741  1.00 14.94 ? 93  VAL A CG2 1 
ATOM   776  N N   . SER A 1 114 ? -3.363  8.505   -3.790  1.00 12.00 ? 94  SER A N   1 
ATOM   777  C CA  . SER A 1 114 ? -4.537  9.201   -3.250  1.00 13.05 ? 94  SER A CA  1 
ATOM   778  C C   . SER A 1 114 ? -5.740  8.486   -3.810  1.00 15.28 ? 94  SER A C   1 
ATOM   779  O O   . SER A 1 114 ? -6.105  8.710   -5.022  1.00 15.65 ? 94  SER A O   1 
ATOM   780  C CB  . SER A 1 114 ? -4.508  10.652  -3.769  1.00 13.38 ? 94  SER A CB  1 
ATOM   781  O OG  . SER A 1 114 ? -5.700  11.314  -3.407  1.00 16.96 ? 94  SER A OG  1 
ATOM   782  N N   . ASP A 1 115 ? -6.328  7.627   -2.989  1.00 13.25 ? 95  ASP A N   1 
ATOM   783  C CA  . ASP A 1 115 ? -7.458  6.760   -3.397  1.00 13.17 ? 95  ASP A CA  1 
ATOM   784  C C   . ASP A 1 115 ? -8.736  7.463   -3.069  1.00 13.69 ? 95  ASP A C   1 
ATOM   785  O O   . ASP A 1 115 ? -9.553  7.025   -2.250  1.00 15.29 ? 95  ASP A O   1 
ATOM   786  C CB  . ASP A 1 115 ? -7.316  5.351   -2.778  1.00 10.39 ? 95  ASP A CB  1 
ATOM   787  C CG  . ASP A 1 115 ? -8.316  4.359   -3.302  1.00 13.01 ? 95  ASP A CG  1 
ATOM   788  O OD1 . ASP A 1 115 ? -8.897  3.616   -2.499  1.00 14.75 ? 95  ASP A OD1 1 
ATOM   789  O OD2 . ASP A 1 115 ? -8.468  4.358   -4.535  1.00 18.09 ? 95  ASP A OD2 1 
ATOM   790  N N   . SER A 1 116 ? -8.913  8.659   -3.614  1.00 17.54 ? 96  SER A N   1 
ATOM   791  C CA  . SER A 1 116 ? -9.957  9.516   -3.064  1.00 19.92 ? 96  SER A CA  1 
ATOM   792  C C   . SER A 1 116 ? -11.352 9.093   -3.503  1.00 21.52 ? 96  SER A C   1 
ATOM   793  O O   . SER A 1 116 ? -12.339 9.629   -2.965  1.00 23.21 ? 96  SER A O   1 
ATOM   794  C CB  . SER A 1 116 ? -9.786  10.954  -3.502  1.00 21.30 ? 96  SER A CB  1 
ATOM   795  O OG  . SER A 1 116 ? -9.622  11.024  -4.932  1.00 27.24 ? 96  SER A OG  1 
ATOM   796  N N   . ASP A 1 117 ? -11.450 8.172   -4.462  1.00 21.91 ? 97  ASP A N   1 
ATOM   797  C CA  . ASP A 1 117 ? -12.768 7.550   -4.791  1.00 21.79 ? 97  ASP A CA  1 
ATOM   798  C C   . ASP A 1 117 ? -12.951 6.188   -4.117  1.00 20.21 ? 97  ASP A C   1 
ATOM   799  O O   . ASP A 1 117 ? -13.974 5.497   -4.267  1.00 20.96 ? 97  ASP A O   1 
ATOM   800  C CB  . ASP A 1 117 ? -12.927 7.393   -6.285  1.00 23.72 ? 97  ASP A CB  1 
ATOM   801  C CG  . ASP A 1 117 ? -12.811 8.755   -7.025  1.00 29.37 ? 97  ASP A CG  1 
ATOM   802  O OD1 . ASP A 1 117 ? -13.503 9.755   -6.595  1.00 35.49 ? 97  ASP A OD1 1 
ATOM   803  O OD2 . ASP A 1 117 ? -11.998 8.820   -7.984  1.00 36.17 ? 97  ASP A OD2 1 
ATOM   804  N N   . ALA A 1 118 ? -11.974 5.848   -3.299  1.00 17.37 ? 98  ALA A N   1 
ATOM   805  C CA  . ALA A 1 118 ? -12.038 4.558   -2.558  1.00 16.35 ? 98  ALA A CA  1 
ATOM   806  C C   . ALA A 1 118 ? -12.065 3.318   -3.479  1.00 17.06 ? 98  ALA A C   1 
ATOM   807  O O   . ALA A 1 118 ? -12.448 2.245   -3.000  1.00 14.76 ? 98  ALA A O   1 
ATOM   808  C CB  . ALA A 1 118 ? -13.140 4.500   -1.474  1.00 16.01 ? 98  ALA A CB  1 
ATOM   809  N N   . ILE A 1 119 ? -11.634 3.474   -4.721  1.00 16.51 ? 99  ILE A N   1 
ATOM   810  C CA  . ILE A 1 119 ? -11.676 2.321   -5.662  1.00 17.77 ? 99  ILE A CA  1 
ATOM   811  C C   . ILE A 1 119 ? -10.688 1.243   -5.263  1.00 15.44 ? 99  ILE A C   1 
ATOM   812  O O   . ILE A 1 119 ? -11.078 0.065   -5.218  1.00 16.75 ? 99  ILE A O   1 
ATOM   813  C CB  . ILE A 1 119 ? -11.464 2.778   -7.132  1.00 19.56 ? 99  ILE A CB  1 
ATOM   814  C CG1 . ILE A 1 119 ? -12.732 3.603   -7.484  1.00 23.26 ? 99  ILE A CG1 1 
ATOM   815  C CG2 . ILE A 1 119 ? -11.086 1.514   -8.074  1.00 19.50 ? 99  ILE A CG2 1 
ATOM   816  C CD1 . ILE A 1 119 ? -12.570 4.559   -8.660  1.00 28.79 ? 99  ILE A CD1 1 
ATOM   817  N N   . LEU A 1 120 ? -9.422  1.599   -4.927  1.00 14.50 ? 100 LEU A N   1 
ATOM   818  C CA  . LEU A 1 120 ? -8.542  0.500   -4.571  1.00 15.42 ? 100 LEU A CA  1 
ATOM   819  C C   . LEU A 1 120 ? -8.980  -0.091  -3.231  1.00 13.63 ? 100 LEU A C   1 
ATOM   820  O O   . LEU A 1 120 ? -8.850  -1.296  -2.973  1.00 14.08 ? 100 LEU A O   1 
ATOM   821  C CB  . LEU A 1 120 ? -7.112  0.991   -4.299  1.00 17.25 ? 100 LEU A CB  1 
ATOM   822  C CG  . LEU A 1 120 ? -6.315  1.137   -5.502  1.00 17.43 ? 100 LEU A CG  1 
ATOM   823  C CD1 . LEU A 1 120 ? -4.904  1.515   -5.065  1.00 15.27 ? 100 LEU A CD1 1 
ATOM   824  C CD2 . LEU A 1 120 ? -6.306  -0.063  -6.452  1.00 20.77 ? 100 LEU A CD2 1 
ATOM   825  N N   . CYS A 1 121 ? -9.415  0.762   -2.301  1.00 13.92 ? 101 CYS A N   1 
ATOM   826  C CA  . CYS A 1 121 ? -9.809  0.335   -0.961  1.00 14.71 ? 101 CYS A CA  1 
ATOM   827  C C   . CYS A 1 121 ? -10.962 -0.688  -1.039  1.00 15.32 ? 101 CYS A C   1 
ATOM   828  O O   . CYS A 1 121 ? -10.935 -1.680  -0.380  1.00 16.14 ? 101 CYS A O   1 
ATOM   829  C CB  . CYS A 1 121 ? -10.237 1.565   -0.118  1.00 13.82 ? 101 CYS A CB  1 
ATOM   830  S SG  . CYS A 1 121 ? -8.862  2.512   0.527   1.00 16.04 ? 101 CYS A SG  1 
ATOM   831  N N   . LYS A 1 122 ? -11.962 -0.440  -1.882  1.00 15.48 ? 102 LYS A N   1 
ATOM   832  C CA  . LYS A 1 122 ? -13.050 -1.367  -2.004  1.00 16.25 ? 102 LYS A CA  1 
ATOM   833  C C   . LYS A 1 122 ? -12.598 -2.643  -2.755  1.00 14.49 ? 102 LYS A C   1 
ATOM   834  O O   . LYS A 1 122 ? -12.999 -3.727  -2.385  1.00 16.55 ? 102 LYS A O   1 
ATOM   835  C CB  . LYS A 1 122 ? -14.128 -0.619  -2.825  1.00 16.47 ? 102 LYS A CB  1 
ATOM   836  C CG  . LYS A 1 122 ? -14.858 0.368   -1.879  1.00 16.54 ? 102 LYS A CG  1 
ATOM   837  C CD  . LYS A 1 122 ? -16.079 1.027   -2.627  1.00 23.68 ? 102 LYS A CD  1 
ATOM   838  C CE  . LYS A 1 122 ? -15.738 2.268   -3.453  1.00 33.08 ? 102 LYS A CE  1 
ATOM   839  N NZ  . LYS A 1 122 ? -16.995 2.700   -4.233  1.00 36.34 ? 102 LYS A NZ  1 
ATOM   840  N N   . ALA A 1 123 ? -11.764 -2.478  -3.789  1.00 14.73 ? 103 ALA A N   1 
ATOM   841  C CA  . ALA A 1 123 ? -11.216 -3.602  -4.576  1.00 13.42 ? 103 ALA A CA  1 
ATOM   842  C C   . ALA A 1 123 ? -10.488 -4.596  -3.682  1.00 14.10 ? 103 ALA A C   1 
ATOM   843  O O   . ALA A 1 123 ? -10.689 -5.784  -3.758  1.00 15.61 ? 103 ALA A O   1 
ATOM   844  C CB  . ALA A 1 123 ? -10.402 -3.151  -5.742  1.00 16.87 ? 103 ALA A CB  1 
ATOM   845  N N   . PHE A 1 124 ? -9.671  -4.039  -2.763  1.00 13.54 ? 104 PHE A N   1 
ATOM   846  C CA  . PHE A 1 124 ? -8.871  -4.898  -1.865  1.00 13.95 ? 104 PHE A CA  1 
ATOM   847  C C   . PHE A 1 124 ? -9.648  -5.210  -0.572  1.00 13.66 ? 104 PHE A C   1 
ATOM   848  O O   . PHE A 1 124 ? -9.169  -5.947  0.310   1.00 13.45 ? 104 PHE A O   1 
ATOM   849  C CB  . PHE A 1 124 ? -7.464  -4.242  -1.609  1.00 12.74 ? 104 PHE A CB  1 
ATOM   850  C CG  . PHE A 1 124 ? -6.513  -4.445  -2.743  1.00 11.04 ? 104 PHE A CG  1 
ATOM   851  C CD1 . PHE A 1 124 ? -6.576  -3.653  -3.911  1.00 10.06 ? 104 PHE A CD1 1 
ATOM   852  C CD2 . PHE A 1 124 ? -5.567  -5.486  -2.740  1.00 11.49 ? 104 PHE A CD2 1 
ATOM   853  C CE1 . PHE A 1 124 ? -5.729  -3.850  -4.961  1.00 14.02 ? 104 PHE A CE1 1 
ATOM   854  C CE2 . PHE A 1 124 ? -4.719  -5.705  -3.753  1.00 13.09 ? 104 PHE A CE2 1 
ATOM   855  C CZ  . PHE A 1 124 ? -4.766  -4.907  -4.904  1.00 11.62 ? 104 PHE A CZ  1 
ATOM   856  N N   . ASP A 1 125 ? -10.873 -4.678  -0.452  1.00 15.47 ? 105 ASP A N   1 
ATOM   857  C CA  . ASP A 1 125 ? -11.780 -5.004  0.632   1.00 14.78 ? 105 ASP A CA  1 
ATOM   858  C C   . ASP A 1 125 ? -11.185 -4.619  2.002   1.00 13.25 ? 105 ASP A C   1 
ATOM   859  O O   . ASP A 1 125 ? -11.302 -5.358  2.955   1.00 14.24 ? 105 ASP A O   1 
ATOM   860  C CB  . ASP A 1 125 ? -12.192 -6.515  0.623   1.00 16.06 ? 105 ASP A CB  1 
ATOM   861  C CG  . ASP A 1 125 ? -13.433 -6.809  1.460   1.00 21.63 ? 105 ASP A CG  1 
ATOM   862  O OD1 . ASP A 1 125 ? -14.194 -5.898  1.833   1.00 23.63 ? 105 ASP A OD1 1 
ATOM   863  O OD2 . ASP A 1 125 ? -13.615 -7.983  1.798   1.00 26.90 ? 105 ASP A OD2 1 
ATOM   864  N N   . VAL A 1 126 ? -10.636 -3.432  2.062   1.00 13.77 ? 106 VAL A N   1 
ATOM   865  C CA  . VAL A 1 126 ? -10.044 -2.931  3.311   1.00 13.00 ? 106 VAL A CA  1 
ATOM   866  C C   . VAL A 1 126 ? -10.917 -1.902  4.018   1.00 14.84 ? 106 VAL A C   1 
ATOM   867  O O   . VAL A 1 126 ? -10.595 -1.419  5.083   1.00 14.21 ? 106 VAL A O   1 
ATOM   868  C CB  . VAL A 1 126 ? -8.590  -2.326  3.087   1.00 11.41 ? 106 VAL A CB  1 
ATOM   869  C CG1 . VAL A 1 126 ? -7.683  -3.378  2.428   1.00 13.93 ? 106 VAL A CG1 1 
ATOM   870  C CG2 . VAL A 1 126 ? -8.697  -0.933  2.316   1.00 10.55 ? 106 VAL A CG2 1 
ATOM   871  N N   . ILE A 1 127 ? -12.091 -1.601  3.446   1.00 16.26 ? 107 ILE A N   1 
ATOM   872  C CA  . ILE A 1 127 ? -13.012 -0.696  4.186   1.00 18.36 ? 107 ILE A CA  1 
ATOM   873  C C   . ILE A 1 127 ? -13.843 -1.466  5.231   1.00 19.21 ? 107 ILE A C   1 
ATOM   874  O O   . ILE A 1 127 ? -14.592 -2.417  4.903   1.00 18.85 ? 107 ILE A O   1 
ATOM   875  C CB  . ILE A 1 127 ? -13.960 0.051   3.266   1.00 18.78 ? 107 ILE A CB  1 
ATOM   876  C CG1 . ILE A 1 127 ? -13.214 0.930   2.240   1.00 19.97 ? 107 ILE A CG1 1 
ATOM   877  C CG2 . ILE A 1 127 ? -14.948 0.909   4.117   1.00 22.86 ? 107 ILE A CG2 1 
ATOM   878  C CD1 . ILE A 1 127 ? -12.276 2.005   2.788   1.00 25.29 ? 107 ILE A CD1 1 
ATOM   879  N N   . LYS A 1 128 ? -13.732 -1.117  6.505   1.00 20.40 ? 108 LYS A N   1 
ATOM   880  C CA  . LYS A 1 128 ? -14.361 -1.914  7.561   1.00 22.64 ? 108 LYS A CA  1 
ATOM   881  C C   . LYS A 1 128 ? -15.031 -0.980  8.547   1.00 25.98 ? 108 LYS A C   1 
ATOM   882  O O   . LYS A 1 128 ? -14.719 0.216   8.636   1.00 25.74 ? 108 LYS A O   1 
ATOM   883  C CB  . LYS A 1 128 ? -13.365 -2.745  8.405   1.00 22.71 ? 108 LYS A CB  1 
ATOM   884  C CG  . LYS A 1 128 ? -12.456 -3.747  7.659   1.00 24.37 ? 108 LYS A CG  1 
ATOM   885  C CD  . LYS A 1 128 ? -13.228 -4.741  6.792   1.00 24.25 ? 108 LYS A CD  1 
ATOM   886  C CE  . LYS A 1 128 ? -12.269 -5.630  6.033   1.00 23.98 ? 108 LYS A CE  1 
ATOM   887  N NZ  . LYS A 1 128 ? -12.961 -6.714  5.197   1.00 30.19 ? 108 LYS A NZ  1 
ATOM   888  N N   . GLU A 1 129 ? -15.953 -1.532  9.319   1.00 30.23 ? 109 GLU A N   1 
ATOM   889  C CA  . GLU A 1 129 ? -16.694 -0.743  10.330  1.00 33.54 ? 109 GLU A CA  1 
ATOM   890  C C   . GLU A 1 129 ? -16.192 -1.213  11.713  1.00 35.69 ? 109 GLU A C   1 
ATOM   891  O O   . GLU A 1 129 ? -16.167 -2.436  12.003  1.00 35.89 ? 109 GLU A O   1 
ATOM   892  C CB  . GLU A 1 129 ? -18.182 -0.981  10.147  1.00 33.53 ? 109 GLU A CB  1 
ATOM   893  C CG  . GLU A 1 129 ? -18.640 -0.657  8.695   1.00 36.15 ? 109 GLU A CG  1 
ATOM   894  C CD  . GLU A 1 129 ? -19.959 -1.342  8.255   1.00 41.49 ? 109 GLU A CD  1 
ATOM   895  O OE1 . GLU A 1 129 ? -20.506 -2.190  9.012   1.00 46.51 ? 109 GLU A OE1 1 
ATOM   896  O OE2 . GLU A 1 129 ? -20.466 -1.037  7.136   1.00 40.27 ? 109 GLU A OE2 1 
ATOM   897  N N   . LYS A 1 130 ? -15.695 -0.259  12.510  1.00 38.66 ? 110 LYS A N   1 
ATOM   898  C CA  . LYS A 1 130 ? -15.205 -0.503  13.868  1.00 41.47 ? 110 LYS A CA  1 
ATOM   899  C C   . LYS A 1 130 ? -15.980 0.384   14.864  1.00 43.41 ? 110 LYS A C   1 
ATOM   900  O O   . LYS A 1 130 ? -17.054 0.955   14.528  1.00 44.36 ? 110 LYS A O   1 
ATOM   901  C CB  . LYS A 1 130 ? -13.665 -0.247  13.982  1.00 40.81 ? 110 LYS A CB  1 
ATOM   902  N N   . THR A 1 131 ? -15.335 0.566   16.027  1.00 46.05 ? 111 THR A N   1 
ATOM   903  C CA  . THR A 1 131 ? -15.907 0.949   17.354  1.00 46.82 ? 111 THR A CA  1 
ATOM   904  C C   . THR A 1 131 ? -16.409 2.396   17.619  1.00 47.00 ? 111 THR A C   1 
ATOM   905  O O   . THR A 1 131 ? -17.632 2.646   17.593  1.00 48.48 ? 111 THR A O   1 
ATOM   906  C CB  . THR A 1 131 ? -14.896 0.535   18.443  1.00 47.23 ? 111 THR A CB  1 
ATOM   907  N N   . MET A 1 132 ? -15.493 3.332   17.904  1.00 46.66 ? 112 MET A N   1 
ATOM   908  C CA  . MET A 1 132 ? -15.898 4.620   18.491  1.00 45.79 ? 112 MET A CA  1 
ATOM   909  C C   . MET A 1 132 ? -17.259 5.110   17.997  1.00 44.90 ? 112 MET A C   1 
ATOM   910  O O   . MET A 1 132 ? -17.612 4.968   16.791  1.00 47.00 ? 112 MET A O   1 
ATOM   911  C CB  . MET A 1 132 ? -14.852 5.683   18.319  1.00 45.82 ? 112 MET A CB  1 
ATOM   912  N N   . TYR A 1 133 ? -18.059 5.621   18.931  1.00 43.04 ? 113 TYR A N   1 
ATOM   913  C CA  . TYR A 1 133 ? -17.839 5.455   20.404  1.00 39.72 ? 113 TYR A CA  1 
ATOM   914  C C   . TYR A 1 133 ? -19.108 6.080   20.942  1.00 39.02 ? 113 TYR A C   1 
ATOM   915  O O   . TYR A 1 133 ? -20.098 6.150   20.192  1.00 35.46 ? 113 TYR A O   1 
ATOM   916  C CB  . TYR A 1 133 ? -16.573 6.209   20.909  1.00 38.39 ? 113 TYR A CB  1 
ATOM   917  N N   . GLN A 1 136 ? -20.724 5.974   13.661  1.00 42.45 ? 116 GLN A N   1 
ATOM   918  C CA  . GLN A 1 136 ? -20.253 5.330   12.421  1.00 40.77 ? 116 GLN A CA  1 
ATOM   919  C C   . GLN A 1 136 ? -18.799 5.733   12.230  1.00 40.42 ? 116 GLN A C   1 
ATOM   920  O O   . GLN A 1 136 ? -18.505 6.926   12.024  1.00 39.58 ? 116 GLN A O   1 
ATOM   921  C CB  . GLN A 1 136 ? -21.107 5.781   11.183  1.00 40.09 ? 116 GLN A CB  1 
ATOM   922  N N   . VAL A 1 137 ? -17.888 4.761   12.354  1.00 38.30 ? 117 VAL A N   1 
ATOM   923  C CA  . VAL A 1 137 ? -16.535 4.928   11.809  1.00 36.71 ? 117 VAL A CA  1 
ATOM   924  C C   . VAL A 1 137 ? -16.402 3.884   10.729  1.00 34.68 ? 117 VAL A C   1 
ATOM   925  O O   . VAL A 1 137 ? -16.467 2.680   11.004  1.00 36.66 ? 117 VAL A O   1 
ATOM   926  C CB  . VAL A 1 137 ? -15.419 4.684   12.854  1.00 36.49 ? 117 VAL A CB  1 
ATOM   927  C CG1 . VAL A 1 137 ? -14.000 4.776   12.192  1.00 39.16 ? 117 VAL A CG1 1 
ATOM   928  C CG2 . VAL A 1 137 ? -15.535 5.676   13.962  1.00 36.49 ? 117 VAL A CG2 1 
ATOM   929  N N   . ILE A 1 138 ? -16.274 4.346   9.514   1.00 32.55 ? 118 ILE A N   1 
ATOM   930  C CA  . ILE A 1 138 ? -16.023 3.439   8.409   1.00 31.68 ? 118 ILE A CA  1 
ATOM   931  C C   . ILE A 1 138 ? -14.733 3.947   7.851   1.00 29.43 ? 118 ILE A C   1 
ATOM   932  O O   . ILE A 1 138 ? -14.588 5.139   7.566   1.00 31.05 ? 118 ILE A O   1 
ATOM   933  C CB  . ILE A 1 138 ? -17.120 3.572   7.333   1.00 32.91 ? 118 ILE A CB  1 
ATOM   934  N N   . GLY A 1 139 ? -13.747 3.062   7.746   1.00 23.88 ? 119 GLY A N   1 
ATOM   935  C CA  . GLY A 1 139 ? -12.503 3.582   7.240   1.00 21.57 ? 119 GLY A CA  1 
ATOM   936  C C   . GLY A 1 139 ? -11.638 2.403   6.957   1.00 18.12 ? 119 GLY A C   1 
ATOM   937  O O   . GLY A 1 139 ? -12.094 1.279   6.985   1.00 16.69 ? 119 GLY A O   1 
ATOM   938  N N   . ILE A 1 140 ? -10.409 2.694   6.621   1.00 16.74 ? 120 ILE A N   1 
ATOM   939  C CA  . ILE A 1 140 ? -9.435  1.662   6.163   1.00 14.70 ? 120 ILE A CA  1 
ATOM   940  C C   . ILE A 1 140 ? -9.020  0.910   7.407   1.00 15.13 ? 120 ILE A C   1 
ATOM   941  O O   . ILE A 1 140 ? -8.560  1.536   8.384   1.00 16.28 ? 120 ILE A O   1 
ATOM   942  C CB  . ILE A 1 140 ? -8.227  2.389   5.527   1.00 15.14 ? 120 ILE A CB  1 
ATOM   943  C CG1 . ILE A 1 140 ? -8.599  2.981   4.143   1.00 15.92 ? 120 ILE A CG1 1 
ATOM   944  C CG2 . ILE A 1 140 ? -7.061  1.424   5.323   1.00 14.08 ? 120 ILE A CG2 1 
ATOM   945  C CD1 . ILE A 1 140 ? -7.556  3.877   3.581   1.00 18.01 ? 120 ILE A CD1 1 
ATOM   946  N N   . GLU A 1 141 ? -9.102  -0.430  7.320   1.00 14.07 ? 121 GLU A N   1 
ATOM   947  C CA  . GLU A 1 141 ? -8.398  -1.348  8.209   1.00 15.19 ? 121 GLU A CA  1 
ATOM   948  C C   . GLU A 1 141 ? -6.999  -1.540  7.677   1.00 14.46 ? 121 GLU A C   1 
ATOM   949  O O   . GLU A 1 141 ? -6.819  -1.896  6.522   1.00 13.82 ? 121 GLU A O   1 
ATOM   950  C CB  . GLU A 1 141 ? -9.113  -2.675  8.239   1.00 15.79 ? 121 GLU A CB  1 
ATOM   951  C CG  . GLU A 1 141 ? -8.393  -3.648  9.136   1.00 19.12 ? 121 GLU A CG  1 
ATOM   952  C CD  . GLU A 1 141 ? -9.191  -4.955  9.225   1.00 23.07 ? 121 GLU A CD  1 
ATOM   953  O OE1 . GLU A 1 141 ? -10.152 -5.016  10.032  1.00 22.00 ? 121 GLU A OE1 1 
ATOM   954  O OE2 . GLU A 1 141 ? -8.951  -5.892  8.441   1.00 22.16 ? 121 GLU A OE2 1 
ATOM   955  N N   . ARG A 1 142 ? -5.995  -1.189  8.505   1.00 13.30 ? 122 ARG A N   1 
ATOM   956  C CA  . ARG A 1 142 ? -4.643  -1.268  8.048   1.00 12.24 ? 122 ARG A CA  1 
ATOM   957  C C   . ARG A 1 142 ? -4.287  -2.689  7.512   1.00 12.40 ? 122 ARG A C   1 
ATOM   958  O O   . ARG A 1 142 ? -4.464  -3.705  8.189   1.00 12.87 ? 122 ARG A O   1 
ATOM   959  C CB  . ARG A 1 142 ? -3.694  -0.945  9.181   1.00 11.59 ? 122 ARG A CB  1 
ATOM   960  C CG  . ARG A 1 142 ? -2.262  -0.658  8.731   1.00 13.62 ? 122 ARG A CG  1 
ATOM   961  C CD  . ARG A 1 142 ? -1.269  -0.272  9.886   1.00 13.79 ? 122 ARG A CD  1 
ATOM   962  N NE  . ARG A 1 142 ? -1.840  0.720   10.797  1.00 15.28 ? 122 ARG A NE  1 
ATOM   963  C CZ  . ARG A 1 142 ? -1.666  2.051   10.608  1.00 18.51 ? 122 ARG A CZ  1 
ATOM   964  N NH1 . ARG A 1 142 ? -0.879  2.600   9.604   1.00 14.53 ? 122 ARG A NH1 1 
ATOM   965  N NH2 . ARG A 1 142 ? -2.270  2.847   11.516  1.00 19.84 ? 122 ARG A NH2 1 
ATOM   966  N N   . SER A 1 143 ? -3.867  -2.744  6.245   1.00 10.94 ? 123 SER A N   1 
ATOM   967  C CA  . SER A 1 143 ? -3.753  -4.027  5.495   1.00 11.42 ? 123 SER A CA  1 
ATOM   968  C C   . SER A 1 143 ? -2.619  -3.839  4.427   1.00 11.12 ? 123 SER A C   1 
ATOM   969  O O   . SER A 1 143 ? -2.386  -2.737  3.919   1.00 11.22 ? 123 SER A O   1 
ATOM   970  C CB  . SER A 1 143 ? -5.049  -4.351  4.716   1.00 9.87  ? 123 SER A CB  1 
ATOM   971  O OG  . SER A 1 143 ? -6.133  -4.395  5.656   1.00 12.42 ? 123 SER A OG  1 
ATOM   972  N N   . THR A 1 144 ? -1.898  -4.912  4.103   1.00 10.60 ? 124 THR A N   1 
ATOM   973  C CA  . THR A 1 144 ? -0.824  -4.899  3.100   1.00 8.92  ? 124 THR A CA  1 
ATOM   974  C C   . THR A 1 144 ? -0.907  -6.146  2.235   1.00 9.07  ? 124 THR A C   1 
ATOM   975  O O   . THR A 1 144 ? -1.197  -7.250  2.733   1.00 10.12 ? 124 THR A O   1 
ATOM   976  C CB  . THR A 1 144 ? 0.565   -4.952  3.855   1.00 8.56  ? 124 THR A CB  1 
ATOM   977  O OG1 . THR A 1 144 ? 0.623   -3.801  4.736   1.00 10.01 ? 124 THR A OG1 1 
ATOM   978  C CG2 . THR A 1 144 ? 1.699   -4.966  2.814   1.00 8.22  ? 124 THR A CG2 1 
ATOM   979  N N   . PHE A 1 145 ? -0.654  -5.963  0.935   1.00 9.68  ? 125 PHE A N   1 
ATOM   980  C CA  . PHE A 1 145 ? -0.695  -7.096  -0.009  1.00 9.89  ? 125 PHE A CA  1 
ATOM   981  C C   . PHE A 1 145 ? 0.629   -7.185  -0.721  1.00 11.82 ? 125 PHE A C   1 
ATOM   982  O O   . PHE A 1 145 ? 1.181   -6.177  -1.141  1.00 12.04 ? 125 PHE A O   1 
ATOM   983  C CB  . PHE A 1 145 ? -1.833  -6.772  -0.974  1.00 8.94  ? 125 PHE A CB  1 
ATOM   984  C CG  . PHE A 1 145 ? -3.127  -6.698  -0.283  1.00 11.52 ? 125 PHE A CG  1 
ATOM   985  C CD1 . PHE A 1 145 ? -3.583  -5.459  0.243   1.00 10.94 ? 125 PHE A CD1 1 
ATOM   986  C CD2 . PHE A 1 145 ? -3.940  -7.834  -0.180  1.00 11.30 ? 125 PHE A CD2 1 
ATOM   987  C CE1 . PHE A 1 145 ? -4.818  -5.456  0.958   1.00 11.03 ? 125 PHE A CE1 1 
ATOM   988  C CE2 . PHE A 1 145 ? -5.183  -7.811  0.457   1.00 12.13 ? 125 PHE A CE2 1 
ATOM   989  C CZ  . PHE A 1 145 ? -5.639  -6.681  1.065   1.00 13.18 ? 125 PHE A CZ  1 
ATOM   990  N N   . LEU A 1 146 ? 1.134   -8.420  -0.848  1.00 10.40 ? 126 LEU A N   1 
ATOM   991  C CA  . LEU A 1 146 ? 2.333   -8.591  -1.660  1.00 10.99 ? 126 LEU A CA  1 
ATOM   992  C C   . LEU A 1 146 ? 1.825   -9.171  -2.944  1.00 13.48 ? 126 LEU A C   1 
ATOM   993  O O   . LEU A 1 146 ? 1.192   -10.207 -2.949  1.00 13.40 ? 126 LEU A O   1 
ATOM   994  C CB  . LEU A 1 146 ? 3.330   -9.578  -0.987  1.00 11.43 ? 126 LEU A CB  1 
ATOM   995  C CG  . LEU A 1 146 ? 4.576   -9.835  -1.828  1.00 13.62 ? 126 LEU A CG  1 
ATOM   996  C CD1 . LEU A 1 146 ? 5.500   -8.597  -1.952  1.00 13.89 ? 126 LEU A CD1 1 
ATOM   997  C CD2 . LEU A 1 146 ? 5.366   -11.004 -1.152  1.00 14.75 ? 126 LEU A CD2 1 
ATOM   998  N N   . ILE A 1 147 ? 1.972   -8.408  -3.998  1.00 12.50 ? 127 ILE A N   1 
ATOM   999  C CA  . ILE A 1 147 ? 1.462   -8.792  -5.358  1.00 11.96 ? 127 ILE A CA  1 
ATOM   1000 C C   . ILE A 1 147 ? 2.641   -9.236  -6.250  1.00 14.44 ? 127 ILE A C   1 
ATOM   1001 O O   . ILE A 1 147 ? 3.636   -8.507  -6.385  1.00 15.09 ? 127 ILE A O   1 
ATOM   1002 C CB  . ILE A 1 147 ? 0.739   -7.583  -5.982  1.00 12.29 ? 127 ILE A CB  1 
ATOM   1003 C CG1 . ILE A 1 147 ? -0.359  -7.112  -4.997  1.00 13.30 ? 127 ILE A CG1 1 
ATOM   1004 C CG2 . ILE A 1 147 ? 0.221   -7.965  -7.402  1.00 14.92 ? 127 ILE A CG2 1 
ATOM   1005 C CD1 . ILE A 1 147 ? -0.880  -5.724  -5.379  1.00 12.70 ? 127 ILE A CD1 1 
ATOM   1006 N N   . GLY A 1 148 ? 2.536   -10.421 -6.826  1.00 14.49 ? 128 GLY A N   1 
ATOM   1007 C CA  . GLY A 1 148 ? 3.653   -10.941 -7.645  1.00 15.78 ? 128 GLY A CA  1 
ATOM   1008 C C   . GLY A 1 148 ? 3.675   -10.387 -9.080  1.00 18.51 ? 128 GLY A C   1 
ATOM   1009 O O   . GLY A 1 148 ? 2.823   -9.571  -9.496  1.00 18.03 ? 128 GLY A O   1 
ATOM   1010 N N   . PRO A 1 149 ? 4.639   -10.852 -9.865  1.00 18.92 ? 129 PRO A N   1 
ATOM   1011 C CA  . PRO A 1 149 ? 4.985   -10.239 -11.167 1.00 21.05 ? 129 PRO A CA  1 
ATOM   1012 C C   . PRO A 1 149 ? 3.884   -10.527 -12.197 1.00 21.87 ? 129 PRO A C   1 
ATOM   1013 O O   . PRO A 1 149 ? 3.815   -9.832  -13.236 1.00 22.17 ? 129 PRO A O   1 
ATOM   1014 C CB  . PRO A 1 149 ? 6.344   -10.868 -11.504 1.00 21.32 ? 129 PRO A CB  1 
ATOM   1015 C CG  . PRO A 1 149 ? 6.476   -12.116 -10.661 1.00 22.76 ? 129 PRO A CG  1 
ATOM   1016 C CD  . PRO A 1 149 ? 5.638   -11.821 -9.392  1.00 19.75 ? 129 PRO A CD  1 
ATOM   1017 N N   . THR A 1 150 ? 3.047   -11.530 -11.947 1.00 20.57 ? 130 THR A N   1 
ATOM   1018 C CA  . THR A 1 150 ? 1.870   -11.817 -12.836 1.00 20.15 ? 130 THR A CA  1 
ATOM   1019 C C   . THR A 1 150 ? 0.529   -11.413 -12.172 1.00 18.68 ? 130 THR A C   1 
ATOM   1020 O O   . THR A 1 150 ? -0.554  -11.889 -12.532 1.00 20.82 ? 130 THR A O   1 
ATOM   1021 C CB  . THR A 1 150 ? 1.866   -13.283 -13.296 1.00 20.77 ? 130 THR A CB  1 
ATOM   1022 O OG1 . THR A 1 150 ? 1.592   -14.119 -12.151 1.00 22.35 ? 130 THR A OG1 1 
ATOM   1023 C CG2 . THR A 1 150 ? 3.232   -13.587 -13.953 1.00 25.30 ? 130 THR A CG2 1 
ATOM   1024 N N   . HIS A 1 151 ? 0.608   -10.513 -11.166 1.00 17.39 ? 131 HIS A N   1 
ATOM   1025 C CA  . HIS A 1 151 ? -0.581  -9.855  -10.655 1.00 16.39 ? 131 HIS A CA  1 
ATOM   1026 C C   . HIS A 1 151 ? -1.423  -10.703 -9.755  1.00 13.83 ? 131 HIS A C   1 
ATOM   1027 O O   . HIS A 1 151 ? -2.641  -10.509 -9.560  1.00 16.08 ? 131 HIS A O   1 
ATOM   1028 C CB  . HIS A 1 151 ? -1.442  -9.233  -11.799 1.00 16.26 ? 131 HIS A CB  1 
ATOM   1029 C CG  . HIS A 1 151 ? -0.663  -8.314  -12.666 1.00 20.90 ? 131 HIS A CG  1 
ATOM   1030 N ND1 . HIS A 1 151 ? -0.486  -8.523  -14.020 1.00 25.72 ? 131 HIS A ND1 1 
ATOM   1031 C CD2 . HIS A 1 151 ? 0.056   -7.212  -12.352 1.00 20.75 ? 131 HIS A CD2 1 
ATOM   1032 C CE1 . HIS A 1 151 ? 0.284   -7.562  -14.509 1.00 23.05 ? 131 HIS A CE1 1 
ATOM   1033 N NE2 . HIS A 1 151 ? 0.636   -6.762  -13.523 1.00 28.00 ? 131 HIS A NE2 1 
ATOM   1034 N N   . ARG A 1 152 ? -0.783  -11.756 -9.184  1.00 14.93 ? 132 ARG A N   1 
ATOM   1035 C CA  . ARG A 1 152 ? -1.503  -12.513 -8.165  1.00 15.01 ? 132 ARG A CA  1 
ATOM   1036 C C   . ARG A 1 152 ? -1.166  -12.062 -6.762  1.00 12.28 ? 132 ARG A C   1 
ATOM   1037 O O   . ARG A 1 152 ? -0.039  -11.628 -6.524  1.00 14.49 ? 132 ARG A O   1 
ATOM   1038 C CB  . ARG A 1 152 ? -1.205  -14.039 -8.281  1.00 15.09 ? 132 ARG A CB  1 
ATOM   1039 C CG  . ARG A 1 152 ? -1.865  -14.546 -9.591  1.00 21.49 ? 132 ARG A CG  1 
ATOM   1040 C CD  . ARG A 1 152 ? -1.947  -16.044 -9.498  1.00 30.51 ? 132 ARG A CD  1 
ATOM   1041 N NE  . ARG A 1 152 ? -0.594  -16.562 -9.592  1.00 33.26 ? 132 ARG A NE  1 
ATOM   1042 C CZ  . ARG A 1 152 ? 0.029   -16.776 -10.751 1.00 41.22 ? 132 ARG A CZ  1 
ATOM   1043 N NH1 . ARG A 1 152 ? -0.555  -16.460 -11.920 1.00 43.13 ? 132 ARG A NH1 1 
ATOM   1044 N NH2 . ARG A 1 152 ? 1.274   -17.250 -10.740 1.00 44.50 ? 132 ARG A NH2 1 
ATOM   1045 N N   . ILE A 1 153 ? -2.130  -12.229 -5.881  1.00 13.63 ? 133 ILE A N   1 
ATOM   1046 C CA  . ILE A 1 153 ? -1.925  -11.899 -4.408  1.00 11.36 ? 133 ILE A CA  1 
ATOM   1047 C C   . ILE A 1 153 ? -1.055  -13.061 -3.878  1.00 13.99 ? 133 ILE A C   1 
ATOM   1048 O O   . ILE A 1 153 ? -1.458  -14.230 -3.918  1.00 13.80 ? 133 ILE A O   1 
ATOM   1049 C CB  . ILE A 1 153 ? -3.231  -11.891 -3.644  1.00 14.62 ? 133 ILE A CB  1 
ATOM   1050 C CG1 . ILE A 1 153 ? -4.222  -10.802 -4.167  1.00 14.68 ? 133 ILE A CG1 1 
ATOM   1051 C CG2 . ILE A 1 153 ? -2.924  -11.620 -2.178  1.00 10.86 ? 133 ILE A CG2 1 
ATOM   1052 C CD1 . ILE A 1 153 ? -3.557  -9.361  -4.324  1.00 14.65 ? 133 ILE A CD1 1 
ATOM   1053 N N   . VAL A 1 154 ? 0.121   -12.749 -3.379  1.00 12.54 ? 134 VAL A N   1 
ATOM   1054 C CA  . VAL A 1 154 ? 1.064   -13.812 -2.837  1.00 12.41 ? 134 VAL A CA  1 
ATOM   1055 C C   . VAL A 1 154 ? 0.964   -13.837 -1.314  1.00 13.79 ? 134 VAL A C   1 
ATOM   1056 O O   . VAL A 1 154 ? 1.037   -14.891 -0.725  1.00 13.96 ? 134 VAL A O   1 
ATOM   1057 C CB  . VAL A 1 154 ? 2.485   -13.608 -3.361  1.00 13.74 ? 134 VAL A CB  1 
ATOM   1058 C CG1 . VAL A 1 154 ? 3.556   -14.570 -2.733  1.00 15.31 ? 134 VAL A CG1 1 
ATOM   1059 C CG2 . VAL A 1 154 ? 2.470   -13.783 -4.869  1.00 12.55 ? 134 VAL A CG2 1 
ATOM   1060 N N   . GLU A 1 155 ? 0.838   -12.678 -0.705  1.00 15.29 ? 135 GLU A N   1 
ATOM   1061 C CA  . GLU A 1 155 ? 0.633   -12.557 0.759   1.00 14.32 ? 135 GLU A CA  1 
ATOM   1062 C C   . GLU A 1 155 ? -0.379  -11.462 1.013   1.00 13.96 ? 135 GLU A C   1 
ATOM   1063 O O   . GLU A 1 155 ? -0.489  -10.480 0.213   1.00 13.58 ? 135 GLU A O   1 
ATOM   1064 C CB  . GLU A 1 155 ? 1.932   -12.262 1.558   1.00 13.74 ? 135 GLU A CB  1 
ATOM   1065 C CG  . GLU A 1 155 ? 3.095   -13.179 1.253   1.00 14.88 ? 135 GLU A CG  1 
ATOM   1066 C CD  . GLU A 1 155 ? 2.931   -14.556 1.930   1.00 19.03 ? 135 GLU A CD  1 
ATOM   1067 O OE1 . GLU A 1 155 ? 2.006   -14.712 2.708   1.00 21.22 ? 135 GLU A OE1 1 
ATOM   1068 O OE2 . GLU A 1 155 ? 3.654   -15.505 1.602   1.00 18.97 ? 135 GLU A OE2 1 
ATOM   1069 N N   . ALA A 1 156 ? -1.135  -11.600 2.072   1.00 14.47 ? 136 ALA A N   1 
ATOM   1070 C CA  . ALA A 1 156 ? -2.153  -10.563 2.460   1.00 13.79 ? 136 ALA A CA  1 
ATOM   1071 C C   . ALA A 1 156 ? -2.166  -10.410 3.965   1.00 15.58 ? 136 ALA A C   1 
ATOM   1072 O O   . ALA A 1 156 ? -2.515  -11.397 4.671   1.00 18.82 ? 136 ALA A O   1 
ATOM   1073 C CB  . ALA A 1 156 ? -3.529  -10.896 1.965   1.00 14.86 ? 136 ALA A CB  1 
ATOM   1074 N N   . TRP A 1 157 ? -1.761  -9.269  4.493   1.00 11.71 ? 137 TRP A N   1 
ATOM   1075 C CA  . TRP A 1 157 ? -1.872  -9.061  5.961   1.00 11.68 ? 137 TRP A CA  1 
ATOM   1076 C C   . TRP A 1 157 ? -3.048  -8.115  6.243   1.00 12.84 ? 137 TRP A C   1 
ATOM   1077 O O   . TRP A 1 157 ? -3.106  -7.055  5.559   1.00 11.72 ? 137 TRP A O   1 
ATOM   1078 C CB  . TRP A 1 157 ? -0.646  -8.336  6.468   1.00 11.76 ? 137 TRP A CB  1 
ATOM   1079 C CG  . TRP A 1 157 ? 0.716   -9.049  6.453   1.00 14.10 ? 137 TRP A CG  1 
ATOM   1080 C CD1 . TRP A 1 157 ? 1.373   -9.643  7.520   1.00 13.29 ? 137 TRP A CD1 1 
ATOM   1081 C CD2 . TRP A 1 157 ? 1.598   -9.191  5.341   1.00 9.76  ? 137 TRP A CD2 1 
ATOM   1082 N NE1 . TRP A 1 157 ? 2.620   -10.130 7.130   1.00 15.04 ? 137 TRP A NE1 1 
ATOM   1083 C CE2 . TRP A 1 157 ? 2.779   -9.867  5.793   1.00 11.37 ? 137 TRP A CE2 1 
ATOM   1084 C CE3 . TRP A 1 157 ? 1.510   -8.810  3.937   1.00 10.54 ? 137 TRP A CE3 1 
ATOM   1085 C CZ2 . TRP A 1 157 ? 3.834   -10.142 4.966   1.00 9.59  ? 137 TRP A CZ2 1 
ATOM   1086 C CZ3 . TRP A 1 157 ? 2.545   -9.069  3.135   1.00 11.84 ? 137 TRP A CZ3 1 
ATOM   1087 C CH2 . TRP A 1 157 ? 3.755   -9.788  3.614   1.00 13.25 ? 137 TRP A CH2 1 
ATOM   1088 N N   . ARG A 1 158 ? -3.955  -8.500  7.131   1.00 14.21 ? 138 ARG A N   1 
ATOM   1089 C CA  . ARG A 1 158 ? -5.059  -7.672  7.561   1.00 13.03 ? 138 ARG A CA  1 
ATOM   1090 C C   . ARG A 1 158 ? -4.978  -7.379  9.090   1.00 15.78 ? 138 ARG A C   1 
ATOM   1091 O O   . ARG A 1 158 ? -4.249  -8.048  9.826   1.00 16.50 ? 138 ARG A O   1 
ATOM   1092 C CB  . ARG A 1 158 ? -6.394  -8.300  7.131   1.00 13.85 ? 138 ARG A CB  1 
ATOM   1093 C CG  . ARG A 1 158 ? -6.485  -8.385  5.597   1.00 16.05 ? 138 ARG A CG  1 
ATOM   1094 C CD  . ARG A 1 158 ? -7.854  -8.898  5.237   1.00 16.06 ? 138 ARG A CD  1 
ATOM   1095 N NE  . ARG A 1 158 ? -7.937  -9.127  3.777   1.00 15.36 ? 138 ARG A NE  1 
ATOM   1096 C CZ  . ARG A 1 158 ? -8.424  -8.222  2.909   1.00 15.78 ? 138 ARG A CZ  1 
ATOM   1097 N NH1 . ARG A 1 158 ? -8.834  -7.026  3.384   1.00 13.25 ? 138 ARG A NH1 1 
ATOM   1098 N NH2 . ARG A 1 158 ? -8.527  -8.505  1.587   1.00 14.64 ? 138 ARG A NH2 1 
ATOM   1099 N N   . GLN A 1 159 ? -5.604  -6.303  9.513   1.00 15.68 ? 139 GLN A N   1 
ATOM   1100 C CA  . GLN A 1 159 ? -5.462  -5.874  10.913  1.00 16.55 ? 139 GLN A CA  1 
ATOM   1101 C C   . GLN A 1 159 ? -4.002  -5.723  11.298  1.00 16.59 ? 139 GLN A C   1 
ATOM   1102 O O   . GLN A 1 159 ? -3.538  -6.234  12.316  1.00 16.83 ? 139 GLN A O   1 
ATOM   1103 C CB  . GLN A 1 159 ? -6.199  -6.863  11.837  1.00 18.54 ? 139 GLN A CB  1 
ATOM   1104 C CG  . GLN A 1 159 ? -7.739  -6.911  11.650  1.00 24.37 ? 139 GLN A CG  1 
ATOM   1105 C CD  . GLN A 1 159 ? -8.312  -7.861  12.701  1.00 33.20 ? 139 GLN A CD  1 
ATOM   1106 O OE1 . GLN A 1 159 ? -8.413  -9.076  12.485  1.00 39.37 ? 139 GLN A OE1 1 
ATOM   1107 N NE2 . GLN A 1 159 ? -8.546  -7.331  13.880  1.00 35.24 ? 139 GLN A NE2 1 
ATOM   1108 N N   . VAL A 1 160 ? -3.253  -5.045  10.431  1.00 14.79 ? 140 VAL A N   1 
ATOM   1109 C CA  . VAL A 1 160 ? -1.796  -4.929  10.573  1.00 14.43 ? 140 VAL A CA  1 
ATOM   1110 C C   . VAL A 1 160 ? -1.453  -4.159  11.875  1.00 15.78 ? 140 VAL A C   1 
ATOM   1111 O O   . VAL A 1 160 ? -2.033  -3.101  12.197  1.00 15.85 ? 140 VAL A O   1 
ATOM   1112 C CB  . VAL A 1 160 ? -1.222  -4.140  9.352   1.00 13.42 ? 140 VAL A CB  1 
ATOM   1113 C CG1 . VAL A 1 160 ? 0.183   -3.730  9.601   1.00 14.85 ? 140 VAL A CG1 1 
ATOM   1114 C CG2 . VAL A 1 160 ? -1.280  -5.116  8.139   1.00 14.01 ? 140 VAL A CG2 1 
ATOM   1115 N N   . LYS A 1 161 ? -0.454  -4.712  12.562  1.00 15.96 ? 141 LYS A N   1 
ATOM   1116 C CA  . LYS A 1 161 ? 0.172   -4.020  13.717  1.00 16.77 ? 141 LYS A CA  1 
ATOM   1117 C C   . LYS A 1 161 ? 1.381   -3.286  13.197  1.00 14.95 ? 141 LYS A C   1 
ATOM   1118 O O   . LYS A 1 161 ? 2.244   -3.909  12.577  1.00 15.73 ? 141 LYS A O   1 
ATOM   1119 C CB  . LYS A 1 161 ? 0.690   -5.104  14.685  1.00 19.38 ? 141 LYS A CB  1 
ATOM   1120 N N   . VAL A 1 162 ? 1.492   -1.978  13.499  1.00 15.19 ? 142 VAL A N   1 
ATOM   1121 C CA  . VAL A 1 162 ? 2.506   -1.240  12.808  1.00 14.58 ? 142 VAL A CA  1 
ATOM   1122 C C   . VAL A 1 162 ? 3.978   -1.645  13.114  1.00 14.19 ? 142 VAL A C   1 
ATOM   1123 O O   . VAL A 1 162 ? 4.750   -1.843  12.257  1.00 14.13 ? 142 VAL A O   1 
ATOM   1124 C CB  . VAL A 1 162 ? 2.367   0.286   13.015  1.00 14.82 ? 142 VAL A CB  1 
ATOM   1125 C CG1 . VAL A 1 162 ? 3.533   0.990   12.495  1.00 15.23 ? 142 VAL A CG1 1 
ATOM   1126 C CG2 . VAL A 1 162 ? 1.088   0.818   12.285  1.00 14.37 ? 142 VAL A CG2 1 
ATOM   1127 N N   . PRO A 1 163 ? 4.348   -1.708  14.416  1.00 15.30 ? 143 PRO A N   1 
ATOM   1128 C CA  . PRO A 1 163 ? 5.806   -1.841  14.578  1.00 16.59 ? 143 PRO A CA  1 
ATOM   1129 C C   . PRO A 1 163 ? 6.401   -3.167  14.080  1.00 15.55 ? 143 PRO A C   1 
ATOM   1130 O O   . PRO A 1 163 ? 5.886   -4.212  14.424  1.00 17.20 ? 143 PRO A O   1 
ATOM   1131 C CB  . PRO A 1 163 ? 6.023   -1.726  16.100  1.00 16.79 ? 143 PRO A CB  1 
ATOM   1132 C CG  . PRO A 1 163 ? 4.625   -1.234  16.687  1.00 18.24 ? 143 PRO A CG  1 
ATOM   1133 C CD  . PRO A 1 163 ? 3.549   -1.560  15.629  1.00 15.67 ? 143 PRO A CD  1 
ATOM   1134 N N   . GLY A 1 164 ? 7.454   -3.054  13.219  1.00 16.93 ? 144 GLY A N   1 
ATOM   1135 C CA  . GLY A 1 164 ? 8.183   -4.186  12.616  1.00 15.50 ? 144 GLY A CA  1 
ATOM   1136 C C   . GLY A 1 164 ? 7.449   -4.746  11.419  1.00 13.69 ? 144 GLY A C   1 
ATOM   1137 O O   . GLY A 1 164 ? 7.958   -5.694  10.775  1.00 14.39 ? 144 GLY A O   1 
ATOM   1138 N N   . HIS A 1 165 ? 6.301   -4.138  11.057  1.00 13.38 ? 145 HIS A N   1 
ATOM   1139 C CA  . HIS A 1 165 ? 5.585   -4.728  9.940   1.00 12.42 ? 145 HIS A CA  1 
ATOM   1140 C C   . HIS A 1 165 ? 6.386   -4.683  8.644   1.00 10.77 ? 145 HIS A C   1 
ATOM   1141 O O   . HIS A 1 165 ? 6.414   -5.670  7.903   1.00 10.45 ? 145 HIS A O   1 
ATOM   1142 C CB  . HIS A 1 165 ? 4.254   -3.923  9.653   1.00 10.13 ? 145 HIS A CB  1 
ATOM   1143 C CG  . HIS A 1 165 ? 3.472   -4.492  8.499   1.00 10.99 ? 145 HIS A CG  1 
ATOM   1144 N ND1 . HIS A 1 165 ? 3.029   -3.728  7.439   1.00 13.34 ? 145 HIS A ND1 1 
ATOM   1145 C CD2 . HIS A 1 165 ? 2.973   -5.741  8.335   1.00 8.79  ? 145 HIS A CD2 1 
ATOM   1146 C CE1 . HIS A 1 165 ? 2.308   -4.519  6.615   1.00 6.40  ? 145 HIS A CE1 1 
ATOM   1147 N NE2 . HIS A 1 165 ? 2.274   -5.737  7.128   1.00 14.69 ? 145 HIS A NE2 1 
ATOM   1148 N N   . ALA A 1 166 ? 6.950   -3.536  8.274   1.00 10.39 ? 146 ALA A N   1 
ATOM   1149 C CA  . ALA A 1 166 ? 7.707   -3.407  7.019   1.00 10.70 ? 146 ALA A CA  1 
ATOM   1150 C C   . ALA A 1 166 ? 8.839   -4.450  6.927   1.00 13.22 ? 146 ALA A C   1 
ATOM   1151 O O   . ALA A 1 166 ? 8.900   -5.181  5.931   1.00 12.04 ? 146 ALA A O   1 
ATOM   1152 C CB  . ALA A 1 166 ? 8.284   -2.007  6.868   1.00 12.46 ? 146 ALA A CB  1 
ATOM   1153 N N   . GLU A 1 167 ? 9.553   -4.658  8.058   1.00 13.79 ? 147 GLU A N   1 
ATOM   1154 C CA  . GLU A 1 167 ? 10.552  -5.728  8.022   1.00 14.70 ? 147 GLU A CA  1 
ATOM   1155 C C   . GLU A 1 167 ? 9.941   -7.143  7.868   1.00 14.71 ? 147 GLU A C   1 
ATOM   1156 O O   . GLU A 1 167 ? 10.562  -7.990  7.219   1.00 13.77 ? 147 GLU A O   1 
ATOM   1157 C CB  . GLU A 1 167 ? 11.337  -5.666  9.366   1.00 15.00 ? 147 GLU A CB  1 
ATOM   1158 C CG  . GLU A 1 167 ? 12.566  -6.563  9.327   1.00 19.60 ? 147 GLU A CG  1 
ATOM   1159 C CD  . GLU A 1 167 ? 13.561  -6.243  10.419  1.00 29.84 ? 147 GLU A CD  1 
ATOM   1160 O OE1 . GLU A 1 167 ? 13.670  -5.082  10.843  1.00 34.17 ? 147 GLU A OE1 1 
ATOM   1161 O OE2 . GLU A 1 167 ? 14.255  -7.182  10.833  1.00 28.95 ? 147 GLU A OE2 1 
ATOM   1162 N N   . GLU A 1 168 ? 8.780   -7.397  8.476   1.00 11.82 ? 148 GLU A N   1 
ATOM   1163 C CA  . GLU A 1 168 ? 8.147   -8.700  8.272   1.00 12.31 ? 148 GLU A CA  1 
ATOM   1164 C C   . GLU A 1 168 ? 7.815   -8.908  6.819   1.00 11.33 ? 148 GLU A C   1 
ATOM   1165 O O   . GLU A 1 168 ? 7.881   -9.978  6.292   1.00 12.95 ? 148 GLU A O   1 
ATOM   1166 C CB  . GLU A 1 168 ? 6.946   -8.759  9.109   1.00 12.43 ? 148 GLU A CB  1 
ATOM   1167 C CG  . GLU A 1 168 ? 6.063   -9.992  8.776   1.00 14.28 ? 148 GLU A CG  1 
ATOM   1168 C CD  . GLU A 1 168 ? 4.893   -10.243 9.698   1.00 16.16 ? 148 GLU A CD  1 
ATOM   1169 O OE1 . GLU A 1 168 ? 4.116   -11.198 9.306   1.00 14.89 ? 148 GLU A OE1 1 
ATOM   1170 O OE2 . GLU A 1 168 ? 4.811   -9.636  10.802  1.00 14.40 ? 148 GLU A OE2 1 
ATOM   1171 N N   . VAL A 1 169 ? 7.316   -7.864  6.205   1.00 10.76 ? 149 VAL A N   1 
ATOM   1172 C CA  . VAL A 1 169 ? 7.016   -7.938  4.775   1.00 11.60 ? 149 VAL A CA  1 
ATOM   1173 C C   . VAL A 1 169 ? 8.235   -8.248  3.887   1.00 10.42 ? 149 VAL A C   1 
ATOM   1174 O O   . VAL A 1 169 ? 8.256   -9.110  3.012   1.00 12.58 ? 149 VAL A O   1 
ATOM   1175 C CB  . VAL A 1 169 ? 6.212   -6.599  4.337   1.00 7.87  ? 149 VAL A CB  1 
ATOM   1176 C CG1 . VAL A 1 169 ? 6.056   -6.688  2.786   1.00 12.18 ? 149 VAL A CG1 1 
ATOM   1177 C CG2 . VAL A 1 169 ? 4.874   -6.527  5.019   1.00 9.08  ? 149 VAL A CG2 1 
ATOM   1178 N N   . LEU A 1 170 ? 9.297   -7.522  4.148   1.00 11.31 ? 150 LEU A N   1 
ATOM   1179 C CA  . LEU A 1 170 ? 10.562  -7.711  3.455   1.00 12.24 ? 150 LEU A CA  1 
ATOM   1180 C C   . LEU A 1 170 ? 10.999  -9.182  3.651   1.00 13.36 ? 150 LEU A C   1 
ATOM   1181 O O   . LEU A 1 170 ? 11.423  -9.799  2.719   1.00 12.02 ? 150 LEU A O   1 
ATOM   1182 C CB  . LEU A 1 170 ? 11.581  -6.808  4.080   1.00 12.90 ? 150 LEU A CB  1 
ATOM   1183 C CG  . LEU A 1 170 ? 12.927  -6.984  3.361   1.00 11.50 ? 150 LEU A CG  1 
ATOM   1184 C CD1 . LEU A 1 170 ? 12.868  -6.835  1.781   1.00 15.23 ? 150 LEU A CD1 1 
ATOM   1185 C CD2 . LEU A 1 170 ? 13.957  -6.113  3.993   1.00 13.63 ? 150 LEU A CD2 1 
ATOM   1186 N N   . ASN A 1 171 ? 10.952  -9.638  4.888   1.00 12.47 ? 151 ASN A N   1 
ATOM   1187 C CA  . ASN A 1 171 ? 11.475  -10.997 5.134   1.00 13.62 ? 151 ASN A CA  1 
ATOM   1188 C C   . ASN A 1 171 ? 10.592  -12.035 4.465   1.00 13.77 ? 151 ASN A C   1 
ATOM   1189 O O   . ASN A 1 171 ? 11.113  -13.092 4.044   1.00 14.49 ? 151 ASN A O   1 
ATOM   1190 C CB  . ASN A 1 171 ? 11.603  -11.320 6.625   1.00 13.87 ? 151 ASN A CB  1 
ATOM   1191 C CG  . ASN A 1 171 ? 12.798  -10.629 7.220   1.00 16.71 ? 151 ASN A CG  1 
ATOM   1192 O OD1 . ASN A 1 171 ? 13.738  -10.313 6.465   1.00 24.11 ? 151 ASN A OD1 1 
ATOM   1193 N ND2 . ASN A 1 171 ? 12.734  -10.269 8.481   1.00 21.03 ? 151 ASN A ND2 1 
ATOM   1194 N N   . LYS A 1 172 ? 9.273   -11.824 4.460   1.00 12.54 ? 152 LYS A N   1 
ATOM   1195 C CA  . LYS A 1 172 ? 8.417   -12.709 3.696   1.00 12.38 ? 152 LYS A CA  1 
ATOM   1196 C C   . LYS A 1 172 ? 8.739   -12.790 2.200   1.00 14.16 ? 152 LYS A C   1 
ATOM   1197 O O   . LYS A 1 172 ? 8.780   -13.856 1.582   1.00 14.09 ? 152 LYS A O   1 
ATOM   1198 C CB  . LYS A 1 172 ? 6.930   -12.269 3.865   1.00 13.05 ? 152 LYS A CB  1 
ATOM   1199 C CG  . LYS A 1 172 ? 5.980   -13.223 3.247   1.00 15.08 ? 152 LYS A CG  1 
ATOM   1200 C CD  . LYS A 1 172 ? 5.386   -14.218 4.342   1.00 16.77 ? 152 LYS A CD  1 
ATOM   1201 C CE  . LYS A 1 172 ? 4.491   -13.559 5.256   1.00 18.88 ? 152 LYS A CE  1 
ATOM   1202 N NZ  . LYS A 1 172 ? 3.989   -14.419 6.492   1.00 26.48 ? 152 LYS A NZ  1 
ATOM   1203 N N   . LEU A 1 173 ? 9.001   -11.622 1.575   1.00 12.81 ? 153 LEU A N   1 
ATOM   1204 C CA  . LEU A 1 173 ? 9.393   -11.585 0.187   1.00 15.64 ? 153 LEU A CA  1 
ATOM   1205 C C   . LEU A 1 173 ? 10.721  -12.341 -0.033  1.00 15.25 ? 153 LEU A C   1 
ATOM   1206 O O   . LEU A 1 173 ? 10.838  -13.143 -0.911  1.00 16.95 ? 153 LEU A O   1 
ATOM   1207 C CB  . LEU A 1 173 ? 9.475   -10.078 -0.235  1.00 14.75 ? 153 LEU A CB  1 
ATOM   1208 C CG  . LEU A 1 173 ? 10.049  -9.906  -1.644  1.00 18.38 ? 153 LEU A CG  1 
ATOM   1209 C CD1 . LEU A 1 173 ? 9.189   -10.624 -2.687  1.00 24.46 ? 153 LEU A CD1 1 
ATOM   1210 C CD2 . LEU A 1 173 ? 10.174  -8.426  -1.928  1.00 23.01 ? 153 LEU A CD2 1 
ATOM   1211 N N   . LYS A 1 174 ? 11.674  -12.146 0.868   1.00 15.31 ? 154 LYS A N   1 
ATOM   1212 C CA  . LYS A 1 174 ? 12.992  -12.825 0.867   1.00 17.08 ? 154 LYS A CA  1 
ATOM   1213 C C   . LYS A 1 174 ? 12.791  -14.297 1.031   1.00 17.87 ? 154 LYS A C   1 
ATOM   1214 O O   . LYS A 1 174 ? 13.498  -15.047 0.364   1.00 21.63 ? 154 LYS A O   1 
ATOM   1215 C CB  . LYS A 1 174 ? 13.871  -12.349 1.970   1.00 16.33 ? 154 LYS A CB  1 
ATOM   1216 C CG  . LYS A 1 174 ? 14.468  -10.957 1.658   1.00 15.70 ? 154 LYS A CG  1 
ATOM   1217 C CD  . LYS A 1 174 ? 15.492  -10.633 2.715   1.00 16.23 ? 154 LYS A CD  1 
ATOM   1218 C CE  . LYS A 1 174 ? 15.984  -9.276  2.528   1.00 19.15 ? 154 LYS A CE  1 
ATOM   1219 N NZ  . LYS A 1 174 ? 17.199  -9.079  3.452   1.00 21.21 ? 154 LYS A NZ  1 
ATOM   1220 N N   . ALA A 1 175 ? 11.817  -14.718 1.858   1.00 18.60 ? 155 ALA A N   1 
ATOM   1221 C CA  . ALA A 1 175 ? 11.587  -16.122 2.078   1.00 20.42 ? 155 ALA A CA  1 
ATOM   1222 C C   . ALA A 1 175 ? 11.074  -16.722 0.775   1.00 20.35 ? 155 ALA A C   1 
ATOM   1223 O O   . ALA A 1 175 ? 11.454  -17.851 0.427   1.00 25.42 ? 155 ALA A O   1 
ATOM   1224 C CB  . ALA A 1 175 ? 10.656  -16.339 3.288   1.00 18.79 ? 155 ALA A CB  1 
ATOM   1225 N N   . HIS A 1 176 ? 10.244  -16.017 0.018   1.00 21.66 ? 156 HIS A N   1 
ATOM   1226 C CA  . HIS A 1 176 ? 9.818   -16.519 -1.291  1.00 24.58 ? 156 HIS A CA  1 
ATOM   1227 C C   . HIS A 1 176 ? 10.906  -16.561 -2.270  1.00 28.08 ? 156 HIS A C   1 
ATOM   1228 O O   . HIS A 1 176 ? 10.925  -17.455 -3.098  1.00 29.04 ? 156 HIS A O   1 
ATOM   1229 C CB  . HIS A 1 176 ? 8.750   -15.655 -1.934  1.00 22.74 ? 156 HIS A CB  1 
ATOM   1230 C CG  . HIS A 1 176 ? 7.380   -15.946 -1.433  1.00 23.19 ? 156 HIS A CG  1 
ATOM   1231 N ND1 . HIS A 1 176 ? 6.755   -15.240 -0.431  1.00 23.66 ? 156 HIS A ND1 1 
ATOM   1232 C CD2 . HIS A 1 176 ? 6.518   -16.914 -1.798  1.00 15.08 ? 156 HIS A CD2 1 
ATOM   1233 C CE1 . HIS A 1 176 ? 5.570   -15.773 -0.187  1.00 18.05 ? 156 HIS A CE1 1 
ATOM   1234 N NE2 . HIS A 1 176 ? 5.412   -16.789 -1.002  1.00 20.82 ? 156 HIS A NE2 1 
ATOM   1235 N N   . ALA A 1 177 ? 11.764  -15.552 -2.244  1.00 32.32 ? 157 ALA A N   1 
ATOM   1236 C CA  . ALA A 1 177 ? 12.917  -15.494 -3.163  1.00 36.70 ? 157 ALA A CA  1 
ATOM   1237 C C   . ALA A 1 177 ? 13.939  -16.631 -2.874  1.00 39.15 ? 157 ALA A C   1 
ATOM   1238 O O   . ALA A 1 177 ? 14.815  -16.925 -3.687  1.00 40.27 ? 157 ALA A O   1 
ATOM   1239 C CB  . ALA A 1 177 ? 13.571  -14.091 -3.106  1.00 36.69 ? 157 ALA A CB  1 
ATOM   1240 N N   . GLU A 1 178 ? 13.766  -17.278 -1.720  1.00 41.09 ? 158 GLU A N   1 
ATOM   1241 C CA  . GLU A 1 178 ? 14.364  -18.576 -1.324  1.00 42.60 ? 158 GLU A CA  1 
ATOM   1242 C C   . GLU A 1 178 ? 15.529  -18.387 -0.356  1.00 43.42 ? 158 GLU A C   1 
ATOM   1243 O O   . GLU A 1 178 ? 15.309  -18.294 0.864   1.00 44.92 ? 158 GLU A O   1 
ATOM   1244 C CB  . GLU A 1 178 ? 14.730  -19.453 -2.502  1.00 42.59 ? 158 GLU A CB  1 
HETATM 1245 O O   . HOH B 2 .   ? -1.514  19.921  -4.928  1.00 54.88 ? 160 HOH A O   1 
HETATM 1246 O O   . HOH B 2 .   ? 5.148   13.291  12.401  1.00 39.52 ? 161 HOH A O   1 
HETATM 1247 O O   . HOH B 2 .   ? 6.365   3.217   -8.078  1.00 42.35 ? 162 HOH A O   1 
HETATM 1248 O O   . HOH B 2 .   ? 18.840  -11.676 3.387   1.00 44.24 ? 163 HOH A O   1 
HETATM 1249 O O   . HOH B 2 .   ? -9.942  9.835   7.618   1.00 46.22 ? 164 HOH A O   1 
HETATM 1250 O O   . HOH B 2 .   ? 8.828   0.342   -10.369 1.00 35.88 ? 165 HOH A O   1 
HETATM 1251 O O   . HOH B 2 .   ? 11.120  -3.188  -9.641  1.00 62.65 ? 166 HOH A O   1 
HETATM 1252 O O   . HOH B 2 .   ? -3.511  -4.162  -19.485 1.00 51.42 ? 167 HOH A O   1 
HETATM 1253 O O   . HOH B 2 .   ? 15.803  3.195   -2.605  1.00 41.48 ? 168 HOH A O   1 
HETATM 1254 O O   . HOH B 2 .   ? -6.825  14.479  2.679   1.00 31.16 ? 169 HOH A O   1 
HETATM 1255 O O   . HOH B 2 .   ? -6.430  17.877  1.387   1.00 52.23 ? 170 HOH A O   1 
HETATM 1256 O O   . HOH B 2 .   ? -0.281  -14.218 -16.427 1.00 41.28 ? 171 HOH A O   1 
HETATM 1257 O O   . HOH B 2 .   ? 6.093   -1.012  9.777   1.00 16.01 ? 172 HOH A O   1 
HETATM 1258 O O   . HOH B 2 .   ? -4.552  0.298   -11.257 1.00 16.78 ? 173 HOH A O   1 
HETATM 1259 O O   . HOH B 2 .   ? -10.361 6.060   -5.933  1.00 22.55 ? 174 HOH A O   1 
HETATM 1260 O O   . HOH B 2 .   ? 1.887   -13.053 -9.606  1.00 17.64 ? 175 HOH A O   1 
HETATM 1261 O O   . HOH B 2 .   ? -0.544  -1.537  6.007   1.00 10.70 ? 176 HOH A O   1 
HETATM 1262 O O   . HOH B 2 .   ? -8.576  -5.573  5.862   1.00 17.01 ? 177 HOH A O   1 
HETATM 1263 O O   . HOH B 2 .   ? 8.435   -12.328 7.706   1.00 17.62 ? 178 HOH A O   1 
HETATM 1264 O O   . HOH B 2 .   ? 9.873   -2.711  10.166  1.00 16.52 ? 179 HOH A O   1 
HETATM 1265 O O   . HOH B 2 .   ? -8.950  -14.195 -9.092  1.00 20.69 ? 180 HOH A O   1 
HETATM 1266 O O   . HOH B 2 .   ? 2.113   5.761   5.583   1.00 11.76 ? 181 HOH A O   1 
HETATM 1267 O O   . HOH B 2 .   ? 10.391  -11.449 9.624   1.00 18.98 ? 182 HOH A O   1 
HETATM 1268 O O   . HOH B 2 .   ? 3.135   -7.302  10.659  1.00 16.18 ? 183 HOH A O   1 
HETATM 1269 O O   . HOH B 2 .   ? -6.173  7.201   -7.340  1.00 20.20 ? 184 HOH A O   1 
HETATM 1270 O O   . HOH B 2 .   ? 17.562  3.340   3.539   1.00 37.12 ? 185 HOH A O   1 
HETATM 1271 O O   . HOH B 2 .   ? -1.250  -8.693  9.796   1.00 17.86 ? 186 HOH A O   1 
HETATM 1272 O O   . HOH B 2 .   ? -9.592  -12.473 -11.331 1.00 35.99 ? 187 HOH A O   1 
HETATM 1273 O O   . HOH B 2 .   ? -8.268  7.310   4.243   1.00 18.80 ? 188 HOH A O   1 
HETATM 1274 O O   . HOH B 2 .   ? 9.461   -7.317  12.426  1.00 24.08 ? 189 HOH A O   1 
HETATM 1275 O O   . HOH B 2 .   ? -6.504  -0.590  11.291  1.00 18.58 ? 190 HOH A O   1 
HETATM 1276 O O   . HOH B 2 .   ? -5.998  -16.569 -9.536  1.00 17.70 ? 191 HOH A O   1 
HETATM 1277 O O   . HOH B 2 .   ? 6.881   2.612   -5.573  1.00 28.52 ? 192 HOH A O   1 
HETATM 1278 O O   . HOH B 2 .   ? 5.718   -13.376 8.236   1.00 22.85 ? 193 HOH A O   1 
HETATM 1279 O O   . HOH B 2 .   ? 3.072   -6.655  -9.711  1.00 21.23 ? 194 HOH A O   1 
HETATM 1280 O O   . HOH B 2 .   ? 17.318  -7.206  -0.333  1.00 26.97 ? 195 HOH A O   1 
HETATM 1281 O O   . HOH B 2 .   ? 1.031   19.747  -0.357  1.00 18.43 ? 196 HOH A O   1 
HETATM 1282 O O   . HOH B 2 .   ? 16.910  -14.724 2.553   1.00 41.33 ? 197 HOH A O   1 
HETATM 1283 O O   . HOH B 2 .   ? 2.438   6.950   -16.171 1.00 23.20 ? 198 HOH A O   1 
HETATM 1284 O O   . HOH B 2 .   ? -13.123 1.766   10.734  1.00 33.76 ? 199 HOH A O   1 
HETATM 1285 O O   . HOH B 2 .   ? -9.439  5.565   6.933   1.00 17.46 ? 200 HOH A O   1 
HETATM 1286 O O   . HOH B 2 .   ? 3.227   -14.794 -8.058  1.00 23.15 ? 201 HOH A O   1 
HETATM 1287 O O   . HOH B 2 .   ? -1.853  6.258   14.863  1.00 27.52 ? 202 HOH A O   1 
HETATM 1288 O O   . HOH B 2 .   ? 13.120  5.642   8.223   1.00 25.40 ? 203 HOH A O   1 
HETATM 1289 O O   . HOH B 2 .   ? 0.391   -7.350  11.660  1.00 17.57 ? 204 HOH A O   1 
HETATM 1290 O O   . HOH B 2 .   ? -6.187  14.831  -4.747  1.00 23.79 ? 205 HOH A O   1 
HETATM 1291 O O   . HOH B 2 .   ? 2.895   13.697  9.538   1.00 37.24 ? 206 HOH A O   1 
HETATM 1292 O O   . HOH B 2 .   ? 2.291   17.262  -6.739  1.00 22.74 ? 207 HOH A O   1 
HETATM 1293 O O   . HOH B 2 .   ? -14.239 -3.313  2.214   1.00 21.66 ? 208 HOH A O   1 
HETATM 1294 O O   . HOH B 2 .   ? -5.009  17.364  -3.924  1.00 22.13 ? 209 HOH A O   1 
HETATM 1295 O O   . HOH B 2 .   ? -10.557 5.711   9.477   1.00 29.50 ? 210 HOH A O   1 
HETATM 1296 O O   . HOH B 2 .   ? 12.110  -0.997  8.913   1.00 21.68 ? 211 HOH A O   1 
HETATM 1297 O O   . HOH B 2 .   ? 8.341   -21.298 -1.381  1.00 41.53 ? 212 HOH A O   1 
HETATM 1298 O O   . HOH B 2 .   ? -5.741  -14.462 1.886   1.00 31.16 ? 213 HOH A O   1 
HETATM 1299 O O   . HOH B 2 .   ? 0.535   -5.502  -10.156 1.00 26.38 ? 214 HOH A O   1 
HETATM 1300 O O   . HOH B 2 .   ? 18.022  -10.196 -0.398  1.00 38.87 ? 215 HOH A O   1 
HETATM 1301 O O   . HOH B 2 .   ? -4.073  -11.287 8.183   1.00 28.23 ? 216 HOH A O   1 
HETATM 1302 O O   . HOH B 2 .   ? -9.719  -16.488 -3.026  1.00 28.04 ? 217 HOH A O   1 
HETATM 1303 O O   . HOH B 2 .   ? 14.311  5.473   1.147   1.00 29.43 ? 218 HOH A O   1 
HETATM 1304 O O   . HOH B 2 .   ? -6.438  17.073  3.660   1.00 51.39 ? 219 HOH A O   1 
HETATM 1305 O O   . HOH B 2 .   ? -1.655  19.787  2.718   1.00 32.64 ? 220 HOH A O   1 
HETATM 1306 O O   . HOH B 2 .   ? -9.353  -7.905  -9.189  1.00 26.37 ? 221 HOH A O   1 
HETATM 1307 O O   . HOH B 2 .   ? 13.882  5.045   10.791  1.00 21.60 ? 222 HOH A O   1 
HETATM 1308 O O   . HOH B 2 .   ? -0.634  -11.264 10.081  1.00 23.06 ? 223 HOH A O   1 
HETATM 1309 O O   . HOH B 2 .   ? 4.056   -6.004  12.872  1.00 24.76 ? 224 HOH A O   1 
HETATM 1310 O O   . HOH B 2 .   ? -4.808  -2.889  12.436  1.00 37.26 ? 225 HOH A O   1 
HETATM 1311 O O   . HOH B 2 .   ? 1.360   12.181  14.284  1.00 40.39 ? 226 HOH A O   1 
HETATM 1312 O O   . HOH B 2 .   ? -10.787 -3.132  11.775  1.00 36.91 ? 227 HOH A O   1 
HETATM 1313 O O   . HOH B 2 .   ? -9.755  -8.285  8.779   1.00 29.43 ? 228 HOH A O   1 
HETATM 1314 O O   . HOH B 2 .   ? 6.340   15.938  -1.368  1.00 25.44 ? 229 HOH A O   1 
HETATM 1315 O O   . HOH B 2 .   ? 5.286   14.416  -3.382  1.00 26.40 ? 230 HOH A O   1 
HETATM 1316 O O   . HOH B 2 .   ? 0.563   4.797   -16.561 1.00 30.43 ? 231 HOH A O   1 
HETATM 1317 O O   . HOH B 2 .   ? -0.489  15.857  5.404   1.00 24.02 ? 232 HOH A O   1 
HETATM 1318 O O   . HOH B 2 .   ? -8.428  10.035  4.823   1.00 29.16 ? 233 HOH A O   1 
HETATM 1319 O O   . HOH B 2 .   ? -2.581  -0.303  12.940  1.00 31.46 ? 234 HOH A O   1 
HETATM 1320 O O   . HOH B 2 .   ? 12.592  0.056   11.554  1.00 35.87 ? 235 HOH A O   1 
HETATM 1321 O O   . HOH B 2 .   ? -15.749 -1.883  0.385   1.00 41.61 ? 236 HOH A O   1 
HETATM 1322 O O   . HOH B 2 .   ? -1.444  12.640  -8.838  1.00 29.65 ? 237 HOH A O   1 
HETATM 1323 O O   . HOH B 2 .   ? -11.846 -6.852  -6.098  1.00 28.05 ? 238 HOH A O   1 
HETATM 1324 O O   . HOH B 2 .   ? 17.568  -0.881  3.591   1.00 37.99 ? 239 HOH A O   1 
HETATM 1325 O O   . HOH B 2 .   ? 7.621   10.253  -2.239  1.00 33.29 ? 240 HOH A O   1 
HETATM 1326 O O   . HOH B 2 .   ? -7.254  -11.561 2.728   1.00 23.02 ? 241 HOH A O   1 
HETATM 1327 O O   . HOH B 2 .   ? 0.835   19.530  -3.279  1.00 27.90 ? 242 HOH A O   1 
HETATM 1328 O O   . HOH B 2 .   ? -5.785  3.258   -17.926 1.00 33.48 ? 243 HOH A O   1 
HETATM 1329 O O   . HOH B 2 .   ? -0.074  -6.330  -16.866 1.00 42.27 ? 244 HOH A O   1 
HETATM 1330 O O   . HOH B 2 .   ? -10.321 -11.286 -5.899  1.00 25.75 ? 245 HOH A O   1 
HETATM 1331 O O   . HOH B 2 .   ? -3.530  -8.901  12.933  1.00 31.78 ? 246 HOH A O   1 
HETATM 1332 O O   . HOH B 2 .   ? -9.831  -9.650  -16.094 1.00 35.56 ? 247 HOH A O   1 
HETATM 1333 O O   . HOH B 2 .   ? -13.316 -1.026  -6.623  1.00 25.68 ? 248 HOH A O   1 
HETATM 1334 O O   . HOH B 2 .   ? -10.948 2.996   -12.759 1.00 49.82 ? 249 HOH A O   1 
HETATM 1335 O O   . HOH B 2 .   ? 8.811   8.163   -6.022  1.00 35.34 ? 250 HOH A O   1 
HETATM 1336 O O   . HOH B 2 .   ? -8.177  -10.364 9.789   1.00 45.97 ? 251 HOH A O   1 
HETATM 1337 O O   . HOH B 2 .   ? 2.907   11.992  12.166  1.00 26.20 ? 252 HOH A O   1 
HETATM 1338 O O   . HOH B 2 .   ? 14.024  -2.768  9.586   1.00 36.35 ? 253 HOH A O   1 
HETATM 1339 O O   . HOH B 2 .   ? -14.672 -5.484  -6.152  1.00 47.42 ? 254 HOH A O   1 
HETATM 1340 O O   . HOH B 2 .   ? -6.998  4.749   -6.891  1.00 24.14 ? 255 HOH A O   1 
HETATM 1341 O O   . HOH B 2 .   ? -15.763 -4.172  -1.398  1.00 46.98 ? 256 HOH A O   1 
HETATM 1342 O O   . HOH B 2 .   ? 18.528  -0.734  -3.960  1.00 39.35 ? 257 HOH A O   1 
HETATM 1343 O O   . HOH B 2 .   ? -6.400  -12.188 7.161   1.00 45.41 ? 258 HOH A O   1 
HETATM 1344 O O   . HOH B 2 .   ? -11.947 -6.671  -15.628 1.00 40.95 ? 259 HOH A O   1 
HETATM 1345 O O   . HOH B 2 .   ? -5.540  -10.680 11.035  1.00 42.04 ? 260 HOH A O   1 
HETATM 1346 O O   . HOH B 2 .   ? -10.301 0.502   -15.032 1.00 32.64 ? 261 HOH A O   1 
HETATM 1347 O O   . HOH B 2 .   ? -6.986  11.838  -5.976  1.00 37.51 ? 262 HOH A O   1 
HETATM 1348 O O   . HOH B 2 .   ? -5.729  -10.136 -14.834 1.00 31.83 ? 263 HOH A O   1 
HETATM 1349 O O   . HOH B 2 .   ? -9.672  -10.405 -8.178  1.00 36.13 ? 264 HOH A O   1 
HETATM 1350 O O   . HOH B 2 .   ? -11.268 -13.776 -7.412  1.00 37.38 ? 265 HOH A O   1 
HETATM 1351 O O   . HOH B 2 .   ? 9.872   17.178  9.213   1.00 30.69 ? 266 HOH A O   1 
HETATM 1352 O O   . HOH B 2 .   ? -14.919 -3.215  -5.319  1.00 34.88 ? 267 HOH A O   1 
HETATM 1353 O O   . HOH B 2 .   ? 11.694  -3.590  12.085  1.00 33.27 ? 268 HOH A O   1 
HETATM 1354 O O   . HOH B 2 .   ? -11.097 -5.988  -8.511  1.00 32.60 ? 269 HOH A O   1 
HETATM 1355 O O   . HOH B 2 .   ? 13.832  8.288   9.460   1.00 30.32 ? 270 HOH A O   1 
HETATM 1356 O O   . HOH B 2 .   ? 5.798   11.596  -3.840  1.00 28.58 ? 271 HOH A O   1 
HETATM 1357 O O   . HOH B 2 .   ? -7.335  19.030  -2.564  1.00 40.60 ? 272 HOH A O   1 
HETATM 1358 O O   . HOH B 2 .   ? 0.230   -16.614 4.750   1.00 34.93 ? 273 HOH A O   1 
HETATM 1359 O O   . HOH B 2 .   ? 10.423  13.171  0.175   1.00 36.09 ? 274 HOH A O   1 
HETATM 1360 O O   . HOH B 2 .   ? 9.616   -1.440  14.625  1.00 33.32 ? 275 HOH A O   1 
HETATM 1361 O O   . HOH B 2 .   ? -8.975  2.813   10.429  1.00 49.77 ? 276 HOH A O   1 
HETATM 1362 O O   . HOH B 2 .   ? -15.421 -6.164  4.461   1.00 47.28 ? 277 HOH A O   1 
HETATM 1363 O O   . HOH B 2 .   ? -15.482 0.615   -6.900  1.00 37.71 ? 278 HOH A O   1 
HETATM 1364 O O   . HOH B 2 .   ? 0.153   2.415   -16.503 1.00 40.78 ? 279 HOH A O   1 
HETATM 1365 O O   . HOH B 2 .   ? -12.326 -2.092  -9.438  1.00 57.41 ? 280 HOH A O   1 
HETATM 1366 O O   . HOH B 2 .   ? 19.812  0.245   2.791   1.00 47.90 ? 281 HOH A O   1 
HETATM 1367 O O   . HOH B 2 .   ? -11.218 -14.031 -2.844  1.00 34.61 ? 282 HOH A O   1 
HETATM 1368 O O   . HOH B 2 .   ? -7.885  7.802   -9.478  1.00 33.64 ? 283 HOH A O   1 
HETATM 1369 O O   . HOH B 2 .   ? -12.162 -9.118  -5.398  1.00 45.79 ? 284 HOH A O   1 
HETATM 1370 O O   . HOH B 2 .   ? 18.308  2.035   -4.035  1.00 54.30 ? 285 HOH A O   1 
HETATM 1371 O O   . HOH B 2 .   ? 8.560   -2.881  -8.307  1.00 39.68 ? 286 HOH A O   1 
HETATM 1372 O O   . HOH B 2 .   ? 21.002  -1.941  0.885   1.00 52.57 ? 287 HOH A O   1 
HETATM 1373 O O   . HOH B 2 .   ? 8.967   -3.809  16.434  1.00 38.56 ? 288 HOH A O   1 
HETATM 1374 O O   . HOH B 2 .   ? -2.188  -15.830 5.000   1.00 32.95 ? 289 HOH A O   1 
HETATM 1375 O O   . HOH B 2 .   ? -3.410  6.045   10.463  1.00 23.42 ? 290 HOH A O   1 
HETATM 1376 O O   . HOH B 2 .   ? -3.643  -18.268 4.439   1.00 42.86 ? 291 HOH A O   1 
HETATM 1377 O O   . HOH B 2 .   ? -10.373 6.839   -8.427  1.00 33.31 ? 292 HOH A O   1 
HETATM 1378 O O   . HOH B 2 .   ? -12.040 9.388   -0.581  1.00 33.84 ? 293 HOH A O   1 
HETATM 1379 O O   . HOH B 2 .   ? 12.911  10.147  6.214   1.00 35.98 ? 294 HOH A O   1 
HETATM 1380 O O   . HOH B 2 .   ? 1.712   -17.508 -1.086  1.00 26.06 ? 295 HOH A O   1 
HETATM 1381 O O   . HOH B 2 .   ? -2.589  -15.311 -12.892 1.00 36.92 ? 296 HOH A O   1 
HETATM 1382 O O   . HOH B 2 .   ? -1.769  -12.734 7.828   1.00 32.77 ? 297 HOH A O   1 
HETATM 1383 O O   . HOH B 2 .   ? -0.473  -16.623 -5.023  1.00 20.48 ? 298 HOH A O   1 
HETATM 1384 O O   . HOH B 2 .   ? 2.069   18.563  10.331  1.00 31.03 ? 299 HOH A O   1 
HETATM 1385 O O   . HOH B 2 .   ? -0.447  -0.910  15.062  1.00 26.44 ? 300 HOH A O   1 
HETATM 1386 O O   . HOH B 2 .   ? 8.583   14.952  -1.168  1.00 35.36 ? 301 HOH A O   1 
HETATM 1387 O O   . HOH B 2 .   ? -4.071  -17.978 -11.540 1.00 26.94 ? 302 HOH A O   1 
HETATM 1388 O O   . HOH B 2 .   ? -4.068  -13.506 4.173   1.00 31.70 ? 303 HOH A O   1 
HETATM 1389 O O   . HOH B 2 .   ? 12.191  10.761  10.813  1.00 27.45 ? 304 HOH A O   1 
HETATM 1390 O O   . HOH B 2 .   ? -15.940 -8.663  2.712   1.00 37.75 ? 305 HOH A O   1 
HETATM 1391 O O   . HOH B 2 .   ? 10.697  12.489  9.702   1.00 38.13 ? 306 HOH A O   1 
HETATM 1392 O O   . HOH B 2 .   ? -1.852  -12.711 -14.474 1.00 37.78 ? 307 HOH A O   1 
HETATM 1393 O O   . HOH B 2 .   ? 1.010   -16.902 -7.361  1.00 26.38 ? 308 HOH A O   1 
HETATM 1394 O O   . HOH B 2 .   ? 0.966   -18.266 -3.512  1.00 29.03 ? 309 HOH A O   1 
HETATM 1395 O O   . HOH B 2 .   ? 1.926   15.996  6.690   1.00 23.41 ? 310 HOH A O   1 
HETATM 1396 O O   . HOH B 2 .   ? 1.978   18.653  7.627   1.00 26.19 ? 311 HOH A O   1 
HETATM 1397 O O   . HOH B 2 .   ? 15.868  -8.886  5.936   1.00 28.47 ? 312 HOH A O   1 
HETATM 1398 O O   . HOH B 2 .   ? 4.155   7.662   -12.382 1.00 43.84 ? 313 HOH A O   1 
HETATM 1399 O O   . HOH B 2 .   ? 10.157  -9.937  11.276  1.00 29.90 ? 314 HOH A O   1 
HETATM 1400 O O   . HOH B 2 .   ? -8.597  -12.743 -13.712 1.00 47.33 ? 315 HOH A O   1 
HETATM 1401 O O   . HOH B 2 .   ? 6.537   1.090   -12.548 1.00 43.42 ? 316 HOH A O   1 
HETATM 1402 O O   . HOH B 2 .   ? 1.017   -9.120  13.788  1.00 35.20 ? 317 HOH A O   1 
HETATM 1403 O O   . HOH B 2 .   ? 16.611  -14.911 0.027   1.00 49.78 ? 318 HOH A O   1 
HETATM 1404 O O   . HOH B 2 .   ? 1.759   -13.994 7.750   1.00 37.71 ? 319 HOH A O   1 
HETATM 1405 O O   . HOH B 2 .   ? -16.627 -4.302  8.819   1.00 35.86 ? 320 HOH A O   1 
HETATM 1406 O O   . HOH B 2 .   ? 13.525  7.521   6.134   1.00 31.57 ? 321 HOH A O   1 
HETATM 1407 O O   . HOH B 2 .   ? 18.230  -7.084  2.074   1.00 31.66 ? 322 HOH A O   1 
HETATM 1408 O O   . HOH B 2 .   ? -13.325 -3.928  12.565  1.00 48.48 ? 323 HOH A O   1 
HETATM 1409 O O   . HOH B 2 .   ? 11.642  -10.870 -9.468  1.00 35.62 ? 324 HOH A O   1 
HETATM 1410 O O   . HOH B 2 .   ? 10.895  -20.437 -0.579  1.00 43.82 ? 325 HOH A O   1 
HETATM 1411 O O   . HOH B 2 .   ? 2.385   -10.218 -16.040 1.00 63.20 ? 326 HOH A O   1 
HETATM 1412 O O   . HOH B 2 .   ? -12.590 -0.147  -11.269 1.00 53.44 ? 327 HOH A O   1 
HETATM 1413 O O   . HOH B 2 .   ? -4.617  14.950  5.805   1.00 33.53 ? 328 HOH A O   1 
HETATM 1414 O O   . HOH B 2 .   ? 16.170  -12.314 -1.757  1.00 48.06 ? 329 HOH A O   1 
HETATM 1415 O O   . HOH B 2 .   ? -11.245 -18.384 -3.877  1.00 40.35 ? 330 HOH A O   1 
# 
loop_
_pdbx_poly_seq_scheme.asym_id 
_pdbx_poly_seq_scheme.entity_id 
_pdbx_poly_seq_scheme.seq_id 
_pdbx_poly_seq_scheme.mon_id 
_pdbx_poly_seq_scheme.ndb_seq_num 
_pdbx_poly_seq_scheme.pdb_seq_num 
_pdbx_poly_seq_scheme.auth_seq_num 
_pdbx_poly_seq_scheme.pdb_mon_id 
_pdbx_poly_seq_scheme.auth_mon_id 
_pdbx_poly_seq_scheme.pdb_strand_id 
_pdbx_poly_seq_scheme.pdb_ins_code 
_pdbx_poly_seq_scheme.hetero 
A 1 1   MET 1   -19 ?   ?   ?   A . n 
A 1 2   GLY 2   -18 ?   ?   ?   A . n 
A 1 3   SER 3   -17 ?   ?   ?   A . n 
A 1 4   SER 4   -16 ?   ?   ?   A . n 
A 1 5   HIS 5   -15 ?   ?   ?   A . n 
A 1 6   HIS 6   -14 ?   ?   ?   A . n 
A 1 7   HIS 7   -13 ?   ?   ?   A . n 
A 1 8   HIS 8   -12 ?   ?   ?   A . n 
A 1 9   HIS 9   -11 ?   ?   ?   A . n 
A 1 10  HIS 10  -10 ?   ?   ?   A . n 
A 1 11  SER 11  -9  ?   ?   ?   A . n 
A 1 12  SER 12  -8  ?   ?   ?   A . n 
A 1 13  GLY 13  -7  ?   ?   ?   A . n 
A 1 14  LEU 14  -6  ?   ?   ?   A . n 
A 1 15  VAL 15  -5  ?   ?   ?   A . n 
A 1 16  PRO 16  -4  ?   ?   ?   A . n 
A 1 17  ARG 17  -3  ?   ?   ?   A . n 
A 1 18  GLY 18  -2  -2  GLY GLY A . n 
A 1 19  SER 19  -1  -1  SER SER A . n 
A 1 20  HIS 20  0   0   HIS HIS A . n 
A 1 21  MET 21  1   1   MET MET A . n 
A 1 22  ASN 22  2   2   ASN ASN A . n 
A 1 23  ILE 23  3   3   ILE ILE A . n 
A 1 24  GLY 24  4   4   GLY GLY A . n 
A 1 25  ASP 25  5   5   ASP ASP A . n 
A 1 26  THR 26  6   6   THR THR A . n 
A 1 27  LEU 27  7   7   LEU LEU A . n 
A 1 28  ASN 28  8   8   ASN ASN A . n 
A 1 29  HIS 29  9   9   HIS HIS A . n 
A 1 30  SER 30  10  10  SER SER A . n 
A 1 31  LEU 31  11  11  LEU LEU A . n 
A 1 32  LEU 32  12  12  LEU LEU A . n 
A 1 33  ASN 33  13  13  ASN ASN A . n 
A 1 34  HIS 34  14  14  HIS HIS A . n 
A 1 35  PRO 35  15  15  PRO PRO A . n 
A 1 36  LEU 36  16  16  LEU LEU A . n 
A 1 37  MET 37  17  17  MET MET A . n 
A 1 38  LEU 38  18  18  LEU LEU A . n 
A 1 39  SER 39  19  19  SER SER A . n 
A 1 40  GLY 40  20  20  GLY GLY A . n 
A 1 41  SER 41  21  21  SER SER A . n 
A 1 42  THR 42  22  22  THR THR A . n 
A 1 43  CYS 43  23  23  CYS CYS A . n 
A 1 44  LYS 44  24  24  LYS LYS A . n 
A 1 45  THR 45  25  25  THR THR A . n 
A 1 46  LEU 46  26  26  LEU LEU A . n 
A 1 47  SER 47  27  27  SER SER A . n 
A 1 48  ASP 48  28  28  ASP ASP A . n 
A 1 49  TYR 49  29  29  TYR TYR A . n 
A 1 50  THR 50  30  30  THR THR A . n 
A 1 51  ASN 51  31  31  ASN ASN A . n 
A 1 52  GLN 52  32  32  GLN GLN A . n 
A 1 53  TRP 53  33  33  TRP TRP A . n 
A 1 54  LEU 54  34  34  LEU LEU A . n 
A 1 55  VAL 55  35  35  VAL VAL A . n 
A 1 56  LEU 56  36  36  LEU LEU A . n 
A 1 57  TYR 57  37  37  TYR TYR A . n 
A 1 58  PHE 58  38  38  PHE PHE A . n 
A 1 59  TYR 59  39  39  TYR TYR A . n 
A 1 60  PRO 60  40  40  PRO PRO A . n 
A 1 61  LYS 61  41  41  LYS ALA A . n 
A 1 62  ASP 62  42  42  ASP ASP A . n 
A 1 63  ASN 63  43  43  ASN ASN A . n 
A 1 64  THR 64  44  44  THR THR A . n 
A 1 65  PRO 65  45  45  PRO PRO A . n 
A 1 66  GLY 66  46  46  GLY GLY A . n 
A 1 67  SER 67  47  47  SER SER A . n 
A 1 68  SER 68  48  48  SER SER A . n 
A 1 69  THR 69  49  49  THR THR A . n 
A 1 70  GLU 70  50  50  GLU GLU A . n 
A 1 71  GLY 71  51  51  GLY GLY A . n 
A 1 72  LEU 72  52  52  LEU LEU A . n 
A 1 73  GLU 73  53  53  GLU GLU A . n 
A 1 74  PHE 74  54  54  PHE PHE A . n 
A 1 75  ASN 75  55  55  ASN ASN A . n 
A 1 76  LEU 76  56  56  LEU LEU A . n 
A 1 77  LEU 77  57  57  LEU LEU A . n 
A 1 78  LEU 78  58  58  LEU LEU A . n 
A 1 79  PRO 79  59  59  PRO PRO A . n 
A 1 80  GLN 80  60  60  GLN GLN A . n 
A 1 81  PHE 81  61  61  PHE PHE A . n 
A 1 82  GLU 82  62  62  GLU GLU A . n 
A 1 83  GLN 83  63  63  GLN GLN A . n 
A 1 84  ILE 84  64  64  ILE ILE A . n 
A 1 85  ASN 85  65  65  ASN ASN A . n 
A 1 86  ALA 86  66  66  ALA ALA A . n 
A 1 87  THR 87  67  67  THR THR A . n 
A 1 88  VAL 88  68  68  VAL VAL A . n 
A 1 89  LEU 89  69  69  LEU LEU A . n 
A 1 90  GLY 90  70  70  GLY GLY A . n 
A 1 91  VAL 91  71  71  VAL VAL A . n 
A 1 92  SER 92  72  72  SER SER A . n 
A 1 93  ARG 93  73  73  ARG ARG A . n 
A 1 94  ASP 94  74  74  ASP ASP A . n 
A 1 95  SER 95  75  75  SER SER A . n 
A 1 96  VAL 96  76  76  VAL VAL A . n 
A 1 97  LYS 97  77  77  LYS LYS A . n 
A 1 98  SER 98  78  78  SER SER A . n 
A 1 99  HIS 99  79  79  HIS HIS A . n 
A 1 100 ASP 100 80  80  ASP ASP A . n 
A 1 101 SER 101 81  81  SER SER A . n 
A 1 102 PHE 102 82  82  PHE PHE A . n 
A 1 103 CYS 103 83  83  CYS CYS A . n 
A 1 104 ALA 104 84  84  ALA ALA A . n 
A 1 105 LYS 105 85  85  LYS LYS A . n 
A 1 106 GLN 106 86  86  GLN GLN A . n 
A 1 107 GLY 107 87  87  GLY GLY A . n 
A 1 108 PHE 108 88  88  PHE PHE A . n 
A 1 109 THR 109 89  89  THR THR A . n 
A 1 110 PHE 110 90  90  PHE PHE A . n 
A 1 111 PRO 111 91  91  PRO PRO A . n 
A 1 112 LEU 112 92  92  LEU LEU A . n 
A 1 113 VAL 113 93  93  VAL VAL A . n 
A 1 114 SER 114 94  94  SER SER A . n 
A 1 115 ASP 115 95  95  ASP ASP A . n 
A 1 116 SER 116 96  96  SER SER A . n 
A 1 117 ASP 117 97  97  ASP ASP A . n 
A 1 118 ALA 118 98  98  ALA ALA A . n 
A 1 119 ILE 119 99  99  ILE ILE A . n 
A 1 120 LEU 120 100 100 LEU LEU A . n 
A 1 121 CYS 121 101 101 CYS CYS A . n 
A 1 122 LYS 122 102 102 LYS LYS A . n 
A 1 123 ALA 123 103 103 ALA ALA A . n 
A 1 124 PHE 124 104 104 PHE PHE A . n 
A 1 125 ASP 125 105 105 ASP ASP A . n 
A 1 126 VAL 126 106 106 VAL VAL A . n 
A 1 127 ILE 127 107 107 ILE ILE A . n 
A 1 128 LYS 128 108 108 LYS LYS A . n 
A 1 129 GLU 129 109 109 GLU GLU A . n 
A 1 130 LYS 130 110 110 LYS ALA A . n 
A 1 131 THR 131 111 111 THR ALA A . n 
A 1 132 MET 132 112 112 MET ALA A . n 
A 1 133 TYR 133 113 113 TYR ALA A . n 
A 1 134 GLY 134 114 ?   ?   ?   A . n 
A 1 135 ARG 135 115 ?   ?   ?   A . n 
A 1 136 GLN 136 116 116 GLN ALA A . n 
A 1 137 VAL 137 117 117 VAL VAL A . n 
A 1 138 ILE 138 118 118 ILE ALA A . n 
A 1 139 GLY 139 119 119 GLY GLY A . n 
A 1 140 ILE 140 120 120 ILE ILE A . n 
A 1 141 GLU 141 121 121 GLU GLU A . n 
A 1 142 ARG 142 122 122 ARG ARG A . n 
A 1 143 SER 143 123 123 SER SER A . n 
A 1 144 THR 144 124 124 THR THR A . n 
A 1 145 PHE 145 125 125 PHE PHE A . n 
A 1 146 LEU 146 126 126 LEU LEU A . n 
A 1 147 ILE 147 127 127 ILE ILE A . n 
A 1 148 GLY 148 128 128 GLY GLY A . n 
A 1 149 PRO 149 129 129 PRO PRO A . n 
A 1 150 THR 150 130 130 THR THR A . n 
A 1 151 HIS 151 131 131 HIS HIS A . n 
A 1 152 ARG 152 132 132 ARG ARG A . n 
A 1 153 ILE 153 133 133 ILE ILE A . n 
A 1 154 VAL 154 134 134 VAL VAL A . n 
A 1 155 GLU 155 135 135 GLU GLU A . n 
A 1 156 ALA 156 136 136 ALA ALA A . n 
A 1 157 TRP 157 137 137 TRP TRP A . n 
A 1 158 ARG 158 138 138 ARG ARG A . n 
A 1 159 GLN 159 139 139 GLN GLN A . n 
A 1 160 VAL 160 140 140 VAL VAL A . n 
A 1 161 LYS 161 141 141 LYS ALA A . n 
A 1 162 VAL 162 142 142 VAL VAL A . n 
A 1 163 PRO 163 143 143 PRO PRO A . n 
A 1 164 GLY 164 144 144 GLY GLY A . n 
A 1 165 HIS 165 145 145 HIS HIS A . n 
A 1 166 ALA 166 146 146 ALA ALA A . n 
A 1 167 GLU 167 147 147 GLU GLU A . n 
A 1 168 GLU 168 148 148 GLU GLU A . n 
A 1 169 VAL 169 149 149 VAL VAL A . n 
A 1 170 LEU 170 150 150 LEU LEU A . n 
A 1 171 ASN 171 151 151 ASN ASN A . n 
A 1 172 LYS 172 152 152 LYS LYS A . n 
A 1 173 LEU 173 153 153 LEU LEU A . n 
A 1 174 LYS 174 154 154 LYS LYS A . n 
A 1 175 ALA 175 155 155 ALA ALA A . n 
A 1 176 HIS 176 156 156 HIS HIS A . n 
A 1 177 ALA 177 157 157 ALA ALA A . n 
A 1 178 GLU 178 158 158 GLU ALA A . n 
A 1 179 GLN 179 159 ?   ?   ?   A . n 
# 
loop_
_pdbx_nonpoly_scheme.asym_id 
_pdbx_nonpoly_scheme.entity_id 
_pdbx_nonpoly_scheme.mon_id 
_pdbx_nonpoly_scheme.ndb_seq_num 
_pdbx_nonpoly_scheme.pdb_seq_num 
_pdbx_nonpoly_scheme.auth_seq_num 
_pdbx_nonpoly_scheme.pdb_mon_id 
_pdbx_nonpoly_scheme.auth_mon_id 
_pdbx_nonpoly_scheme.pdb_strand_id 
_pdbx_nonpoly_scheme.pdb_ins_code 
B 2 HOH 1   160 160 HOH HOH A . 
B 2 HOH 2   161 161 HOH HOH A . 
B 2 HOH 3   162 162 HOH HOH A . 
B 2 HOH 4   163 163 HOH HOH A . 
B 2 HOH 5   164 164 HOH HOH A . 
B 2 HOH 6   165 165 HOH HOH A . 
B 2 HOH 7   166 166 HOH HOH A . 
B 2 HOH 8   167 167 HOH HOH A . 
B 2 HOH 9   168 168 HOH HOH A . 
B 2 HOH 10  169 169 HOH HOH A . 
B 2 HOH 11  170 170 HOH HOH A . 
B 2 HOH 12  171 171 HOH HOH A . 
B 2 HOH 13  172 1   HOH HOH A . 
B 2 HOH 14  173 2   HOH HOH A . 
B 2 HOH 15  174 3   HOH HOH A . 
B 2 HOH 16  175 4   HOH HOH A . 
B 2 HOH 17  176 5   HOH HOH A . 
B 2 HOH 18  177 6   HOH HOH A . 
B 2 HOH 19  178 7   HOH HOH A . 
B 2 HOH 20  179 8   HOH HOH A . 
B 2 HOH 21  180 9   HOH HOH A . 
B 2 HOH 22  181 10  HOH HOH A . 
B 2 HOH 23  182 11  HOH HOH A . 
B 2 HOH 24  183 12  HOH HOH A . 
B 2 HOH 25  184 13  HOH HOH A . 
B 2 HOH 26  185 14  HOH HOH A . 
B 2 HOH 27  186 15  HOH HOH A . 
B 2 HOH 28  187 16  HOH HOH A . 
B 2 HOH 29  188 17  HOH HOH A . 
B 2 HOH 30  189 18  HOH HOH A . 
B 2 HOH 31  190 19  HOH HOH A . 
B 2 HOH 32  191 20  HOH HOH A . 
B 2 HOH 33  192 21  HOH HOH A . 
B 2 HOH 34  193 22  HOH HOH A . 
B 2 HOH 35  194 23  HOH HOH A . 
B 2 HOH 36  195 24  HOH HOH A . 
B 2 HOH 37  196 25  HOH HOH A . 
B 2 HOH 38  197 26  HOH HOH A . 
B 2 HOH 39  198 27  HOH HOH A . 
B 2 HOH 40  199 28  HOH HOH A . 
B 2 HOH 41  200 29  HOH HOH A . 
B 2 HOH 42  201 30  HOH HOH A . 
B 2 HOH 43  202 31  HOH HOH A . 
B 2 HOH 44  203 32  HOH HOH A . 
B 2 HOH 45  204 33  HOH HOH A . 
B 2 HOH 46  205 34  HOH HOH A . 
B 2 HOH 47  206 35  HOH HOH A . 
B 2 HOH 48  207 36  HOH HOH A . 
B 2 HOH 49  208 37  HOH HOH A . 
B 2 HOH 50  209 38  HOH HOH A . 
B 2 HOH 51  210 39  HOH HOH A . 
B 2 HOH 52  211 40  HOH HOH A . 
B 2 HOH 53  212 41  HOH HOH A . 
B 2 HOH 54  213 42  HOH HOH A . 
B 2 HOH 55  214 43  HOH HOH A . 
B 2 HOH 56  215 44  HOH HOH A . 
B 2 HOH 57  216 45  HOH HOH A . 
B 2 HOH 58  217 46  HOH HOH A . 
B 2 HOH 59  218 47  HOH HOH A . 
B 2 HOH 60  219 48  HOH HOH A . 
B 2 HOH 61  220 49  HOH HOH A . 
B 2 HOH 62  221 50  HOH HOH A . 
B 2 HOH 63  222 51  HOH HOH A . 
B 2 HOH 64  223 52  HOH HOH A . 
B 2 HOH 65  224 53  HOH HOH A . 
B 2 HOH 66  225 54  HOH HOH A . 
B 2 HOH 67  226 55  HOH HOH A . 
B 2 HOH 68  227 56  HOH HOH A . 
B 2 HOH 69  228 57  HOH HOH A . 
B 2 HOH 70  229 58  HOH HOH A . 
B 2 HOH 71  230 59  HOH HOH A . 
B 2 HOH 72  231 60  HOH HOH A . 
B 2 HOH 73  232 61  HOH HOH A . 
B 2 HOH 74  233 62  HOH HOH A . 
B 2 HOH 75  234 63  HOH HOH A . 
B 2 HOH 76  235 64  HOH HOH A . 
B 2 HOH 77  236 65  HOH HOH A . 
B 2 HOH 78  237 66  HOH HOH A . 
B 2 HOH 79  238 67  HOH HOH A . 
B 2 HOH 80  239 68  HOH HOH A . 
B 2 HOH 81  240 69  HOH HOH A . 
B 2 HOH 82  241 70  HOH HOH A . 
B 2 HOH 83  242 71  HOH HOH A . 
B 2 HOH 84  243 72  HOH HOH A . 
B 2 HOH 85  244 73  HOH HOH A . 
B 2 HOH 86  245 74  HOH HOH A . 
B 2 HOH 87  246 75  HOH HOH A . 
B 2 HOH 88  247 76  HOH HOH A . 
B 2 HOH 89  248 77  HOH HOH A . 
B 2 HOH 90  249 78  HOH HOH A . 
B 2 HOH 91  250 79  HOH HOH A . 
B 2 HOH 92  251 80  HOH HOH A . 
B 2 HOH 93  252 81  HOH HOH A . 
B 2 HOH 94  253 82  HOH HOH A . 
B 2 HOH 95  254 83  HOH HOH A . 
B 2 HOH 96  255 84  HOH HOH A . 
B 2 HOH 97  256 85  HOH HOH A . 
B 2 HOH 98  257 86  HOH HOH A . 
B 2 HOH 99  258 87  HOH HOH A . 
B 2 HOH 100 259 88  HOH HOH A . 
B 2 HOH 101 260 89  HOH HOH A . 
B 2 HOH 102 261 90  HOH HOH A . 
B 2 HOH 103 262 91  HOH HOH A . 
B 2 HOH 104 263 92  HOH HOH A . 
B 2 HOH 105 264 93  HOH HOH A . 
B 2 HOH 106 265 94  HOH HOH A . 
B 2 HOH 107 266 95  HOH HOH A . 
B 2 HOH 108 267 96  HOH HOH A . 
B 2 HOH 109 268 97  HOH HOH A . 
B 2 HOH 110 269 98  HOH HOH A . 
B 2 HOH 111 270 99  HOH HOH A . 
B 2 HOH 112 271 100 HOH HOH A . 
B 2 HOH 113 272 101 HOH HOH A . 
B 2 HOH 114 273 102 HOH HOH A . 
B 2 HOH 115 274 103 HOH HOH A . 
B 2 HOH 116 275 104 HOH HOH A . 
B 2 HOH 117 276 105 HOH HOH A . 
B 2 HOH 118 277 106 HOH HOH A . 
B 2 HOH 119 278 107 HOH HOH A . 
B 2 HOH 120 279 108 HOH HOH A . 
B 2 HOH 121 280 109 HOH HOH A . 
B 2 HOH 122 281 110 HOH HOH A . 
B 2 HOH 123 282 111 HOH HOH A . 
B 2 HOH 124 283 112 HOH HOH A . 
B 2 HOH 125 284 113 HOH HOH A . 
B 2 HOH 126 285 114 HOH HOH A . 
B 2 HOH 127 286 115 HOH HOH A . 
B 2 HOH 128 287 116 HOH HOH A . 
B 2 HOH 129 288 117 HOH HOH A . 
B 2 HOH 130 289 118 HOH HOH A . 
B 2 HOH 131 290 119 HOH HOH A . 
B 2 HOH 132 291 120 HOH HOH A . 
B 2 HOH 133 292 121 HOH HOH A . 
B 2 HOH 134 293 122 HOH HOH A . 
B 2 HOH 135 294 123 HOH HOH A . 
B 2 HOH 136 295 124 HOH HOH A . 
B 2 HOH 137 296 125 HOH HOH A . 
B 2 HOH 138 297 126 HOH HOH A . 
B 2 HOH 139 298 127 HOH HOH A . 
B 2 HOH 140 299 128 HOH HOH A . 
B 2 HOH 141 300 129 HOH HOH A . 
B 2 HOH 142 301 130 HOH HOH A . 
B 2 HOH 143 302 131 HOH HOH A . 
B 2 HOH 144 303 132 HOH HOH A . 
B 2 HOH 145 304 133 HOH HOH A . 
B 2 HOH 146 305 134 HOH HOH A . 
B 2 HOH 147 306 135 HOH HOH A . 
B 2 HOH 148 307 136 HOH HOH A . 
B 2 HOH 149 308 137 HOH HOH A . 
B 2 HOH 150 309 138 HOH HOH A . 
B 2 HOH 151 310 139 HOH HOH A . 
B 2 HOH 152 311 140 HOH HOH A . 
B 2 HOH 153 312 141 HOH HOH A . 
B 2 HOH 154 313 142 HOH HOH A . 
B 2 HOH 155 314 143 HOH HOH A . 
B 2 HOH 156 315 144 HOH HOH A . 
B 2 HOH 157 316 145 HOH HOH A . 
B 2 HOH 158 317 146 HOH HOH A . 
B 2 HOH 159 318 147 HOH HOH A . 
B 2 HOH 160 319 148 HOH HOH A . 
B 2 HOH 161 320 149 HOH HOH A . 
B 2 HOH 162 321 150 HOH HOH A . 
B 2 HOH 163 322 151 HOH HOH A . 
B 2 HOH 164 323 152 HOH HOH A . 
B 2 HOH 165 324 153 HOH HOH A . 
B 2 HOH 166 325 154 HOH HOH A . 
B 2 HOH 167 326 155 HOH HOH A . 
B 2 HOH 168 327 156 HOH HOH A . 
B 2 HOH 169 328 157 HOH HOH A . 
B 2 HOH 170 329 158 HOH HOH A . 
B 2 HOH 171 330 159 HOH HOH A . 
# 
_pdbx_struct_assembly.id                   1 
_pdbx_struct_assembly.details              author_and_software_defined_assembly 
_pdbx_struct_assembly.method_details       PISA 
_pdbx_struct_assembly.oligomeric_details   monomeric 
_pdbx_struct_assembly.oligomeric_count     1 
# 
_pdbx_struct_assembly_gen.assembly_id       1 
_pdbx_struct_assembly_gen.oper_expression   1 
_pdbx_struct_assembly_gen.asym_id_list      A,B 
# 
_pdbx_struct_oper_list.id                   1 
_pdbx_struct_oper_list.type                 'identity operation' 
_pdbx_struct_oper_list.name                 1_555 
_pdbx_struct_oper_list.symmetry_operation   x,y,z 
_pdbx_struct_oper_list.matrix[1][1]         1.0000000000 
_pdbx_struct_oper_list.matrix[1][2]         0.0000000000 
_pdbx_struct_oper_list.matrix[1][3]         0.0000000000 
_pdbx_struct_oper_list.vector[1]            0.0000000000 
_pdbx_struct_oper_list.matrix[2][1]         0.0000000000 
_pdbx_struct_oper_list.matrix[2][2]         1.0000000000 
_pdbx_struct_oper_list.matrix[2][3]         0.0000000000 
_pdbx_struct_oper_list.vector[2]            0.0000000000 
_pdbx_struct_oper_list.matrix[3][1]         0.0000000000 
_pdbx_struct_oper_list.matrix[3][2]         0.0000000000 
_pdbx_struct_oper_list.matrix[3][3]         1.0000000000 
_pdbx_struct_oper_list.vector[3]            0.0000000000 
# 
loop_
_pdbx_audit_revision_history.ordinal 
_pdbx_audit_revision_history.data_content_type 
_pdbx_audit_revision_history.major_revision 
_pdbx_audit_revision_history.minor_revision 
_pdbx_audit_revision_history.revision_date 
1 'Structure model' 1 0 2010-03-23 
2 'Structure model' 1 1 2011-07-13 
3 'Structure model' 1 2 2021-10-13 
4 'Structure model' 1 3 2023-09-06 
# 
_pdbx_audit_revision_details.ordinal             1 
_pdbx_audit_revision_details.revision_ordinal    1 
_pdbx_audit_revision_details.data_content_type   'Structure model' 
_pdbx_audit_revision_details.provider            repository 
_pdbx_audit_revision_details.type                'Initial release' 
_pdbx_audit_revision_details.description         ? 
_pdbx_audit_revision_details.details             ? 
# 
loop_
_pdbx_audit_revision_group.ordinal 
_pdbx_audit_revision_group.revision_ordinal 
_pdbx_audit_revision_group.data_content_type 
_pdbx_audit_revision_group.group 
1 2 'Structure model' 'Version format compliance' 
2 3 'Structure model' 'Database references'       
3 4 'Structure model' 'Data collection'           
4 4 'Structure model' 'Refinement description'    
# 
loop_
_pdbx_audit_revision_category.ordinal 
_pdbx_audit_revision_category.revision_ordinal 
_pdbx_audit_revision_category.data_content_type 
_pdbx_audit_revision_category.category 
1 3 'Structure model' database_2                    
2 3 'Structure model' struct_ref_seq_dif            
3 4 'Structure model' chem_comp_atom                
4 4 'Structure model' chem_comp_bond                
5 4 'Structure model' pdbx_initial_refinement_model 
# 
loop_
_pdbx_audit_revision_item.ordinal 
_pdbx_audit_revision_item.revision_ordinal 
_pdbx_audit_revision_item.data_content_type 
_pdbx_audit_revision_item.item 
1 3 'Structure model' '_database_2.pdbx_DOI'                
2 3 'Structure model' '_database_2.pdbx_database_accession' 
3 3 'Structure model' '_struct_ref_seq_dif.details'         
# 
loop_
_software.name 
_software.classification 
_software.version 
_software.citation_id 
_software.pdbx_ordinal 
MAR345dtb 'data collection' .        ? 1 
PHASER    phasing           .        ? 2 
REFMAC    refinement        5.5.0066 ? 3 
MOSFLM    'data reduction'  .        ? 4 
SCALA     'data scaling'    .        ? 5 
# 
loop_
_pdbx_validate_rmsd_bond.id 
_pdbx_validate_rmsd_bond.PDB_model_num 
_pdbx_validate_rmsd_bond.auth_atom_id_1 
_pdbx_validate_rmsd_bond.auth_asym_id_1 
_pdbx_validate_rmsd_bond.auth_comp_id_1 
_pdbx_validate_rmsd_bond.auth_seq_id_1 
_pdbx_validate_rmsd_bond.PDB_ins_code_1 
_pdbx_validate_rmsd_bond.label_alt_id_1 
_pdbx_validate_rmsd_bond.auth_atom_id_2 
_pdbx_validate_rmsd_bond.auth_asym_id_2 
_pdbx_validate_rmsd_bond.auth_comp_id_2 
_pdbx_validate_rmsd_bond.auth_seq_id_2 
_pdbx_validate_rmsd_bond.PDB_ins_code_2 
_pdbx_validate_rmsd_bond.label_alt_id_2 
_pdbx_validate_rmsd_bond.bond_value 
_pdbx_validate_rmsd_bond.bond_target_value 
_pdbx_validate_rmsd_bond.bond_deviation 
_pdbx_validate_rmsd_bond.bond_standard_deviation 
_pdbx_validate_rmsd_bond.linker_flag 
1 1 CB A VAL 35 ? ? CG2 A VAL 35 ? ? 1.656 1.524 0.132  0.021 N 
2 1 CZ A PHE 54 ? ? CE2 A PHE 54 ? ? 1.487 1.369 0.118  0.019 N 
3 1 CB A CYS 83 ? B SG  A CYS 83 ? B 1.698 1.812 -0.114 0.016 N 
# 
loop_
_pdbx_validate_rmsd_angle.id 
_pdbx_validate_rmsd_angle.PDB_model_num 
_pdbx_validate_rmsd_angle.auth_atom_id_1 
_pdbx_validate_rmsd_angle.auth_asym_id_1 
_pdbx_validate_rmsd_angle.auth_comp_id_1 
_pdbx_validate_rmsd_angle.auth_seq_id_1 
_pdbx_validate_rmsd_angle.PDB_ins_code_1 
_pdbx_validate_rmsd_angle.label_alt_id_1 
_pdbx_validate_rmsd_angle.auth_atom_id_2 
_pdbx_validate_rmsd_angle.auth_asym_id_2 
_pdbx_validate_rmsd_angle.auth_comp_id_2 
_pdbx_validate_rmsd_angle.auth_seq_id_2 
_pdbx_validate_rmsd_angle.PDB_ins_code_2 
_pdbx_validate_rmsd_angle.label_alt_id_2 
_pdbx_validate_rmsd_angle.auth_atom_id_3 
_pdbx_validate_rmsd_angle.auth_asym_id_3 
_pdbx_validate_rmsd_angle.auth_comp_id_3 
_pdbx_validate_rmsd_angle.auth_seq_id_3 
_pdbx_validate_rmsd_angle.PDB_ins_code_3 
_pdbx_validate_rmsd_angle.label_alt_id_3 
_pdbx_validate_rmsd_angle.angle_value 
_pdbx_validate_rmsd_angle.angle_target_value 
_pdbx_validate_rmsd_angle.angle_deviation 
_pdbx_validate_rmsd_angle.angle_standard_deviation 
_pdbx_validate_rmsd_angle.linker_flag 
1 1 CB A ARG 73  ? ? CG A ARG 73  ? ? CD  A ARG 73  ? ? 92.97  111.60 -18.63 2.60 N 
2 1 CD A ARG 73  ? ? NE A ARG 73  ? ? CZ  A ARG 73  ? ? 138.29 123.60 14.69  1.40 N 
3 1 NE A ARG 73  ? ? CZ A ARG 73  ? ? NH1 A ARG 73  ? ? 130.02 120.30 9.72   0.50 N 
4 1 NE A ARG 73  ? ? CZ A ARG 73  ? ? NH2 A ARG 73  ? ? 111.03 120.30 -9.27  0.50 N 
5 1 NE A ARG 122 ? ? CZ A ARG 122 ? ? NH1 A ARG 122 ? ? 124.19 120.30 3.89   0.50 N 
6 1 NE A ARG 122 ? ? CZ A ARG 122 ? ? NH2 A ARG 122 ? ? 115.34 120.30 -4.96  0.50 N 
# 
loop_
_pdbx_validate_torsion.id 
_pdbx_validate_torsion.PDB_model_num 
_pdbx_validate_torsion.auth_comp_id 
_pdbx_validate_torsion.auth_asym_id 
_pdbx_validate_torsion.auth_seq_id 
_pdbx_validate_torsion.PDB_ins_code 
_pdbx_validate_torsion.label_alt_id 
_pdbx_validate_torsion.phi 
_pdbx_validate_torsion.psi 
1 1 ASN A 65  ? ? 70.38   37.87   
2 1 ASP A 95  ? ? -92.69  57.62   
3 1 LYS A 110 ? ? -122.53 -159.26 
4 1 THR A 111 ? ? -72.79  -79.90  
5 1 MET A 112 ? ? -34.13  137.36  
# 
loop_
_pdbx_unobs_or_zero_occ_atoms.id 
_pdbx_unobs_or_zero_occ_atoms.PDB_model_num 
_pdbx_unobs_or_zero_occ_atoms.polymer_flag 
_pdbx_unobs_or_zero_occ_atoms.occupancy_flag 
_pdbx_unobs_or_zero_occ_atoms.auth_asym_id 
_pdbx_unobs_or_zero_occ_atoms.auth_comp_id 
_pdbx_unobs_or_zero_occ_atoms.auth_seq_id 
_pdbx_unobs_or_zero_occ_atoms.PDB_ins_code 
_pdbx_unobs_or_zero_occ_atoms.auth_atom_id 
_pdbx_unobs_or_zero_occ_atoms.label_alt_id 
_pdbx_unobs_or_zero_occ_atoms.label_asym_id 
_pdbx_unobs_or_zero_occ_atoms.label_comp_id 
_pdbx_unobs_or_zero_occ_atoms.label_seq_id 
_pdbx_unobs_or_zero_occ_atoms.label_atom_id 
1  1 Y 1 A LYS 41  ? CG  ? A LYS 61  CG  
2  1 Y 1 A LYS 41  ? CD  ? A LYS 61  CD  
3  1 Y 1 A LYS 41  ? CE  ? A LYS 61  CE  
4  1 Y 1 A LYS 41  ? NZ  ? A LYS 61  NZ  
5  1 Y 0 A THR 49  ? N   A A THR 69  N   
6  1 Y 0 A THR 49  ? CA  A A THR 69  CA  
7  1 Y 0 A THR 49  ? C   A A THR 69  C   
8  1 Y 0 A THR 49  ? O   A A THR 69  O   
9  1 Y 0 A THR 49  ? CB  A A THR 69  CB  
10 1 Y 0 A THR 49  ? OG1 A A THR 69  OG1 
11 1 Y 0 A THR 49  ? CG2 A A THR 69  CG2 
12 1 Y 1 A LYS 110 ? CG  ? A LYS 130 CG  
13 1 Y 1 A LYS 110 ? CD  ? A LYS 130 CD  
14 1 Y 1 A LYS 110 ? CE  ? A LYS 130 CE  
15 1 Y 1 A LYS 110 ? NZ  ? A LYS 130 NZ  
16 1 Y 1 A THR 111 ? OG1 ? A THR 131 OG1 
17 1 Y 1 A THR 111 ? CG2 ? A THR 131 CG2 
18 1 Y 1 A MET 112 ? CG  ? A MET 132 CG  
19 1 Y 1 A MET 112 ? SD  ? A MET 132 SD  
20 1 Y 1 A MET 112 ? CE  ? A MET 132 CE  
21 1 Y 1 A TYR 113 ? CG  ? A TYR 133 CG  
22 1 Y 1 A TYR 113 ? CD1 ? A TYR 133 CD1 
23 1 Y 1 A TYR 113 ? CD2 ? A TYR 133 CD2 
24 1 Y 1 A TYR 113 ? CE1 ? A TYR 133 CE1 
25 1 Y 1 A TYR 113 ? CE2 ? A TYR 133 CE2 
26 1 Y 1 A TYR 113 ? CZ  ? A TYR 133 CZ  
27 1 Y 1 A TYR 113 ? OH  ? A TYR 133 OH  
28 1 Y 1 A GLN 116 ? CG  ? A GLN 136 CG  
29 1 Y 1 A GLN 116 ? CD  ? A GLN 136 CD  
30 1 Y 1 A GLN 116 ? OE1 ? A GLN 136 OE1 
31 1 Y 1 A GLN 116 ? NE2 ? A GLN 136 NE2 
32 1 Y 1 A ILE 118 ? CG1 ? A ILE 138 CG1 
33 1 Y 1 A ILE 118 ? CG2 ? A ILE 138 CG2 
34 1 Y 1 A ILE 118 ? CD1 ? A ILE 138 CD1 
35 1 Y 1 A LYS 141 ? CG  ? A LYS 161 CG  
36 1 Y 1 A LYS 141 ? CD  ? A LYS 161 CD  
37 1 Y 1 A LYS 141 ? CE  ? A LYS 161 CE  
38 1 Y 1 A LYS 141 ? NZ  ? A LYS 161 NZ  
39 1 Y 1 A GLU 158 ? CG  ? A GLU 178 CG  
40 1 Y 1 A GLU 158 ? CD  ? A GLU 178 CD  
41 1 Y 1 A GLU 158 ? OE1 ? A GLU 178 OE1 
42 1 Y 1 A GLU 158 ? OE2 ? A GLU 178 OE2 
# 
loop_
_pdbx_unobs_or_zero_occ_residues.id 
_pdbx_unobs_or_zero_occ_residues.PDB_model_num 
_pdbx_unobs_or_zero_occ_residues.polymer_flag 
_pdbx_unobs_or_zero_occ_residues.occupancy_flag 
_pdbx_unobs_or_zero_occ_residues.auth_asym_id 
_pdbx_unobs_or_zero_occ_residues.auth_comp_id 
_pdbx_unobs_or_zero_occ_residues.auth_seq_id 
_pdbx_unobs_or_zero_occ_residues.PDB_ins_code 
_pdbx_unobs_or_zero_occ_residues.label_asym_id 
_pdbx_unobs_or_zero_occ_residues.label_comp_id 
_pdbx_unobs_or_zero_occ_residues.label_seq_id 
1  1 Y 1 A MET -19 ? A MET 1   
2  1 Y 1 A GLY -18 ? A GLY 2   
3  1 Y 1 A SER -17 ? A SER 3   
4  1 Y 1 A SER -16 ? A SER 4   
5  1 Y 1 A HIS -15 ? A HIS 5   
6  1 Y 1 A HIS -14 ? A HIS 6   
7  1 Y 1 A HIS -13 ? A HIS 7   
8  1 Y 1 A HIS -12 ? A HIS 8   
9  1 Y 1 A HIS -11 ? A HIS 9   
10 1 Y 1 A HIS -10 ? A HIS 10  
11 1 Y 1 A SER -9  ? A SER 11  
12 1 Y 1 A SER -8  ? A SER 12  
13 1 Y 1 A GLY -7  ? A GLY 13  
14 1 Y 1 A LEU -6  ? A LEU 14  
15 1 Y 1 A VAL -5  ? A VAL 15  
16 1 Y 1 A PRO -4  ? A PRO 16  
17 1 Y 1 A ARG -3  ? A ARG 17  
18 1 Y 1 A GLY 114 ? A GLY 134 
19 1 Y 1 A ARG 115 ? A ARG 135 
20 1 Y 1 A GLN 159 ? A GLN 179 
# 
loop_
_chem_comp_atom.comp_id 
_chem_comp_atom.atom_id 
_chem_comp_atom.type_symbol 
_chem_comp_atom.pdbx_aromatic_flag 
_chem_comp_atom.pdbx_stereo_config 
_chem_comp_atom.pdbx_ordinal 
ALA N    N N N 1   
ALA CA   C N S 2   
ALA C    C N N 3   
ALA O    O N N 4   
ALA CB   C N N 5   
ALA OXT  O N N 6   
ALA H    H N N 7   
ALA H2   H N N 8   
ALA HA   H N N 9   
ALA HB1  H N N 10  
ALA HB2  H N N 11  
ALA HB3  H N N 12  
ALA HXT  H N N 13  
ARG N    N N N 14  
ARG CA   C N S 15  
ARG C    C N N 16  
ARG O    O N N 17  
ARG CB   C N N 18  
ARG CG   C N N 19  
ARG CD   C N N 20  
ARG NE   N N N 21  
ARG CZ   C N N 22  
ARG NH1  N N N 23  
ARG NH2  N N N 24  
ARG OXT  O N N 25  
ARG H    H N N 26  
ARG H2   H N N 27  
ARG HA   H N N 28  
ARG HB2  H N N 29  
ARG HB3  H N N 30  
ARG HG2  H N N 31  
ARG HG3  H N N 32  
ARG HD2  H N N 33  
ARG HD3  H N N 34  
ARG HE   H N N 35  
ARG HH11 H N N 36  
ARG HH12 H N N 37  
ARG HH21 H N N 38  
ARG HH22 H N N 39  
ARG HXT  H N N 40  
ASN N    N N N 41  
ASN CA   C N S 42  
ASN C    C N N 43  
ASN O    O N N 44  
ASN CB   C N N 45  
ASN CG   C N N 46  
ASN OD1  O N N 47  
ASN ND2  N N N 48  
ASN OXT  O N N 49  
ASN H    H N N 50  
ASN H2   H N N 51  
ASN HA   H N N 52  
ASN HB2  H N N 53  
ASN HB3  H N N 54  
ASN HD21 H N N 55  
ASN HD22 H N N 56  
ASN HXT  H N N 57  
ASP N    N N N 58  
ASP CA   C N S 59  
ASP C    C N N 60  
ASP O    O N N 61  
ASP CB   C N N 62  
ASP CG   C N N 63  
ASP OD1  O N N 64  
ASP OD2  O N N 65  
ASP OXT  O N N 66  
ASP H    H N N 67  
ASP H2   H N N 68  
ASP HA   H N N 69  
ASP HB2  H N N 70  
ASP HB3  H N N 71  
ASP HD2  H N N 72  
ASP HXT  H N N 73  
CYS N    N N N 74  
CYS CA   C N R 75  
CYS C    C N N 76  
CYS O    O N N 77  
CYS CB   C N N 78  
CYS SG   S N N 79  
CYS OXT  O N N 80  
CYS H    H N N 81  
CYS H2   H N N 82  
CYS HA   H N N 83  
CYS HB2  H N N 84  
CYS HB3  H N N 85  
CYS HG   H N N 86  
CYS HXT  H N N 87  
GLN N    N N N 88  
GLN CA   C N S 89  
GLN C    C N N 90  
GLN O    O N N 91  
GLN CB   C N N 92  
GLN CG   C N N 93  
GLN CD   C N N 94  
GLN OE1  O N N 95  
GLN NE2  N N N 96  
GLN OXT  O N N 97  
GLN H    H N N 98  
GLN H2   H N N 99  
GLN HA   H N N 100 
GLN HB2  H N N 101 
GLN HB3  H N N 102 
GLN HG2  H N N 103 
GLN HG3  H N N 104 
GLN HE21 H N N 105 
GLN HE22 H N N 106 
GLN HXT  H N N 107 
GLU N    N N N 108 
GLU CA   C N S 109 
GLU C    C N N 110 
GLU O    O N N 111 
GLU CB   C N N 112 
GLU CG   C N N 113 
GLU CD   C N N 114 
GLU OE1  O N N 115 
GLU OE2  O N N 116 
GLU OXT  O N N 117 
GLU H    H N N 118 
GLU H2   H N N 119 
GLU HA   H N N 120 
GLU HB2  H N N 121 
GLU HB3  H N N 122 
GLU HG2  H N N 123 
GLU HG3  H N N 124 
GLU HE2  H N N 125 
GLU HXT  H N N 126 
GLY N    N N N 127 
GLY CA   C N N 128 
GLY C    C N N 129 
GLY O    O N N 130 
GLY OXT  O N N 131 
GLY H    H N N 132 
GLY H2   H N N 133 
GLY HA2  H N N 134 
GLY HA3  H N N 135 
GLY HXT  H N N 136 
HIS N    N N N 137 
HIS CA   C N S 138 
HIS C    C N N 139 
HIS O    O N N 140 
HIS CB   C N N 141 
HIS CG   C Y N 142 
HIS ND1  N Y N 143 
HIS CD2  C Y N 144 
HIS CE1  C Y N 145 
HIS NE2  N Y N 146 
HIS OXT  O N N 147 
HIS H    H N N 148 
HIS H2   H N N 149 
HIS HA   H N N 150 
HIS HB2  H N N 151 
HIS HB3  H N N 152 
HIS HD1  H N N 153 
HIS HD2  H N N 154 
HIS HE1  H N N 155 
HIS HE2  H N N 156 
HIS HXT  H N N 157 
HOH O    O N N 158 
HOH H1   H N N 159 
HOH H2   H N N 160 
ILE N    N N N 161 
ILE CA   C N S 162 
ILE C    C N N 163 
ILE O    O N N 164 
ILE CB   C N S 165 
ILE CG1  C N N 166 
ILE CG2  C N N 167 
ILE CD1  C N N 168 
ILE OXT  O N N 169 
ILE H    H N N 170 
ILE H2   H N N 171 
ILE HA   H N N 172 
ILE HB   H N N 173 
ILE HG12 H N N 174 
ILE HG13 H N N 175 
ILE HG21 H N N 176 
ILE HG22 H N N 177 
ILE HG23 H N N 178 
ILE HD11 H N N 179 
ILE HD12 H N N 180 
ILE HD13 H N N 181 
ILE HXT  H N N 182 
LEU N    N N N 183 
LEU CA   C N S 184 
LEU C    C N N 185 
LEU O    O N N 186 
LEU CB   C N N 187 
LEU CG   C N N 188 
LEU CD1  C N N 189 
LEU CD2  C N N 190 
LEU OXT  O N N 191 
LEU H    H N N 192 
LEU H2   H N N 193 
LEU HA   H N N 194 
LEU HB2  H N N 195 
LEU HB3  H N N 196 
LEU HG   H N N 197 
LEU HD11 H N N 198 
LEU HD12 H N N 199 
LEU HD13 H N N 200 
LEU HD21 H N N 201 
LEU HD22 H N N 202 
LEU HD23 H N N 203 
LEU HXT  H N N 204 
LYS N    N N N 205 
LYS CA   C N S 206 
LYS C    C N N 207 
LYS O    O N N 208 
LYS CB   C N N 209 
LYS CG   C N N 210 
LYS CD   C N N 211 
LYS CE   C N N 212 
LYS NZ   N N N 213 
LYS OXT  O N N 214 
LYS H    H N N 215 
LYS H2   H N N 216 
LYS HA   H N N 217 
LYS HB2  H N N 218 
LYS HB3  H N N 219 
LYS HG2  H N N 220 
LYS HG3  H N N 221 
LYS HD2  H N N 222 
LYS HD3  H N N 223 
LYS HE2  H N N 224 
LYS HE3  H N N 225 
LYS HZ1  H N N 226 
LYS HZ2  H N N 227 
LYS HZ3  H N N 228 
LYS HXT  H N N 229 
MET N    N N N 230 
MET CA   C N S 231 
MET C    C N N 232 
MET O    O N N 233 
MET CB   C N N 234 
MET CG   C N N 235 
MET SD   S N N 236 
MET CE   C N N 237 
MET OXT  O N N 238 
MET H    H N N 239 
MET H2   H N N 240 
MET HA   H N N 241 
MET HB2  H N N 242 
MET HB3  H N N 243 
MET HG2  H N N 244 
MET HG3  H N N 245 
MET HE1  H N N 246 
MET HE2  H N N 247 
MET HE3  H N N 248 
MET HXT  H N N 249 
PHE N    N N N 250 
PHE CA   C N S 251 
PHE C    C N N 252 
PHE O    O N N 253 
PHE CB   C N N 254 
PHE CG   C Y N 255 
PHE CD1  C Y N 256 
PHE CD2  C Y N 257 
PHE CE1  C Y N 258 
PHE CE2  C Y N 259 
PHE CZ   C Y N 260 
PHE OXT  O N N 261 
PHE H    H N N 262 
PHE H2   H N N 263 
PHE HA   H N N 264 
PHE HB2  H N N 265 
PHE HB3  H N N 266 
PHE HD1  H N N 267 
PHE HD2  H N N 268 
PHE HE1  H N N 269 
PHE HE2  H N N 270 
PHE HZ   H N N 271 
PHE HXT  H N N 272 
PRO N    N N N 273 
PRO CA   C N S 274 
PRO C    C N N 275 
PRO O    O N N 276 
PRO CB   C N N 277 
PRO CG   C N N 278 
PRO CD   C N N 279 
PRO OXT  O N N 280 
PRO H    H N N 281 
PRO HA   H N N 282 
PRO HB2  H N N 283 
PRO HB3  H N N 284 
PRO HG2  H N N 285 
PRO HG3  H N N 286 
PRO HD2  H N N 287 
PRO HD3  H N N 288 
PRO HXT  H N N 289 
SER N    N N N 290 
SER CA   C N S 291 
SER C    C N N 292 
SER O    O N N 293 
SER CB   C N N 294 
SER OG   O N N 295 
SER OXT  O N N 296 
SER H    H N N 297 
SER H2   H N N 298 
SER HA   H N N 299 
SER HB2  H N N 300 
SER HB3  H N N 301 
SER HG   H N N 302 
SER HXT  H N N 303 
THR N    N N N 304 
THR CA   C N S 305 
THR C    C N N 306 
THR O    O N N 307 
THR CB   C N R 308 
THR OG1  O N N 309 
THR CG2  C N N 310 
THR OXT  O N N 311 
THR H    H N N 312 
THR H2   H N N 313 
THR HA   H N N 314 
THR HB   H N N 315 
THR HG1  H N N 316 
THR HG21 H N N 317 
THR HG22 H N N 318 
THR HG23 H N N 319 
THR HXT  H N N 320 
TRP N    N N N 321 
TRP CA   C N S 322 
TRP C    C N N 323 
TRP O    O N N 324 
TRP CB   C N N 325 
TRP CG   C Y N 326 
TRP CD1  C Y N 327 
TRP CD2  C Y N 328 
TRP NE1  N Y N 329 
TRP CE2  C Y N 330 
TRP CE3  C Y N 331 
TRP CZ2  C Y N 332 
TRP CZ3  C Y N 333 
TRP CH2  C Y N 334 
TRP OXT  O N N 335 
TRP H    H N N 336 
TRP H2   H N N 337 
TRP HA   H N N 338 
TRP HB2  H N N 339 
TRP HB3  H N N 340 
TRP HD1  H N N 341 
TRP HE1  H N N 342 
TRP HE3  H N N 343 
TRP HZ2  H N N 344 
TRP HZ3  H N N 345 
TRP HH2  H N N 346 
TRP HXT  H N N 347 
TYR N    N N N 348 
TYR CA   C N S 349 
TYR C    C N N 350 
TYR O    O N N 351 
TYR CB   C N N 352 
TYR CG   C Y N 353 
TYR CD1  C Y N 354 
TYR CD2  C Y N 355 
TYR CE1  C Y N 356 
TYR CE2  C Y N 357 
TYR CZ   C Y N 358 
TYR OH   O N N 359 
TYR OXT  O N N 360 
TYR H    H N N 361 
TYR H2   H N N 362 
TYR HA   H N N 363 
TYR HB2  H N N 364 
TYR HB3  H N N 365 
TYR HD1  H N N 366 
TYR HD2  H N N 367 
TYR HE1  H N N 368 
TYR HE2  H N N 369 
TYR HH   H N N 370 
TYR HXT  H N N 371 
VAL N    N N N 372 
VAL CA   C N S 373 
VAL C    C N N 374 
VAL O    O N N 375 
VAL CB   C N N 376 
VAL CG1  C N N 377 
VAL CG2  C N N 378 
VAL OXT  O N N 379 
VAL H    H N N 380 
VAL H2   H N N 381 
VAL HA   H N N 382 
VAL HB   H N N 383 
VAL HG11 H N N 384 
VAL HG12 H N N 385 
VAL HG13 H N N 386 
VAL HG21 H N N 387 
VAL HG22 H N N 388 
VAL HG23 H N N 389 
VAL HXT  H N N 390 
# 
loop_
_chem_comp_bond.comp_id 
_chem_comp_bond.atom_id_1 
_chem_comp_bond.atom_id_2 
_chem_comp_bond.value_order 
_chem_comp_bond.pdbx_aromatic_flag 
_chem_comp_bond.pdbx_stereo_config 
_chem_comp_bond.pdbx_ordinal 
ALA N   CA   sing N N 1   
ALA N   H    sing N N 2   
ALA N   H2   sing N N 3   
ALA CA  C    sing N N 4   
ALA CA  CB   sing N N 5   
ALA CA  HA   sing N N 6   
ALA C   O    doub N N 7   
ALA C   OXT  sing N N 8   
ALA CB  HB1  sing N N 9   
ALA CB  HB2  sing N N 10  
ALA CB  HB3  sing N N 11  
ALA OXT HXT  sing N N 12  
ARG N   CA   sing N N 13  
ARG N   H    sing N N 14  
ARG N   H2   sing N N 15  
ARG CA  C    sing N N 16  
ARG CA  CB   sing N N 17  
ARG CA  HA   sing N N 18  
ARG C   O    doub N N 19  
ARG C   OXT  sing N N 20  
ARG CB  CG   sing N N 21  
ARG CB  HB2  sing N N 22  
ARG CB  HB3  sing N N 23  
ARG CG  CD   sing N N 24  
ARG CG  HG2  sing N N 25  
ARG CG  HG3  sing N N 26  
ARG CD  NE   sing N N 27  
ARG CD  HD2  sing N N 28  
ARG CD  HD3  sing N N 29  
ARG NE  CZ   sing N N 30  
ARG NE  HE   sing N N 31  
ARG CZ  NH1  sing N N 32  
ARG CZ  NH2  doub N N 33  
ARG NH1 HH11 sing N N 34  
ARG NH1 HH12 sing N N 35  
ARG NH2 HH21 sing N N 36  
ARG NH2 HH22 sing N N 37  
ARG OXT HXT  sing N N 38  
ASN N   CA   sing N N 39  
ASN N   H    sing N N 40  
ASN N   H2   sing N N 41  
ASN CA  C    sing N N 42  
ASN CA  CB   sing N N 43  
ASN CA  HA   sing N N 44  
ASN C   O    doub N N 45  
ASN C   OXT  sing N N 46  
ASN CB  CG   sing N N 47  
ASN CB  HB2  sing N N 48  
ASN CB  HB3  sing N N 49  
ASN CG  OD1  doub N N 50  
ASN CG  ND2  sing N N 51  
ASN ND2 HD21 sing N N 52  
ASN ND2 HD22 sing N N 53  
ASN OXT HXT  sing N N 54  
ASP N   CA   sing N N 55  
ASP N   H    sing N N 56  
ASP N   H2   sing N N 57  
ASP CA  C    sing N N 58  
ASP CA  CB   sing N N 59  
ASP CA  HA   sing N N 60  
ASP C   O    doub N N 61  
ASP C   OXT  sing N N 62  
ASP CB  CG   sing N N 63  
ASP CB  HB2  sing N N 64  
ASP CB  HB3  sing N N 65  
ASP CG  OD1  doub N N 66  
ASP CG  OD2  sing N N 67  
ASP OD2 HD2  sing N N 68  
ASP OXT HXT  sing N N 69  
CYS N   CA   sing N N 70  
CYS N   H    sing N N 71  
CYS N   H2   sing N N 72  
CYS CA  C    sing N N 73  
CYS CA  CB   sing N N 74  
CYS CA  HA   sing N N 75  
CYS C   O    doub N N 76  
CYS C   OXT  sing N N 77  
CYS CB  SG   sing N N 78  
CYS CB  HB2  sing N N 79  
CYS CB  HB3  sing N N 80  
CYS SG  HG   sing N N 81  
CYS OXT HXT  sing N N 82  
GLN N   CA   sing N N 83  
GLN N   H    sing N N 84  
GLN N   H2   sing N N 85  
GLN CA  C    sing N N 86  
GLN CA  CB   sing N N 87  
GLN CA  HA   sing N N 88  
GLN C   O    doub N N 89  
GLN C   OXT  sing N N 90  
GLN CB  CG   sing N N 91  
GLN CB  HB2  sing N N 92  
GLN CB  HB3  sing N N 93  
GLN CG  CD   sing N N 94  
GLN CG  HG2  sing N N 95  
GLN CG  HG3  sing N N 96  
GLN CD  OE1  doub N N 97  
GLN CD  NE2  sing N N 98  
GLN NE2 HE21 sing N N 99  
GLN NE2 HE22 sing N N 100 
GLN OXT HXT  sing N N 101 
GLU N   CA   sing N N 102 
GLU N   H    sing N N 103 
GLU N   H2   sing N N 104 
GLU CA  C    sing N N 105 
GLU CA  CB   sing N N 106 
GLU CA  HA   sing N N 107 
GLU C   O    doub N N 108 
GLU C   OXT  sing N N 109 
GLU CB  CG   sing N N 110 
GLU CB  HB2  sing N N 111 
GLU CB  HB3  sing N N 112 
GLU CG  CD   sing N N 113 
GLU CG  HG2  sing N N 114 
GLU CG  HG3  sing N N 115 
GLU CD  OE1  doub N N 116 
GLU CD  OE2  sing N N 117 
GLU OE2 HE2  sing N N 118 
GLU OXT HXT  sing N N 119 
GLY N   CA   sing N N 120 
GLY N   H    sing N N 121 
GLY N   H2   sing N N 122 
GLY CA  C    sing N N 123 
GLY CA  HA2  sing N N 124 
GLY CA  HA3  sing N N 125 
GLY C   O    doub N N 126 
GLY C   OXT  sing N N 127 
GLY OXT HXT  sing N N 128 
HIS N   CA   sing N N 129 
HIS N   H    sing N N 130 
HIS N   H2   sing N N 131 
HIS CA  C    sing N N 132 
HIS CA  CB   sing N N 133 
HIS CA  HA   sing N N 134 
HIS C   O    doub N N 135 
HIS C   OXT  sing N N 136 
HIS CB  CG   sing N N 137 
HIS CB  HB2  sing N N 138 
HIS CB  HB3  sing N N 139 
HIS CG  ND1  sing Y N 140 
HIS CG  CD2  doub Y N 141 
HIS ND1 CE1  doub Y N 142 
HIS ND1 HD1  sing N N 143 
HIS CD2 NE2  sing Y N 144 
HIS CD2 HD2  sing N N 145 
HIS CE1 NE2  sing Y N 146 
HIS CE1 HE1  sing N N 147 
HIS NE2 HE2  sing N N 148 
HIS OXT HXT  sing N N 149 
HOH O   H1   sing N N 150 
HOH O   H2   sing N N 151 
ILE N   CA   sing N N 152 
ILE N   H    sing N N 153 
ILE N   H2   sing N N 154 
ILE CA  C    sing N N 155 
ILE CA  CB   sing N N 156 
ILE CA  HA   sing N N 157 
ILE C   O    doub N N 158 
ILE C   OXT  sing N N 159 
ILE CB  CG1  sing N N 160 
ILE CB  CG2  sing N N 161 
ILE CB  HB   sing N N 162 
ILE CG1 CD1  sing N N 163 
ILE CG1 HG12 sing N N 164 
ILE CG1 HG13 sing N N 165 
ILE CG2 HG21 sing N N 166 
ILE CG2 HG22 sing N N 167 
ILE CG2 HG23 sing N N 168 
ILE CD1 HD11 sing N N 169 
ILE CD1 HD12 sing N N 170 
ILE CD1 HD13 sing N N 171 
ILE OXT HXT  sing N N 172 
LEU N   CA   sing N N 173 
LEU N   H    sing N N 174 
LEU N   H2   sing N N 175 
LEU CA  C    sing N N 176 
LEU CA  CB   sing N N 177 
LEU CA  HA   sing N N 178 
LEU C   O    doub N N 179 
LEU C   OXT  sing N N 180 
LEU CB  CG   sing N N 181 
LEU CB  HB2  sing N N 182 
LEU CB  HB3  sing N N 183 
LEU CG  CD1  sing N N 184 
LEU CG  CD2  sing N N 185 
LEU CG  HG   sing N N 186 
LEU CD1 HD11 sing N N 187 
LEU CD1 HD12 sing N N 188 
LEU CD1 HD13 sing N N 189 
LEU CD2 HD21 sing N N 190 
LEU CD2 HD22 sing N N 191 
LEU CD2 HD23 sing N N 192 
LEU OXT HXT  sing N N 193 
LYS N   CA   sing N N 194 
LYS N   H    sing N N 195 
LYS N   H2   sing N N 196 
LYS CA  C    sing N N 197 
LYS CA  CB   sing N N 198 
LYS CA  HA   sing N N 199 
LYS C   O    doub N N 200 
LYS C   OXT  sing N N 201 
LYS CB  CG   sing N N 202 
LYS CB  HB2  sing N N 203 
LYS CB  HB3  sing N N 204 
LYS CG  CD   sing N N 205 
LYS CG  HG2  sing N N 206 
LYS CG  HG3  sing N N 207 
LYS CD  CE   sing N N 208 
LYS CD  HD2  sing N N 209 
LYS CD  HD3  sing N N 210 
LYS CE  NZ   sing N N 211 
LYS CE  HE2  sing N N 212 
LYS CE  HE3  sing N N 213 
LYS NZ  HZ1  sing N N 214 
LYS NZ  HZ2  sing N N 215 
LYS NZ  HZ3  sing N N 216 
LYS OXT HXT  sing N N 217 
MET N   CA   sing N N 218 
MET N   H    sing N N 219 
MET N   H2   sing N N 220 
MET CA  C    sing N N 221 
MET CA  CB   sing N N 222 
MET CA  HA   sing N N 223 
MET C   O    doub N N 224 
MET C   OXT  sing N N 225 
MET CB  CG   sing N N 226 
MET CB  HB2  sing N N 227 
MET CB  HB3  sing N N 228 
MET CG  SD   sing N N 229 
MET CG  HG2  sing N N 230 
MET CG  HG3  sing N N 231 
MET SD  CE   sing N N 232 
MET CE  HE1  sing N N 233 
MET CE  HE2  sing N N 234 
MET CE  HE3  sing N N 235 
MET OXT HXT  sing N N 236 
PHE N   CA   sing N N 237 
PHE N   H    sing N N 238 
PHE N   H2   sing N N 239 
PHE CA  C    sing N N 240 
PHE CA  CB   sing N N 241 
PHE CA  HA   sing N N 242 
PHE C   O    doub N N 243 
PHE C   OXT  sing N N 244 
PHE CB  CG   sing N N 245 
PHE CB  HB2  sing N N 246 
PHE CB  HB3  sing N N 247 
PHE CG  CD1  doub Y N 248 
PHE CG  CD2  sing Y N 249 
PHE CD1 CE1  sing Y N 250 
PHE CD1 HD1  sing N N 251 
PHE CD2 CE2  doub Y N 252 
PHE CD2 HD2  sing N N 253 
PHE CE1 CZ   doub Y N 254 
PHE CE1 HE1  sing N N 255 
PHE CE2 CZ   sing Y N 256 
PHE CE2 HE2  sing N N 257 
PHE CZ  HZ   sing N N 258 
PHE OXT HXT  sing N N 259 
PRO N   CA   sing N N 260 
PRO N   CD   sing N N 261 
PRO N   H    sing N N 262 
PRO CA  C    sing N N 263 
PRO CA  CB   sing N N 264 
PRO CA  HA   sing N N 265 
PRO C   O    doub N N 266 
PRO C   OXT  sing N N 267 
PRO CB  CG   sing N N 268 
PRO CB  HB2  sing N N 269 
PRO CB  HB3  sing N N 270 
PRO CG  CD   sing N N 271 
PRO CG  HG2  sing N N 272 
PRO CG  HG3  sing N N 273 
PRO CD  HD2  sing N N 274 
PRO CD  HD3  sing N N 275 
PRO OXT HXT  sing N N 276 
SER N   CA   sing N N 277 
SER N   H    sing N N 278 
SER N   H2   sing N N 279 
SER CA  C    sing N N 280 
SER CA  CB   sing N N 281 
SER CA  HA   sing N N 282 
SER C   O    doub N N 283 
SER C   OXT  sing N N 284 
SER CB  OG   sing N N 285 
SER CB  HB2  sing N N 286 
SER CB  HB3  sing N N 287 
SER OG  HG   sing N N 288 
SER OXT HXT  sing N N 289 
THR N   CA   sing N N 290 
THR N   H    sing N N 291 
THR N   H2   sing N N 292 
THR CA  C    sing N N 293 
THR CA  CB   sing N N 294 
THR CA  HA   sing N N 295 
THR C   O    doub N N 296 
THR C   OXT  sing N N 297 
THR CB  OG1  sing N N 298 
THR CB  CG2  sing N N 299 
THR CB  HB   sing N N 300 
THR OG1 HG1  sing N N 301 
THR CG2 HG21 sing N N 302 
THR CG2 HG22 sing N N 303 
THR CG2 HG23 sing N N 304 
THR OXT HXT  sing N N 305 
TRP N   CA   sing N N 306 
TRP N   H    sing N N 307 
TRP N   H2   sing N N 308 
TRP CA  C    sing N N 309 
TRP CA  CB   sing N N 310 
TRP CA  HA   sing N N 311 
TRP C   O    doub N N 312 
TRP C   OXT  sing N N 313 
TRP CB  CG   sing N N 314 
TRP CB  HB2  sing N N 315 
TRP CB  HB3  sing N N 316 
TRP CG  CD1  doub Y N 317 
TRP CG  CD2  sing Y N 318 
TRP CD1 NE1  sing Y N 319 
TRP CD1 HD1  sing N N 320 
TRP CD2 CE2  doub Y N 321 
TRP CD2 CE3  sing Y N 322 
TRP NE1 CE2  sing Y N 323 
TRP NE1 HE1  sing N N 324 
TRP CE2 CZ2  sing Y N 325 
TRP CE3 CZ3  doub Y N 326 
TRP CE3 HE3  sing N N 327 
TRP CZ2 CH2  doub Y N 328 
TRP CZ2 HZ2  sing N N 329 
TRP CZ3 CH2  sing Y N 330 
TRP CZ3 HZ3  sing N N 331 
TRP CH2 HH2  sing N N 332 
TRP OXT HXT  sing N N 333 
TYR N   CA   sing N N 334 
TYR N   H    sing N N 335 
TYR N   H2   sing N N 336 
TYR CA  C    sing N N 337 
TYR CA  CB   sing N N 338 
TYR CA  HA   sing N N 339 
TYR C   O    doub N N 340 
TYR C   OXT  sing N N 341 
TYR CB  CG   sing N N 342 
TYR CB  HB2  sing N N 343 
TYR CB  HB3  sing N N 344 
TYR CG  CD1  doub Y N 345 
TYR CG  CD2  sing Y N 346 
TYR CD1 CE1  sing Y N 347 
TYR CD1 HD1  sing N N 348 
TYR CD2 CE2  doub Y N 349 
TYR CD2 HD2  sing N N 350 
TYR CE1 CZ   doub Y N 351 
TYR CE1 HE1  sing N N 352 
TYR CE2 CZ   sing Y N 353 
TYR CE2 HE2  sing N N 354 
TYR CZ  OH   sing N N 355 
TYR OH  HH   sing N N 356 
TYR OXT HXT  sing N N 357 
VAL N   CA   sing N N 358 
VAL N   H    sing N N 359 
VAL N   H2   sing N N 360 
VAL CA  C    sing N N 361 
VAL CA  CB   sing N N 362 
VAL CA  HA   sing N N 363 
VAL C   O    doub N N 364 
VAL C   OXT  sing N N 365 
VAL CB  CG1  sing N N 366 
VAL CB  CG2  sing N N 367 
VAL CB  HB   sing N N 368 
VAL CG1 HG11 sing N N 369 
VAL CG1 HG12 sing N N 370 
VAL CG1 HG13 sing N N 371 
VAL CG2 HG21 sing N N 372 
VAL CG2 HG22 sing N N 373 
VAL CG2 HG23 sing N N 374 
VAL OXT HXT  sing N N 375 
# 
_pdbx_entity_nonpoly.entity_id   2 
_pdbx_entity_nonpoly.name        water 
_pdbx_entity_nonpoly.comp_id     HOH 
# 
_pdbx_initial_refinement_model.id               1 
_pdbx_initial_refinement_model.entity_id_list   ? 
_pdbx_initial_refinement_model.type             'experimental model' 
_pdbx_initial_refinement_model.source_name      PDB 
_pdbx_initial_refinement_model.accession_code   1E2Y 
_pdbx_initial_refinement_model.details          'PDB entry 1E2Y' 
# 
